data_8ENE
#
_entry.id   8ENE
#
_cell.length_a   1.00
_cell.length_b   1.00
_cell.length_c   1.00
_cell.angle_alpha   90.00
_cell.angle_beta   90.00
_cell.angle_gamma   90.00
#
_symmetry.space_group_name_H-M   'P 1'
#
loop_
_entity.id
_entity.type
_entity.pdbx_description
1 polymer 'Retinal dehydrogenase 1'
2 non-polymer NICOTINAMIDE-ADENINE-DINUCLEOTIDE
#
_entity_poly.entity_id   1
_entity_poly.type   'polypeptide(L)'
_entity_poly.pdbx_seq_one_letter_code
;MSSSGTPDLPVLLTDLKIQYTKIFINNEWHDSVSGKKFPVFNPATEEELCQVEEGDKEDVDKAVKAARQAFQIGSPWRTM
DASERGRLLYKLADLIERDRLLLATMESMNGGKLYSNAYLNDLAGCIKTLRYCAGWADKIQGRTIPIDGNFFTYTRHEPI
GVCGQIIPWNFPLVMLIWKIGPALSCGNTVVVKPAEQTPLTALHVASLIKEAGFPPGVVNIVPGYGPTAGAAISSHMDID
KVAFTGSTEVGKLIKEAAGKSNLKRVTLELGGKSPCIVLADADLDNAVEFAHHGVFYHQGQCCIAASRIFVEESIYDEFV
RRSVERAKKYILGNPLTPGVTQGPQIDKEQYDKILDLIESGKKEGAKLECGGGPWGNKGYFVQPTVFSNVTDEMRIAKEE
IFGPVQQIMKFKSLDDVIKRANNTFYGLSAGVFTKDIDKAITISSALQAGTVWVNCYGVVSAQCPFGGFKMSGNGRELGE
YGFHEYTEVKTVTVKISQKNS
;
_entity_poly.pdbx_strand_id   A,B,C,D
#
loop_
_chem_comp.id
_chem_comp.type
_chem_comp.name
_chem_comp.formula
NAD non-polymer NICOTINAMIDE-ADENINE-DINUCLEOTIDE 'C21 H27 N7 O14 P2'
#
# COMPACT_ATOMS: atom_id res chain seq x y z
N LEU A 9 -7.79 -38.97 6.42
CA LEU A 9 -6.90 -39.79 5.60
C LEU A 9 -7.36 -39.77 4.14
N PRO A 10 -6.42 -39.98 3.22
CA PRO A 10 -6.78 -40.03 1.81
C PRO A 10 -7.78 -41.15 1.54
N VAL A 11 -8.71 -40.88 0.65
CA VAL A 11 -9.75 -41.84 0.28
C VAL A 11 -9.19 -42.77 -0.79
N LEU A 12 -9.68 -44.01 -0.80
CA LEU A 12 -9.19 -45.01 -1.74
C LEU A 12 -9.43 -44.59 -3.18
N LEU A 13 -8.42 -44.74 -4.01
CA LEU A 13 -8.54 -44.41 -5.42
C LEU A 13 -9.42 -45.43 -6.14
N THR A 14 -10.00 -45.01 -7.26
CA THR A 14 -10.94 -45.81 -8.03
C THR A 14 -10.41 -45.99 -9.45
N ASP A 15 -11.26 -46.59 -10.29
CA ASP A 15 -10.91 -46.76 -11.70
C ASP A 15 -10.81 -45.42 -12.40
N LEU A 16 -9.82 -45.29 -13.28
CA LEU A 16 -9.59 -44.06 -14.01
C LEU A 16 -10.01 -44.22 -15.46
N LYS A 17 -10.93 -43.37 -15.90
CA LYS A 17 -11.34 -43.28 -17.29
C LYS A 17 -11.09 -41.86 -17.76
N ILE A 18 -10.32 -41.73 -18.84
CA ILE A 18 -9.90 -40.43 -19.36
C ILE A 18 -10.69 -40.14 -20.62
N GLN A 19 -11.48 -39.07 -20.59
CA GLN A 19 -12.27 -38.66 -21.74
C GLN A 19 -11.78 -37.39 -22.41
N TYR A 20 -11.03 -36.54 -21.70
CA TYR A 20 -10.61 -35.25 -22.22
C TYR A 20 -9.19 -35.37 -22.75
N THR A 21 -9.06 -35.42 -24.08
CA THR A 21 -7.76 -35.57 -24.72
C THR A 21 -7.62 -34.67 -25.96
N LYS A 22 -8.39 -33.59 -26.04
CA LYS A 22 -8.42 -32.74 -27.22
C LYS A 22 -7.92 -31.33 -26.87
N ILE A 23 -8.06 -30.43 -27.83
CA ILE A 23 -7.67 -29.04 -27.66
C ILE A 23 -8.88 -28.24 -27.23
N PHE A 24 -8.74 -27.47 -26.16
CA PHE A 24 -9.84 -26.76 -25.51
C PHE A 24 -9.80 -25.30 -25.96
N ILE A 25 -10.69 -24.93 -26.87
CA ILE A 25 -10.75 -23.59 -27.43
C ILE A 25 -12.20 -23.13 -27.43
N ASN A 26 -12.46 -21.94 -26.88
CA ASN A 26 -13.79 -21.33 -26.87
C ASN A 26 -14.80 -22.25 -26.18
N ASN A 27 -14.38 -22.83 -25.05
CA ASN A 27 -15.22 -23.75 -24.29
C ASN A 27 -15.73 -24.89 -25.15
N GLU A 28 -14.88 -25.34 -26.08
CA GLU A 28 -15.20 -26.43 -26.99
C GLU A 28 -13.99 -27.33 -27.12
N TRP A 29 -14.21 -28.54 -27.64
CA TRP A 29 -13.15 -29.52 -27.83
C TRP A 29 -12.92 -29.71 -29.32
N HIS A 30 -11.73 -29.33 -29.79
CA HIS A 30 -11.38 -29.40 -31.20
C HIS A 30 -10.25 -30.40 -31.40
N ASP A 31 -10.34 -31.15 -32.51
CA ASP A 31 -9.19 -31.92 -32.96
C ASP A 31 -8.14 -30.98 -33.53
N SER A 32 -6.90 -31.46 -33.55
CA SER A 32 -5.81 -30.67 -34.10
C SER A 32 -5.99 -30.49 -35.60
N VAL A 33 -5.47 -29.37 -36.11
CA VAL A 33 -5.59 -29.09 -37.53
C VAL A 33 -4.88 -30.14 -38.36
N SER A 34 -3.65 -30.51 -37.95
CA SER A 34 -2.92 -31.55 -38.67
C SER A 34 -3.62 -32.90 -38.56
N GLY A 35 -4.15 -33.22 -37.37
CA GLY A 35 -4.78 -34.50 -37.14
C GLY A 35 -3.92 -35.51 -36.41
N LYS A 36 -2.74 -35.13 -35.96
CA LYS A 36 -1.83 -36.05 -35.28
C LYS A 36 -2.09 -36.06 -33.79
N LYS A 37 -1.91 -37.22 -33.18
CA LYS A 37 -2.11 -37.41 -31.75
C LYS A 37 -0.88 -38.08 -31.16
N PHE A 38 -0.36 -37.52 -30.07
CA PHE A 38 0.78 -38.19 -29.47
C PHE A 38 0.36 -38.92 -28.20
N PRO A 39 0.95 -40.08 -27.91
CA PRO A 39 0.56 -40.83 -26.71
C PRO A 39 1.15 -40.22 -25.45
N VAL A 40 0.60 -40.64 -24.31
CA VAL A 40 1.12 -40.27 -23.00
C VAL A 40 1.31 -41.54 -22.20
N PHE A 41 2.40 -41.61 -21.44
CA PHE A 41 2.82 -42.84 -20.79
C PHE A 41 2.70 -42.73 -19.27
N ASN A 42 2.68 -43.90 -18.63
CA ASN A 42 2.65 -44.00 -17.18
C ASN A 42 4.05 -44.35 -16.68
N PRO A 43 4.71 -43.46 -15.92
CA PRO A 43 6.09 -43.76 -15.49
C PRO A 43 6.22 -45.01 -14.65
N ALA A 44 5.22 -45.33 -13.84
CA ALA A 44 5.33 -46.46 -12.92
C ALA A 44 5.45 -47.78 -13.66
N THR A 45 4.67 -47.96 -14.74
CA THR A 45 4.62 -49.23 -15.44
C THR A 45 5.03 -49.14 -16.91
N GLU A 46 5.33 -47.95 -17.42
CA GLU A 46 5.67 -47.75 -18.83
C GLU A 46 4.55 -48.28 -19.73
N GLU A 47 3.39 -47.67 -19.59
CA GLU A 47 2.21 -47.99 -20.38
C GLU A 47 1.59 -46.72 -20.91
N GLU A 48 1.06 -46.80 -22.13
CA GLU A 48 0.37 -45.65 -22.71
C GLU A 48 -0.94 -45.42 -21.98
N LEU A 49 -1.16 -44.18 -21.53
CA LEU A 49 -2.45 -43.83 -20.93
C LEU A 49 -3.49 -43.60 -22.01
N CYS A 50 -3.25 -42.66 -22.90
CA CYS A 50 -4.15 -42.37 -24.02
C CYS A 50 -3.40 -41.47 -25.00
N GLN A 51 -4.06 -41.18 -26.12
CA GLN A 51 -3.53 -40.28 -27.14
C GLN A 51 -4.14 -38.90 -26.95
N VAL A 52 -3.30 -37.88 -27.02
CA VAL A 52 -3.72 -36.49 -26.84
C VAL A 52 -3.45 -35.73 -28.13
N GLU A 53 -4.40 -34.89 -28.52
CA GLU A 53 -4.27 -34.12 -29.75
C GLU A 53 -3.01 -33.25 -29.71
N GLU A 54 -2.33 -33.15 -30.84
CA GLU A 54 -1.04 -32.50 -30.95
C GLU A 54 -1.22 -31.10 -31.51
N GLY A 55 -1.04 -30.09 -30.68
CA GLY A 55 -1.21 -28.71 -31.09
C GLY A 55 0.03 -28.17 -31.80
N ASP A 56 -0.21 -27.28 -32.75
CA ASP A 56 0.87 -26.65 -33.51
C ASP A 56 0.48 -25.18 -33.76
N LYS A 57 1.15 -24.55 -34.71
CA LYS A 57 1.03 -23.11 -34.90
C LYS A 57 -0.39 -22.69 -35.22
N GLU A 58 -1.09 -23.47 -36.06
CA GLU A 58 -2.46 -23.10 -36.43
C GLU A 58 -3.38 -23.14 -35.21
N ASP A 59 -3.26 -24.17 -34.37
CA ASP A 59 -4.08 -24.26 -33.17
C ASP A 59 -3.82 -23.10 -32.23
N VAL A 60 -2.54 -22.77 -32.03
CA VAL A 60 -2.19 -21.62 -31.19
C VAL A 60 -2.77 -20.34 -31.78
N ASP A 61 -2.71 -20.20 -33.10
CA ASP A 61 -3.23 -18.98 -33.73
C ASP A 61 -4.72 -18.83 -33.51
N LYS A 62 -5.48 -19.92 -33.69
CA LYS A 62 -6.92 -19.82 -33.51
C LYS A 62 -7.28 -19.63 -32.03
N ALA A 63 -6.51 -20.23 -31.12
CA ALA A 63 -6.75 -19.99 -29.70
C ALA A 63 -6.49 -18.53 -29.33
N VAL A 64 -5.44 -17.94 -29.90
CA VAL A 64 -5.15 -16.53 -29.63
C VAL A 64 -6.23 -15.65 -30.23
N LYS A 65 -6.76 -16.02 -31.39
CA LYS A 65 -7.90 -15.28 -31.95
C LYS A 65 -9.10 -15.33 -31.01
N ALA A 66 -9.41 -16.51 -30.48
CA ALA A 66 -10.54 -16.65 -29.57
C ALA A 66 -10.33 -15.81 -28.31
N ALA A 67 -9.13 -15.87 -27.74
CA ALA A 67 -8.85 -15.09 -26.52
C ALA A 67 -8.93 -13.60 -26.79
N ARG A 68 -8.38 -13.15 -27.92
CA ARG A 68 -8.41 -11.73 -28.25
C ARG A 68 -9.85 -11.26 -28.44
N GLN A 69 -10.69 -12.07 -29.08
CA GLN A 69 -12.10 -11.72 -29.20
C GLN A 69 -12.76 -11.64 -27.83
N ALA A 70 -12.43 -12.58 -26.94
CA ALA A 70 -13.00 -12.55 -25.60
C ALA A 70 -12.52 -11.36 -24.78
N PHE A 71 -11.38 -10.77 -25.13
CA PHE A 71 -10.83 -9.64 -24.38
C PHE A 71 -11.30 -8.29 -24.91
N GLN A 72 -12.16 -8.26 -25.93
CA GLN A 72 -12.57 -7.00 -26.54
C GLN A 72 -13.37 -6.14 -25.58
N ILE A 73 -13.29 -4.82 -25.76
CA ILE A 73 -14.05 -3.89 -24.94
C ILE A 73 -15.54 -4.13 -25.15
N GLY A 74 -16.29 -4.21 -24.06
CA GLY A 74 -17.70 -4.49 -24.12
C GLY A 74 -18.06 -5.96 -24.10
N SER A 75 -17.09 -6.85 -24.13
CA SER A 75 -17.35 -8.27 -24.07
C SER A 75 -17.82 -8.64 -22.67
N PRO A 76 -18.49 -9.80 -22.52
CA PRO A 76 -18.97 -10.20 -21.19
C PRO A 76 -17.88 -10.29 -20.13
N TRP A 77 -16.67 -10.71 -20.51
CA TRP A 77 -15.61 -10.83 -19.52
C TRP A 77 -15.05 -9.48 -19.11
N ARG A 78 -15.13 -8.48 -19.99
CA ARG A 78 -14.56 -7.17 -19.67
C ARG A 78 -15.52 -6.31 -18.86
N THR A 79 -16.82 -6.40 -19.11
CA THR A 79 -17.79 -5.64 -18.34
C THR A 79 -18.16 -6.33 -17.04
N MET A 80 -17.76 -7.58 -16.86
CA MET A 80 -18.08 -8.33 -15.65
C MET A 80 -17.43 -7.69 -14.44
N ASP A 81 -18.14 -7.72 -13.31
CA ASP A 81 -17.63 -7.16 -12.07
C ASP A 81 -16.46 -7.99 -11.55
N ALA A 82 -15.54 -7.31 -10.86
CA ALA A 82 -14.41 -8.02 -10.27
C ALA A 82 -14.86 -9.03 -9.23
N SER A 83 -15.84 -8.64 -8.40
CA SER A 83 -16.40 -9.58 -7.44
C SER A 83 -16.98 -10.81 -8.14
N GLU A 84 -17.53 -10.62 -9.34
CA GLU A 84 -18.03 -11.77 -10.09
C GLU A 84 -16.88 -12.66 -10.57
N ARG A 85 -15.74 -12.07 -10.93
CA ARG A 85 -14.57 -12.88 -11.27
C ARG A 85 -14.11 -13.69 -10.08
N GLY A 86 -14.07 -13.07 -8.89
CA GLY A 86 -13.75 -13.83 -7.69
C GLY A 86 -14.74 -14.93 -7.43
N ARG A 87 -16.03 -14.65 -7.67
CA ARG A 87 -17.06 -15.67 -7.48
C ARG A 87 -16.85 -16.84 -8.42
N LEU A 88 -16.51 -16.57 -9.67
CA LEU A 88 -16.25 -17.63 -10.63
C LEU A 88 -15.03 -18.45 -10.21
N LEU A 89 -13.99 -17.80 -9.71
CA LEU A 89 -12.82 -18.53 -9.26
C LEU A 89 -13.16 -19.41 -8.05
N TYR A 90 -13.97 -18.90 -7.13
CA TYR A 90 -14.40 -19.71 -5.99
C TYR A 90 -15.22 -20.92 -6.45
N LYS A 91 -16.11 -20.71 -7.43
CA LYS A 91 -16.89 -21.83 -7.93
C LYS A 91 -15.99 -22.87 -8.58
N LEU A 92 -14.96 -22.42 -9.31
CA LEU A 92 -14.00 -23.36 -9.88
C LEU A 92 -13.29 -24.14 -8.80
N ALA A 93 -12.89 -23.46 -7.72
CA ALA A 93 -12.21 -24.14 -6.62
C ALA A 93 -13.12 -25.17 -5.97
N ASP A 94 -14.40 -24.84 -5.79
CA ASP A 94 -15.35 -25.78 -5.22
C ASP A 94 -15.53 -26.99 -6.14
N LEU A 95 -15.62 -26.75 -7.45
CA LEU A 95 -15.73 -27.85 -8.40
C LEU A 95 -14.51 -28.75 -8.35
N ILE A 96 -13.32 -28.16 -8.21
CA ILE A 96 -12.10 -28.94 -8.08
C ILE A 96 -12.15 -29.78 -6.81
N GLU A 97 -12.57 -29.18 -5.70
CA GLU A 97 -12.65 -29.93 -4.45
C GLU A 97 -13.66 -31.06 -4.55
N ARG A 98 -14.70 -30.89 -5.38
CA ARG A 98 -15.65 -31.99 -5.58
C ARG A 98 -14.98 -33.18 -6.24
N ASP A 99 -14.09 -32.92 -7.21
CA ASP A 99 -13.41 -33.98 -7.95
C ASP A 99 -11.96 -34.16 -7.47
N ARG A 100 -11.74 -34.05 -6.17
CA ARG A 100 -10.39 -34.17 -5.62
C ARG A 100 -9.81 -35.55 -5.88
N LEU A 101 -10.62 -36.59 -5.72
CA LEU A 101 -10.12 -37.96 -5.87
C LEU A 101 -9.67 -38.23 -7.30
N LEU A 102 -10.52 -37.90 -8.28
CA LEU A 102 -10.18 -38.21 -9.66
C LEU A 102 -8.95 -37.42 -10.10
N LEU A 103 -8.88 -36.14 -9.73
CA LEU A 103 -7.73 -35.33 -10.11
C LEU A 103 -6.45 -35.84 -9.44
N ALA A 104 -6.54 -36.22 -8.16
CA ALA A 104 -5.36 -36.74 -7.48
C ALA A 104 -4.89 -38.04 -8.12
N THR A 105 -5.82 -38.92 -8.47
CA THR A 105 -5.44 -40.19 -9.10
C THR A 105 -4.84 -39.95 -10.48
N MET A 106 -5.40 -39.03 -11.25
CA MET A 106 -4.85 -38.72 -12.57
C MET A 106 -3.46 -38.13 -12.45
N GLU A 107 -3.25 -37.25 -11.47
CA GLU A 107 -1.91 -36.70 -11.23
C GLU A 107 -0.94 -37.80 -10.86
N SER A 108 -1.35 -38.73 -9.99
CA SER A 108 -0.47 -39.82 -9.59
C SER A 108 -0.09 -40.69 -10.78
N MET A 109 -1.07 -41.05 -11.61
CA MET A 109 -0.79 -41.91 -12.75
C MET A 109 0.10 -41.21 -13.77
N ASN A 110 -0.28 -39.99 -14.16
CA ASN A 110 0.44 -39.32 -15.24
C ASN A 110 1.84 -38.88 -14.80
N GLY A 111 1.94 -38.23 -13.65
CA GLY A 111 3.22 -37.70 -13.20
C GLY A 111 4.06 -38.64 -12.38
N GLY A 112 3.57 -39.83 -12.08
CA GLY A 112 4.32 -40.78 -11.27
C GLY A 112 4.61 -40.25 -9.88
N LYS A 113 3.60 -39.68 -9.24
CA LYS A 113 3.75 -39.05 -7.94
C LYS A 113 2.93 -39.81 -6.90
N LEU A 114 3.43 -39.81 -5.66
CA LEU A 114 2.77 -40.53 -4.58
C LEU A 114 1.34 -40.04 -4.40
N TYR A 115 0.41 -41.00 -4.25
CA TYR A 115 -1.01 -40.64 -4.14
C TYR A 115 -1.28 -39.81 -2.89
N SER A 116 -0.64 -40.15 -1.77
CA SER A 116 -0.84 -39.38 -0.56
C SER A 116 -0.35 -37.94 -0.73
N ASN A 117 0.79 -37.76 -1.40
CA ASN A 117 1.27 -36.41 -1.66
C ASN A 117 0.44 -35.73 -2.73
N ALA A 118 -0.05 -36.48 -3.70
CA ALA A 118 -0.91 -35.89 -4.73
C ALA A 118 -2.22 -35.41 -4.14
N TYR A 119 -2.68 -36.03 -3.05
CA TYR A 119 -3.96 -35.68 -2.44
C TYR A 119 -3.82 -34.62 -1.36
N LEU A 120 -2.88 -34.81 -0.43
CA LEU A 120 -2.75 -33.93 0.73
C LEU A 120 -1.82 -32.74 0.48
N ASN A 121 -1.14 -32.68 -0.64
CA ASN A 121 -0.23 -31.57 -0.88
C ASN A 121 -0.50 -30.84 -2.19
N ASP A 122 -0.93 -31.54 -3.23
CA ASP A 122 -1.14 -30.89 -4.52
C ASP A 122 -2.54 -30.29 -4.61
N LEU A 123 -3.57 -31.10 -4.38
CA LEU A 123 -4.94 -30.60 -4.49
C LEU A 123 -5.21 -29.53 -3.46
N ALA A 124 -4.72 -29.71 -2.24
CA ALA A 124 -4.91 -28.69 -1.20
C ALA A 124 -4.25 -27.38 -1.61
N GLY A 125 -3.03 -27.45 -2.14
CA GLY A 125 -2.36 -26.24 -2.58
C GLY A 125 -3.09 -25.56 -3.72
N CYS A 126 -3.59 -26.34 -4.67
CA CYS A 126 -4.36 -25.77 -5.78
C CYS A 126 -5.61 -25.06 -5.27
N ILE A 127 -6.34 -25.70 -4.37
CA ILE A 127 -7.56 -25.11 -3.84
C ILE A 127 -7.24 -23.81 -3.08
N LYS A 128 -6.21 -23.85 -2.25
CA LYS A 128 -5.85 -22.68 -1.47
C LYS A 128 -5.42 -21.52 -2.37
N THR A 129 -4.62 -21.82 -3.39
CA THR A 129 -4.17 -20.77 -4.30
C THR A 129 -5.34 -20.18 -5.08
N LEU A 130 -6.25 -21.04 -5.54
CA LEU A 130 -7.42 -20.54 -6.26
C LEU A 130 -8.26 -19.63 -5.38
N ARG A 131 -8.49 -20.03 -4.13
CA ARG A 131 -9.30 -19.21 -3.24
C ARG A 131 -8.58 -17.91 -2.88
N TYR A 132 -7.26 -17.95 -2.71
CA TYR A 132 -6.50 -16.74 -2.46
C TYR A 132 -6.61 -15.77 -3.63
N CYS A 133 -6.46 -16.27 -4.86
CA CYS A 133 -6.59 -15.41 -6.03
C CYS A 133 -8.00 -14.86 -6.16
N ALA A 134 -9.00 -15.70 -5.87
CA ALA A 134 -10.39 -15.24 -5.90
C ALA A 134 -10.62 -14.13 -4.89
N GLY A 135 -10.01 -14.23 -3.71
CA GLY A 135 -10.08 -13.13 -2.76
C GLY A 135 -9.41 -11.87 -3.28
N TRP A 136 -8.24 -12.03 -3.91
CA TRP A 136 -7.53 -10.87 -4.45
C TRP A 136 -8.24 -10.25 -5.64
N ALA A 137 -9.20 -10.95 -6.24
CA ALA A 137 -9.81 -10.51 -7.49
C ALA A 137 -10.29 -9.06 -7.43
N ASP A 138 -11.05 -8.70 -6.40
CA ASP A 138 -11.69 -7.39 -6.34
C ASP A 138 -11.08 -6.49 -5.27
N LYS A 139 -9.77 -6.61 -5.04
CA LYS A 139 -9.10 -5.81 -4.02
C LYS A 139 -7.83 -5.15 -4.48
N ILE A 140 -7.47 -5.26 -5.76
CA ILE A 140 -6.32 -4.54 -6.30
C ILE A 140 -6.82 -3.19 -6.81
N GLN A 141 -6.11 -2.13 -6.44
CA GLN A 141 -6.61 -0.77 -6.62
C GLN A 141 -5.55 0.11 -7.26
N GLY A 142 -6.03 1.09 -8.04
CA GLY A 142 -5.17 2.14 -8.54
C GLY A 142 -4.85 3.14 -7.45
N ARG A 143 -4.56 4.37 -7.87
CA ARG A 143 -4.20 5.41 -6.91
C ARG A 143 -4.69 6.76 -7.41
N THR A 144 -4.76 7.71 -6.49
CA THR A 144 -4.94 9.12 -6.83
C THR A 144 -3.71 9.88 -6.36
N ILE A 145 -3.17 10.71 -7.23
CA ILE A 145 -1.81 11.22 -7.10
C ILE A 145 -1.87 12.73 -6.92
N PRO A 146 -1.15 13.30 -5.95
CA PRO A 146 -1.08 14.76 -5.76
C PRO A 146 -0.12 15.42 -6.75
N ILE A 147 -0.50 15.40 -8.03
CA ILE A 147 0.32 15.99 -9.07
C ILE A 147 0.34 17.51 -8.92
N ASP A 148 1.44 18.13 -9.35
CA ASP A 148 1.55 19.58 -9.33
C ASP A 148 0.58 20.20 -10.32
N GLY A 149 0.17 21.43 -10.03
CA GLY A 149 -0.73 22.16 -10.90
C GLY A 149 -2.19 21.80 -10.68
N ASN A 150 -3.06 22.55 -11.35
CA ASN A 150 -4.50 22.38 -11.21
C ASN A 150 -4.94 21.15 -12.02
N PHE A 151 -4.52 19.98 -11.55
CA PHE A 151 -4.82 18.74 -12.23
C PHE A 151 -5.28 17.70 -11.23
N PHE A 152 -6.10 16.76 -11.71
CA PHE A 152 -6.52 15.60 -10.94
C PHE A 152 -6.03 14.37 -11.67
N THR A 153 -5.17 13.60 -11.01
CA THR A 153 -4.50 12.47 -11.64
C THR A 153 -4.79 11.19 -10.87
N TYR A 154 -5.10 10.12 -11.61
CA TYR A 154 -5.28 8.81 -11.00
C TYR A 154 -4.69 7.76 -11.92
N THR A 155 -4.50 6.56 -11.37
CA THR A 155 -3.93 5.44 -12.09
C THR A 155 -4.78 4.21 -11.88
N ARG A 156 -5.09 3.53 -12.98
CA ARG A 156 -5.85 2.29 -12.99
C ARG A 156 -4.94 1.12 -13.35
N HIS A 157 -5.22 -0.03 -12.76
CA HIS A 157 -4.48 -1.26 -13.03
C HIS A 157 -5.39 -2.17 -13.85
N GLU A 158 -5.18 -2.18 -15.16
CA GLU A 158 -6.00 -2.92 -16.11
C GLU A 158 -5.37 -4.27 -16.42
N PRO A 159 -6.16 -5.23 -16.90
CA PRO A 159 -5.57 -6.47 -17.41
C PRO A 159 -4.66 -6.19 -18.59
N ILE A 160 -3.58 -6.97 -18.69
CA ILE A 160 -2.60 -6.75 -19.74
C ILE A 160 -3.18 -7.11 -21.10
N GLY A 161 -3.83 -8.26 -21.19
CA GLY A 161 -4.37 -8.71 -22.45
C GLY A 161 -4.39 -10.22 -22.57
N VAL A 162 -3.79 -10.76 -23.62
CA VAL A 162 -3.69 -12.19 -23.83
C VAL A 162 -2.38 -12.69 -23.24
N CYS A 163 -2.46 -13.70 -22.38
CA CYS A 163 -1.30 -14.28 -21.72
C CYS A 163 -1.16 -15.72 -22.15
N GLY A 164 0.02 -16.07 -22.67
CA GLY A 164 0.34 -17.45 -23.01
C GLY A 164 1.25 -18.05 -21.96
N GLN A 165 0.80 -19.16 -21.38
CA GLN A 165 1.49 -19.77 -20.25
C GLN A 165 1.95 -21.17 -20.60
N ILE A 166 3.19 -21.48 -20.21
CA ILE A 166 3.83 -22.76 -20.52
C ILE A 166 4.16 -23.44 -19.21
N ILE A 167 3.61 -24.64 -19.02
CA ILE A 167 3.59 -25.35 -17.75
C ILE A 167 4.65 -26.44 -17.75
N PRO A 168 5.29 -26.72 -16.62
CA PRO A 168 6.17 -27.90 -16.55
C PRO A 168 5.42 -29.16 -16.16
N TRP A 169 6.13 -30.26 -15.97
CA TRP A 169 5.50 -31.54 -15.69
C TRP A 169 5.63 -31.99 -14.25
N ASN A 170 6.52 -31.38 -13.46
CA ASN A 170 6.73 -31.84 -12.09
C ASN A 170 5.50 -31.58 -11.22
N PHE A 171 4.88 -30.42 -11.35
CA PHE A 171 3.66 -30.07 -10.64
C PHE A 171 2.64 -29.55 -11.63
N PRO A 172 1.99 -30.44 -12.38
CA PRO A 172 1.05 -29.99 -13.43
C PRO A 172 -0.08 -29.14 -12.87
N LEU A 173 -0.85 -29.69 -11.93
CA LEU A 173 -2.00 -28.96 -11.41
C LEU A 173 -1.57 -27.71 -10.64
N VAL A 174 -0.54 -27.82 -9.80
CA VAL A 174 -0.14 -26.71 -8.96
C VAL A 174 0.37 -25.55 -9.82
N MET A 175 1.23 -25.84 -10.80
CA MET A 175 1.72 -24.78 -11.67
C MET A 175 0.61 -24.23 -12.55
N LEU A 176 -0.28 -25.09 -13.04
CA LEU A 176 -1.41 -24.61 -13.84
C LEU A 176 -2.26 -23.63 -13.04
N ILE A 177 -2.51 -23.93 -11.77
CA ILE A 177 -3.31 -23.05 -10.94
C ILE A 177 -2.54 -21.77 -10.63
N TRP A 178 -1.24 -21.88 -10.34
CA TRP A 178 -0.44 -20.68 -10.10
C TRP A 178 -0.42 -19.77 -11.32
N LYS A 179 -0.58 -20.35 -12.52
CA LYS A 179 -0.62 -19.54 -13.73
C LYS A 179 -1.99 -18.90 -13.93
N ILE A 180 -3.06 -19.70 -13.89
CA ILE A 180 -4.38 -19.19 -14.24
C ILE A 180 -5.11 -18.55 -13.08
N GLY A 181 -4.50 -18.46 -11.91
CA GLY A 181 -5.11 -17.76 -10.80
C GLY A 181 -4.95 -16.26 -10.91
N PRO A 182 -3.71 -15.78 -10.82
CA PRO A 182 -3.47 -14.34 -10.98
C PRO A 182 -3.87 -13.80 -12.34
N ALA A 183 -3.80 -14.62 -13.39
CA ALA A 183 -4.16 -14.13 -14.72
C ALA A 183 -5.66 -13.85 -14.81
N LEU A 184 -6.48 -14.80 -14.37
CA LEU A 184 -7.92 -14.61 -14.43
C LEU A 184 -8.42 -13.64 -13.37
N SER A 185 -7.73 -13.55 -12.24
CA SER A 185 -8.13 -12.61 -11.19
C SER A 185 -8.00 -11.17 -11.66
N CYS A 186 -6.93 -10.85 -12.37
CA CYS A 186 -6.73 -9.50 -12.88
C CYS A 186 -7.57 -9.22 -14.12
N GLY A 187 -8.23 -10.22 -14.68
CA GLY A 187 -9.11 -10.01 -15.81
C GLY A 187 -8.58 -10.45 -17.15
N ASN A 188 -7.38 -11.01 -17.21
CA ASN A 188 -6.78 -11.41 -18.48
C ASN A 188 -7.43 -12.67 -19.01
N THR A 189 -7.09 -13.01 -20.25
CA THR A 189 -7.47 -14.27 -20.87
C THR A 189 -6.21 -15.05 -21.21
N VAL A 190 -6.31 -16.37 -21.15
CA VAL A 190 -5.12 -17.23 -21.16
C VAL A 190 -5.23 -18.25 -22.29
N VAL A 191 -4.10 -18.46 -22.98
CA VAL A 191 -3.88 -19.62 -23.83
C VAL A 191 -2.70 -20.38 -23.21
N VAL A 192 -2.97 -21.59 -22.73
CA VAL A 192 -2.02 -22.35 -21.94
C VAL A 192 -1.57 -23.57 -22.71
N LYS A 193 -0.27 -23.84 -22.64
CA LYS A 193 0.35 -25.02 -23.26
C LYS A 193 0.87 -25.92 -22.15
N PRO A 194 0.25 -27.06 -21.89
CA PRO A 194 0.76 -27.96 -20.86
C PRO A 194 1.94 -28.79 -21.38
N ALA A 195 2.68 -29.36 -20.44
CA ALA A 195 3.82 -30.19 -20.78
C ALA A 195 3.36 -31.43 -21.53
N GLU A 196 4.16 -31.86 -22.51
CA GLU A 196 3.80 -33.04 -23.29
C GLU A 196 3.84 -34.31 -22.47
N GLN A 197 4.50 -34.30 -21.31
CA GLN A 197 4.52 -35.49 -20.46
C GLN A 197 3.23 -35.67 -19.67
N THR A 198 2.63 -34.57 -19.18
CA THR A 198 1.47 -34.64 -18.29
C THR A 198 0.41 -33.65 -18.74
N PRO A 199 -0.35 -33.99 -19.80
CA PRO A 199 -1.35 -33.05 -20.31
C PRO A 199 -2.78 -33.28 -19.82
N LEU A 200 -3.03 -34.34 -19.06
CA LEU A 200 -4.42 -34.78 -18.82
C LEU A 200 -5.13 -33.97 -17.74
N THR A 201 -4.44 -33.71 -16.63
CA THR A 201 -5.07 -32.98 -15.53
C THR A 201 -5.50 -31.58 -15.97
N ALA A 202 -4.68 -30.94 -16.80
CA ALA A 202 -5.06 -29.62 -17.33
C ALA A 202 -6.31 -29.69 -18.17
N LEU A 203 -6.48 -30.78 -18.94
CA LEU A 203 -7.70 -30.91 -19.74
C LEU A 203 -8.92 -31.14 -18.87
N HIS A 204 -8.80 -31.96 -17.82
CA HIS A 204 -9.92 -32.13 -16.91
C HIS A 204 -10.28 -30.82 -16.24
N VAL A 205 -9.27 -30.04 -15.83
CA VAL A 205 -9.53 -28.73 -15.24
C VAL A 205 -10.17 -27.80 -16.27
N ALA A 206 -9.82 -27.93 -17.54
CA ALA A 206 -10.48 -27.15 -18.57
C ALA A 206 -11.97 -27.48 -18.67
N SER A 207 -12.30 -28.77 -18.59
CA SER A 207 -13.70 -29.16 -18.58
C SER A 207 -14.42 -28.57 -17.35
N LEU A 208 -13.74 -28.59 -16.20
CA LEU A 208 -14.32 -27.98 -15.01
C LEU A 208 -14.51 -26.48 -15.19
N ILE A 209 -13.57 -25.82 -15.87
CA ILE A 209 -13.68 -24.39 -16.13
C ILE A 209 -14.90 -24.11 -17.00
N LYS A 210 -15.10 -24.93 -18.03
CA LYS A 210 -16.31 -24.77 -18.83
C LYS A 210 -17.57 -24.94 -17.97
N GLU A 211 -17.57 -25.94 -17.10
CA GLU A 211 -18.72 -26.16 -16.24
C GLU A 211 -18.97 -25.00 -15.30
N ALA A 212 -17.90 -24.37 -14.79
CA ALA A 212 -18.05 -23.33 -13.78
C ALA A 212 -18.85 -22.14 -14.29
N GLY A 213 -18.65 -21.76 -15.55
CA GLY A 213 -19.43 -20.69 -16.13
C GLY A 213 -18.60 -19.51 -16.61
N PHE A 214 -17.34 -19.75 -16.93
CA PHE A 214 -16.53 -18.71 -17.52
C PHE A 214 -17.02 -18.40 -18.93
N PRO A 215 -16.93 -17.15 -19.36
CA PRO A 215 -17.33 -16.82 -20.72
C PRO A 215 -16.46 -17.55 -21.73
N PRO A 216 -17.02 -17.91 -22.88
CA PRO A 216 -16.22 -18.64 -23.87
C PRO A 216 -15.02 -17.83 -24.32
N GLY A 217 -13.90 -18.53 -24.50
CA GLY A 217 -12.67 -17.92 -24.95
C GLY A 217 -11.79 -17.36 -23.86
N VAL A 218 -12.28 -17.28 -22.62
CA VAL A 218 -11.46 -16.73 -21.55
C VAL A 218 -10.26 -17.62 -21.28
N VAL A 219 -10.47 -18.94 -21.25
CA VAL A 219 -9.41 -19.91 -21.01
C VAL A 219 -9.37 -20.86 -22.19
N ASN A 220 -8.19 -21.01 -22.79
CA ASN A 220 -7.99 -21.96 -23.89
C ASN A 220 -6.74 -22.77 -23.58
N ILE A 221 -6.78 -24.06 -23.88
CA ILE A 221 -5.69 -24.97 -23.57
C ILE A 221 -5.32 -25.73 -24.84
N VAL A 222 -4.06 -25.65 -25.25
CA VAL A 222 -3.54 -26.32 -26.43
C VAL A 222 -2.46 -27.30 -25.98
N PRO A 223 -2.75 -28.60 -25.95
CA PRO A 223 -1.69 -29.57 -25.65
C PRO A 223 -0.89 -29.95 -26.89
N GLY A 224 0.43 -29.97 -26.76
CA GLY A 224 1.29 -30.30 -27.89
C GLY A 224 2.74 -30.50 -27.51
N TYR A 225 3.65 -30.14 -28.41
CA TYR A 225 5.08 -30.25 -28.18
C TYR A 225 5.69 -28.87 -28.03
N GLY A 226 6.61 -28.74 -27.08
CA GLY A 226 7.22 -27.46 -26.76
C GLY A 226 7.91 -26.77 -27.91
N PRO A 227 8.75 -27.48 -28.67
CA PRO A 227 9.45 -26.83 -29.79
C PRO A 227 8.52 -26.24 -30.84
N THR A 228 7.30 -26.74 -30.98
CA THR A 228 6.38 -26.25 -31.98
C THR A 228 5.27 -25.38 -31.38
N ALA A 229 4.53 -25.90 -30.41
CA ALA A 229 3.44 -25.12 -29.82
C ALA A 229 3.97 -24.02 -28.92
N GLY A 230 4.96 -24.34 -28.08
CA GLY A 230 5.52 -23.33 -27.20
C GLY A 230 6.21 -22.21 -27.95
N ALA A 231 6.96 -22.55 -28.99
CA ALA A 231 7.58 -21.53 -29.81
C ALA A 231 6.53 -20.65 -30.48
N ALA A 232 5.45 -21.25 -30.99
CA ALA A 232 4.39 -20.48 -31.61
C ALA A 232 3.74 -19.52 -30.62
N ILE A 233 3.54 -19.98 -29.39
CA ILE A 233 2.99 -19.10 -28.35
C ILE A 233 3.95 -17.95 -28.06
N SER A 234 5.25 -18.26 -27.96
CA SER A 234 6.23 -17.25 -27.59
C SER A 234 6.58 -16.30 -28.73
N SER A 235 6.32 -16.68 -29.98
CA SER A 235 6.61 -15.84 -31.13
C SER A 235 5.36 -15.18 -31.71
N HIS A 236 4.19 -15.48 -31.16
CA HIS A 236 2.97 -14.87 -31.66
C HIS A 236 2.98 -13.37 -31.40
N MET A 237 2.48 -12.60 -32.37
CA MET A 237 2.49 -11.15 -32.24
C MET A 237 1.26 -10.62 -31.51
N ASP A 238 0.12 -11.28 -31.64
CA ASP A 238 -1.10 -10.85 -30.97
C ASP A 238 -1.08 -11.14 -29.47
N ILE A 239 -0.14 -11.94 -28.99
CA ILE A 239 -0.06 -12.27 -27.58
C ILE A 239 0.66 -11.15 -26.84
N ASP A 240 0.07 -10.71 -25.73
CA ASP A 240 0.59 -9.57 -24.99
C ASP A 240 1.62 -9.97 -23.94
N LYS A 241 1.41 -11.08 -23.24
CA LYS A 241 2.34 -11.52 -22.22
C LYS A 241 2.58 -13.02 -22.35
N VAL A 242 3.76 -13.47 -21.94
CA VAL A 242 4.10 -14.88 -21.90
C VAL A 242 4.70 -15.20 -20.55
N ALA A 243 4.20 -16.24 -19.91
CA ALA A 243 4.75 -16.78 -18.67
C ALA A 243 5.20 -18.21 -18.92
N PHE A 244 6.41 -18.53 -18.49
CA PHE A 244 7.01 -19.82 -18.80
C PHE A 244 7.68 -20.38 -17.56
N THR A 245 7.39 -21.64 -17.24
CA THR A 245 8.10 -22.33 -16.17
C THR A 245 8.80 -23.56 -16.77
N GLY A 246 10.10 -23.65 -16.53
CA GLY A 246 10.87 -24.74 -17.13
C GLY A 246 12.36 -24.52 -16.97
N SER A 247 13.12 -25.14 -17.88
CA SER A 247 14.58 -25.11 -17.82
C SER A 247 15.12 -23.75 -18.27
N THR A 248 16.36 -23.48 -17.86
CA THR A 248 16.97 -22.18 -18.15
C THR A 248 17.27 -22.00 -19.63
N GLU A 249 17.64 -23.09 -20.33
CA GLU A 249 17.92 -22.97 -21.76
C GLU A 249 16.68 -22.60 -22.54
N VAL A 250 15.58 -23.29 -22.29
CA VAL A 250 14.32 -22.97 -22.96
C VAL A 250 13.84 -21.58 -22.55
N GLY A 251 14.12 -21.19 -21.30
CA GLY A 251 13.76 -19.84 -20.88
C GLY A 251 14.53 -18.77 -21.63
N LYS A 252 15.83 -18.98 -21.83
CA LYS A 252 16.63 -18.09 -22.65
C LYS A 252 16.07 -18.00 -24.06
N LEU A 253 15.71 -19.16 -24.63
CA LEU A 253 15.14 -19.19 -25.97
C LEU A 253 13.82 -18.41 -26.01
N ILE A 254 12.98 -18.57 -25.00
CA ILE A 254 11.70 -17.86 -24.94
C ILE A 254 11.93 -16.37 -24.87
N LYS A 255 12.88 -15.94 -24.04
CA LYS A 255 13.17 -14.51 -23.91
C LYS A 255 13.63 -13.93 -25.23
N GLU A 256 14.53 -14.63 -25.92
CA GLU A 256 15.00 -14.14 -27.22
C GLU A 256 13.87 -14.09 -28.24
N ALA A 257 13.04 -15.13 -28.29
CA ALA A 257 11.94 -15.15 -29.25
C ALA A 257 10.95 -14.02 -28.98
N ALA A 258 10.68 -13.75 -27.70
CA ALA A 258 9.82 -12.62 -27.35
C ALA A 258 10.46 -11.30 -27.73
N GLY A 259 11.78 -11.19 -27.55
CA GLY A 259 12.48 -10.01 -28.01
C GLY A 259 12.46 -9.83 -29.51
N LYS A 260 12.21 -10.90 -30.26
CA LYS A 260 12.10 -10.81 -31.71
C LYS A 260 10.70 -10.47 -32.20
N SER A 261 9.67 -10.58 -31.36
CA SER A 261 8.28 -10.43 -31.80
C SER A 261 7.52 -9.53 -30.83
N ASN A 262 7.12 -8.35 -31.31
CA ASN A 262 6.13 -7.47 -30.66
C ASN A 262 6.48 -7.14 -29.20
N LEU A 263 7.71 -7.42 -28.77
CA LEU A 263 8.19 -7.03 -27.44
C LEU A 263 7.20 -7.33 -26.32
N LYS A 264 6.70 -8.57 -26.27
CA LYS A 264 5.74 -8.93 -25.24
C LYS A 264 6.41 -8.99 -23.87
N ARG A 265 5.58 -8.89 -22.83
CA ARG A 265 6.07 -9.05 -21.47
C ARG A 265 6.44 -10.51 -21.22
N VAL A 266 7.49 -10.73 -20.44
CA VAL A 266 8.04 -12.07 -20.23
C VAL A 266 8.17 -12.32 -18.74
N THR A 267 7.63 -13.44 -18.28
CA THR A 267 7.85 -13.95 -16.93
C THR A 267 8.47 -15.33 -17.02
N LEU A 268 9.58 -15.53 -16.31
CA LEU A 268 10.32 -16.79 -16.35
C LEU A 268 10.43 -17.36 -14.94
N GLU A 269 10.24 -18.66 -14.83
CA GLU A 269 10.48 -19.39 -13.58
C GLU A 269 11.42 -20.56 -13.93
N LEU A 270 12.71 -20.34 -13.75
CA LEU A 270 13.72 -21.29 -14.15
C LEU A 270 14.21 -22.06 -12.93
N GLY A 271 15.23 -22.90 -13.12
CA GLY A 271 15.72 -23.76 -12.08
C GLY A 271 16.76 -23.10 -11.20
N GLY A 272 17.29 -23.91 -10.27
CA GLY A 272 18.30 -23.41 -9.35
C GLY A 272 19.04 -24.55 -8.70
N LYS A 273 20.19 -24.19 -8.11
CA LYS A 273 21.02 -25.11 -7.34
C LYS A 273 21.00 -24.56 -5.92
N SER A 274 20.00 -24.95 -5.14
CA SER A 274 19.73 -24.32 -3.87
C SER A 274 20.66 -24.86 -2.79
N PRO A 275 21.38 -24.01 -2.07
CA PRO A 275 22.15 -24.45 -0.91
C PRO A 275 21.27 -24.60 0.32
N CYS A 276 21.80 -25.32 1.31
CA CYS A 276 21.11 -25.55 2.57
C CYS A 276 22.18 -25.60 3.66
N ILE A 277 22.36 -24.49 4.36
CA ILE A 277 23.45 -24.33 5.33
C ILE A 277 22.98 -24.82 6.69
N VAL A 278 23.79 -25.67 7.32
CA VAL A 278 23.52 -26.17 8.66
C VAL A 278 24.71 -25.81 9.54
N LEU A 279 24.44 -25.05 10.60
CA LEU A 279 25.48 -24.56 11.49
C LEU A 279 25.60 -25.46 12.72
N ALA A 280 26.68 -25.26 13.48
CA ALA A 280 26.98 -26.14 14.61
C ALA A 280 25.89 -26.06 15.68
N ASP A 281 25.32 -24.87 15.89
CA ASP A 281 24.33 -24.65 16.93
C ASP A 281 22.91 -25.02 16.49
N ALA A 282 22.75 -25.67 15.34
CA ALA A 282 21.42 -26.02 14.86
C ALA A 282 20.91 -27.30 15.51
N ASP A 283 19.59 -27.44 15.58
CA ASP A 283 18.98 -28.67 16.07
C ASP A 283 19.20 -29.77 15.05
N LEU A 284 19.90 -30.83 15.46
CA LEU A 284 20.39 -31.82 14.50
C LEU A 284 19.24 -32.62 13.90
N ASP A 285 18.27 -33.05 14.71
CA ASP A 285 17.20 -33.89 14.19
C ASP A 285 16.33 -33.12 13.20
N ASN A 286 15.93 -31.90 13.56
CA ASN A 286 15.12 -31.10 12.64
C ASN A 286 15.89 -30.79 11.37
N ALA A 287 17.18 -30.47 11.50
CA ALA A 287 17.99 -30.18 10.33
C ALA A 287 18.09 -31.38 9.41
N VAL A 288 18.31 -32.57 9.97
CA VAL A 288 18.41 -33.78 9.17
C VAL A 288 17.09 -34.05 8.45
N GLU A 289 15.99 -34.00 9.20
CA GLU A 289 14.69 -34.30 8.61
C GLU A 289 14.37 -33.33 7.48
N PHE A 290 14.57 -32.03 7.70
CA PHE A 290 14.19 -31.07 6.69
C PHE A 290 15.17 -31.01 5.53
N ALA A 291 16.44 -31.33 5.75
CA ALA A 291 17.36 -31.44 4.63
C ALA A 291 17.01 -32.63 3.74
N HIS A 292 16.72 -33.78 4.36
CA HIS A 292 16.28 -34.94 3.60
C HIS A 292 15.01 -34.62 2.81
N HIS A 293 14.04 -33.97 3.47
CA HIS A 293 12.82 -33.58 2.78
C HIS A 293 13.12 -32.65 1.61
N GLY A 294 13.95 -31.63 1.84
CA GLY A 294 14.21 -30.65 0.80
C GLY A 294 14.88 -31.25 -0.42
N VAL A 295 15.77 -32.21 -0.22
CA VAL A 295 16.45 -32.78 -1.38
C VAL A 295 15.62 -33.88 -2.03
N PHE A 296 14.93 -34.71 -1.24
CA PHE A 296 14.25 -35.88 -1.79
C PHE A 296 12.77 -35.69 -2.06
N TYR A 297 12.22 -34.49 -1.86
CA TYR A 297 10.79 -34.30 -2.08
C TYR A 297 10.47 -34.41 -3.57
N HIS A 298 9.42 -35.18 -3.89
CA HIS A 298 9.00 -35.44 -5.26
C HIS A 298 10.15 -35.99 -6.10
N GLN A 299 10.84 -37.00 -5.53
CA GLN A 299 11.96 -37.66 -6.20
C GLN A 299 13.03 -36.67 -6.61
N GLY A 300 13.14 -35.56 -5.89
CA GLY A 300 14.11 -34.55 -6.24
C GLY A 300 13.76 -33.75 -7.48
N GLN A 301 12.55 -33.92 -8.02
CA GLN A 301 12.14 -33.21 -9.22
C GLN A 301 11.49 -31.89 -8.85
N CYS A 302 12.20 -31.04 -8.12
CA CYS A 302 11.70 -29.74 -7.71
C CYS A 302 12.72 -28.68 -8.07
N CYS A 303 12.22 -27.48 -8.41
CA CYS A 303 13.10 -26.40 -8.78
C CYS A 303 13.91 -25.89 -7.59
N ILE A 304 13.37 -26.02 -6.38
CA ILE A 304 13.97 -25.44 -5.18
C ILE A 304 14.70 -26.50 -4.38
N ALA A 305 14.92 -27.67 -4.97
CA ALA A 305 15.52 -28.78 -4.24
C ALA A 305 16.89 -28.40 -3.69
N ALA A 306 17.10 -28.67 -2.41
CA ALA A 306 18.35 -28.35 -1.75
C ALA A 306 19.45 -29.30 -2.23
N SER A 307 20.20 -28.87 -3.24
CA SER A 307 21.18 -29.76 -3.86
C SER A 307 22.55 -29.72 -3.21
N ARG A 308 22.92 -28.60 -2.58
CA ARG A 308 24.22 -28.45 -1.94
C ARG A 308 24.00 -28.25 -0.45
N ILE A 309 24.22 -29.31 0.32
CA ILE A 309 23.99 -29.30 1.77
C ILE A 309 25.32 -28.93 2.43
N PHE A 310 25.50 -27.64 2.73
CA PHE A 310 26.66 -27.21 3.47
C PHE A 310 26.45 -27.49 4.95
N VAL A 311 27.37 -28.22 5.56
CA VAL A 311 27.29 -28.59 6.96
C VAL A 311 28.60 -28.19 7.63
N GLU A 312 28.50 -27.55 8.79
CA GLU A 312 29.68 -27.08 9.48
C GLU A 312 30.56 -28.27 9.89
N GLU A 313 31.88 -28.03 9.90
CA GLU A 313 32.84 -29.11 10.02
C GLU A 313 32.66 -29.88 11.33
N SER A 314 32.50 -29.17 12.44
CA SER A 314 32.50 -29.80 13.75
C SER A 314 31.33 -30.77 13.93
N ILE A 315 30.28 -30.65 13.14
CA ILE A 315 29.15 -31.58 13.18
C ILE A 315 28.96 -32.33 11.88
N TYR A 316 29.99 -32.33 11.02
CA TYR A 316 29.85 -32.95 9.69
C TYR A 316 29.56 -34.45 9.82
N ASP A 317 30.53 -35.20 10.36
CA ASP A 317 30.44 -36.66 10.34
C ASP A 317 29.10 -37.15 10.87
N GLU A 318 28.74 -36.72 12.08
CA GLU A 318 27.48 -37.16 12.68
C GLU A 318 26.32 -36.93 11.72
N PHE A 319 26.20 -35.71 11.21
CA PHE A 319 25.12 -35.40 10.28
C PHE A 319 25.09 -36.40 9.15
N VAL A 320 26.25 -36.61 8.51
CA VAL A 320 26.32 -37.53 7.37
C VAL A 320 25.79 -38.88 7.78
N ARG A 321 26.26 -39.40 8.91
CA ARG A 321 25.82 -40.71 9.36
C ARG A 321 24.30 -40.75 9.44
N ARG A 322 23.71 -39.77 10.15
CA ARG A 322 22.26 -39.78 10.31
C ARG A 322 21.59 -39.67 8.95
N SER A 323 22.11 -38.79 8.09
CA SER A 323 21.55 -38.65 6.75
C SER A 323 21.52 -39.99 6.04
N VAL A 324 22.64 -40.72 6.11
CA VAL A 324 22.70 -42.02 5.45
C VAL A 324 21.58 -42.91 5.92
N GLU A 325 21.38 -42.97 7.24
CA GLU A 325 20.35 -43.83 7.79
C GLU A 325 18.99 -43.43 7.28
N ARG A 326 18.73 -42.13 7.21
CA ARG A 326 17.45 -41.67 6.69
C ARG A 326 17.25 -42.14 5.26
N ALA A 327 18.31 -42.05 4.44
CA ALA A 327 18.19 -42.46 3.05
C ALA A 327 17.93 -43.95 2.92
N LYS A 328 18.30 -44.71 3.95
CA LYS A 328 18.03 -46.15 3.92
C LYS A 328 16.58 -46.44 4.27
N LYS A 329 15.93 -45.55 5.01
CA LYS A 329 14.54 -45.78 5.39
C LYS A 329 13.57 -45.45 4.27
N TYR A 330 14.03 -44.76 3.22
CA TYR A 330 13.16 -44.46 2.09
C TYR A 330 12.77 -45.75 1.37
N ILE A 331 11.49 -45.86 1.03
CA ILE A 331 10.94 -47.03 0.36
C ILE A 331 10.54 -46.64 -1.06
N LEU A 332 10.88 -47.49 -2.02
CA LEU A 332 10.74 -47.20 -3.44
C LEU A 332 9.76 -48.19 -4.05
N GLY A 333 8.70 -47.69 -4.66
CA GLY A 333 7.70 -48.56 -5.24
C GLY A 333 6.67 -47.82 -6.06
N ASN A 334 5.58 -48.51 -6.36
CA ASN A 334 4.51 -47.94 -7.17
C ASN A 334 3.80 -46.83 -6.40
N PRO A 335 3.52 -45.69 -7.03
CA PRO A 335 2.95 -44.56 -6.27
C PRO A 335 1.60 -44.86 -5.62
N LEU A 336 0.71 -45.56 -6.31
CA LEU A 336 -0.61 -45.83 -5.75
C LEU A 336 -0.55 -46.81 -4.59
N THR A 337 0.55 -47.53 -4.44
CA THR A 337 0.70 -48.45 -3.31
C THR A 337 0.84 -47.65 -2.02
N PRO A 338 0.10 -47.99 -0.96
CA PRO A 338 0.31 -47.32 0.32
C PRO A 338 1.66 -47.67 0.91
N GLY A 339 2.22 -46.74 1.68
CA GLY A 339 3.48 -46.98 2.35
C GLY A 339 4.68 -46.45 1.59
N VAL A 340 4.63 -46.45 0.26
CA VAL A 340 5.77 -45.98 -0.52
C VAL A 340 5.99 -44.50 -0.28
N THR A 341 7.26 -44.10 -0.25
CA THR A 341 7.63 -42.71 -0.06
C THR A 341 8.33 -42.11 -1.27
N GLN A 342 8.46 -42.86 -2.36
CA GLN A 342 9.11 -42.37 -3.57
C GLN A 342 8.60 -43.14 -4.78
N GLY A 343 8.22 -42.41 -5.82
CA GLY A 343 7.75 -43.01 -7.04
C GLY A 343 8.80 -43.00 -8.13
N PRO A 344 8.40 -43.26 -9.36
CA PRO A 344 9.35 -43.28 -10.48
C PRO A 344 9.66 -41.88 -10.97
N GLN A 345 10.66 -41.80 -11.83
CA GLN A 345 10.99 -40.54 -12.49
C GLN A 345 9.98 -40.29 -13.60
N ILE A 346 9.98 -39.08 -14.17
CA ILE A 346 8.89 -38.67 -15.05
C ILE A 346 8.94 -39.42 -16.37
N ASP A 347 10.13 -39.59 -16.96
CA ASP A 347 10.26 -40.26 -18.24
C ASP A 347 11.68 -40.77 -18.37
N LYS A 348 11.93 -41.51 -19.46
CA LYS A 348 13.19 -42.22 -19.62
C LYS A 348 14.36 -41.27 -19.86
N GLU A 349 14.11 -40.12 -20.49
CA GLU A 349 15.20 -39.19 -20.77
C GLU A 349 15.79 -38.64 -19.47
N GLN A 350 14.94 -38.18 -18.56
CA GLN A 350 15.41 -37.72 -17.26
C GLN A 350 16.01 -38.87 -16.46
N TYR A 351 15.44 -40.08 -16.59
CA TYR A 351 15.98 -41.25 -15.91
C TYR A 351 17.42 -41.51 -16.31
N ASP A 352 17.69 -41.52 -17.62
CA ASP A 352 19.05 -41.72 -18.11
C ASP A 352 19.95 -40.55 -17.77
N LYS A 353 19.41 -39.33 -17.77
CA LYS A 353 20.21 -38.18 -17.37
C LYS A 353 20.65 -38.29 -15.92
N ILE A 354 19.75 -38.72 -15.04
CA ILE A 354 20.08 -38.90 -13.64
C ILE A 354 21.13 -40.00 -13.48
N LEU A 355 20.97 -41.11 -14.21
CA LEU A 355 21.96 -42.17 -14.13
C LEU A 355 23.32 -41.68 -14.60
N ASP A 356 23.36 -40.89 -15.67
CA ASP A 356 24.62 -40.36 -16.18
C ASP A 356 25.27 -39.42 -15.17
N LEU A 357 24.46 -38.57 -14.53
CA LEU A 357 25.02 -37.65 -13.55
C LEU A 357 25.55 -38.40 -12.33
N ILE A 358 24.86 -39.46 -11.90
CA ILE A 358 25.37 -40.27 -10.79
C ILE A 358 26.69 -40.92 -11.17
N GLU A 359 26.77 -41.45 -12.39
CA GLU A 359 28.02 -42.07 -12.84
C GLU A 359 29.14 -41.05 -12.90
N SER A 360 28.84 -39.84 -13.39
CA SER A 360 29.86 -38.79 -13.44
C SER A 360 30.32 -38.40 -12.05
N GLY A 361 29.38 -38.33 -11.09
CA GLY A 361 29.77 -38.07 -9.71
C GLY A 361 30.69 -39.15 -9.17
N LYS A 362 30.40 -40.42 -9.49
CA LYS A 362 31.30 -41.49 -9.09
C LYS A 362 32.67 -41.34 -9.73
N LYS A 363 32.70 -40.96 -11.02
CA LYS A 363 33.96 -40.85 -11.74
C LYS A 363 34.83 -39.72 -11.19
N GLU A 364 34.21 -38.57 -10.85
CA GLU A 364 34.97 -37.44 -10.37
C GLU A 364 35.51 -37.64 -8.96
N GLY A 365 35.10 -38.68 -8.27
CA GLY A 365 35.67 -39.01 -6.97
C GLY A 365 34.92 -38.45 -5.79
N ALA A 366 33.62 -38.65 -5.75
CA ALA A 366 32.80 -38.29 -4.61
C ALA A 366 32.37 -39.55 -3.88
N LYS A 367 32.49 -39.53 -2.56
CA LYS A 367 32.18 -40.71 -1.76
C LYS A 367 30.69 -41.03 -1.84
N LEU A 368 30.38 -42.29 -2.11
CA LEU A 368 29.00 -42.75 -2.29
C LEU A 368 28.56 -43.45 -1.01
N GLU A 369 27.55 -42.90 -0.35
CA GLU A 369 27.09 -43.45 0.92
C GLU A 369 25.95 -44.44 0.74
N CYS A 370 24.89 -44.03 0.04
CA CYS A 370 23.78 -44.91 -0.26
C CYS A 370 23.35 -44.69 -1.71
N GLY A 371 22.86 -45.77 -2.33
CA GLY A 371 22.31 -45.70 -3.66
C GLY A 371 23.34 -45.66 -4.77
N GLY A 372 23.06 -44.90 -5.83
CA GLY A 372 23.96 -44.80 -6.94
C GLY A 372 23.65 -45.68 -8.13
N GLY A 373 22.45 -46.27 -8.19
CA GLY A 373 22.09 -47.13 -9.30
C GLY A 373 20.60 -47.19 -9.52
N PRO A 374 20.18 -47.88 -10.57
CA PRO A 374 18.75 -48.02 -10.86
C PRO A 374 18.07 -49.02 -9.94
N TRP A 375 16.75 -49.02 -10.01
CA TRP A 375 15.92 -49.96 -9.27
C TRP A 375 14.78 -50.45 -10.16
N GLY A 376 14.51 -51.74 -10.10
CA GLY A 376 13.36 -52.30 -10.78
C GLY A 376 13.53 -52.50 -12.27
N ASN A 377 12.93 -53.57 -12.79
CA ASN A 377 12.98 -53.82 -14.24
C ASN A 377 12.05 -52.88 -14.99
N LYS A 378 10.76 -52.92 -14.66
CA LYS A 378 9.78 -52.04 -15.28
C LYS A 378 9.56 -50.82 -14.40
N GLY A 379 9.60 -49.64 -15.01
CA GLY A 379 9.51 -48.38 -14.32
C GLY A 379 10.76 -47.55 -14.51
N TYR A 380 10.74 -46.36 -13.90
CA TYR A 380 11.84 -45.42 -14.01
C TYR A 380 12.36 -45.05 -12.62
N PHE A 381 12.57 -46.05 -11.77
CA PHE A 381 12.94 -45.81 -10.38
C PHE A 381 14.45 -45.72 -10.24
N VAL A 382 14.90 -44.79 -9.40
CA VAL A 382 16.31 -44.62 -9.06
C VAL A 382 16.43 -44.65 -7.55
N GLN A 383 17.38 -45.42 -7.04
CA GLN A 383 17.54 -45.55 -5.61
C GLN A 383 17.91 -44.20 -5.00
N PRO A 384 17.46 -43.92 -3.78
CA PRO A 384 17.92 -42.71 -3.09
C PRO A 384 19.44 -42.73 -2.94
N THR A 385 20.06 -41.60 -3.26
CA THR A 385 21.51 -41.55 -3.40
C THR A 385 22.08 -40.42 -2.55
N VAL A 386 23.23 -40.68 -1.95
CA VAL A 386 23.93 -39.73 -1.10
C VAL A 386 25.37 -39.63 -1.56
N PHE A 387 25.83 -38.41 -1.85
CA PHE A 387 27.22 -38.16 -2.22
C PHE A 387 27.85 -37.26 -1.18
N SER A 388 28.90 -37.75 -0.54
CA SER A 388 29.63 -36.98 0.47
C SER A 388 30.95 -36.50 -0.09
N ASN A 389 31.58 -35.58 0.65
CA ASN A 389 32.86 -34.99 0.26
C ASN A 389 32.77 -34.34 -1.13
N VAL A 390 31.66 -33.67 -1.39
CA VAL A 390 31.47 -33.01 -2.67
C VAL A 390 32.20 -31.67 -2.65
N THR A 391 33.07 -31.46 -3.63
CA THR A 391 33.83 -30.22 -3.76
C THR A 391 33.15 -29.30 -4.77
N ASP A 392 33.62 -28.05 -4.80
CA ASP A 392 32.97 -27.04 -5.63
C ASP A 392 33.18 -27.27 -7.13
N GLU A 393 34.20 -28.04 -7.50
CA GLU A 393 34.51 -28.26 -8.90
C GLU A 393 33.77 -29.45 -9.52
N MET A 394 33.08 -30.25 -8.70
CA MET A 394 32.37 -31.41 -9.22
C MET A 394 31.13 -30.99 -9.99
N ARG A 395 30.81 -31.75 -11.04
CA ARG A 395 29.62 -31.45 -11.83
C ARG A 395 28.34 -31.59 -11.02
N ILE A 396 28.31 -32.53 -10.07
CA ILE A 396 27.12 -32.69 -9.24
C ILE A 396 26.88 -31.47 -8.36
N ALA A 397 27.89 -30.64 -8.17
CA ALA A 397 27.74 -29.41 -7.40
C ALA A 397 27.32 -28.22 -8.25
N LYS A 398 27.35 -28.35 -9.58
CA LYS A 398 27.05 -27.23 -10.46
C LYS A 398 25.75 -27.43 -11.23
N GLU A 399 25.55 -28.60 -11.83
CA GLU A 399 24.42 -28.83 -12.73
C GLU A 399 23.24 -29.39 -11.96
N GLU A 400 22.06 -28.83 -12.22
CA GLU A 400 20.83 -29.25 -11.55
C GLU A 400 20.51 -30.69 -11.92
N ILE A 401 20.68 -31.61 -10.98
CA ILE A 401 20.47 -33.02 -11.27
C ILE A 401 18.99 -33.32 -11.48
N PHE A 402 18.13 -32.69 -10.69
CA PHE A 402 16.68 -32.88 -10.76
C PHE A 402 16.28 -34.32 -10.45
N GLY A 403 17.08 -34.99 -9.63
CA GLY A 403 16.80 -36.35 -9.24
C GLY A 403 17.11 -36.58 -7.77
N PRO A 404 16.78 -37.77 -7.27
CA PRO A 404 16.99 -38.07 -5.84
C PRO A 404 18.47 -38.31 -5.52
N VAL A 405 19.28 -37.26 -5.70
CA VAL A 405 20.70 -37.31 -5.41
C VAL A 405 21.02 -36.17 -4.46
N GLN A 406 21.72 -36.49 -3.37
CA GLN A 406 22.02 -35.53 -2.31
C GLN A 406 23.52 -35.36 -2.19
N GLN A 407 23.97 -34.10 -2.14
CA GLN A 407 25.37 -33.75 -1.96
C GLN A 407 25.55 -33.11 -0.60
N ILE A 408 26.59 -33.53 0.12
CA ILE A 408 26.90 -33.01 1.45
C ILE A 408 28.29 -32.42 1.40
N MET A 409 28.38 -31.12 1.63
CA MET A 409 29.63 -30.39 1.57
C MET A 409 29.99 -29.83 2.94
N LYS A 410 31.29 -29.65 3.17
CA LYS A 410 31.82 -29.27 4.46
C LYS A 410 32.39 -27.86 4.40
N PHE A 411 32.25 -27.12 5.50
CA PHE A 411 32.82 -25.78 5.60
C PHE A 411 33.17 -25.51 7.05
N LYS A 412 33.95 -24.45 7.26
CA LYS A 412 34.38 -24.06 8.59
C LYS A 412 34.11 -22.60 8.92
N SER A 413 34.21 -21.71 7.94
CA SER A 413 34.08 -20.28 8.15
C SER A 413 32.80 -19.76 7.51
N LEU A 414 32.12 -18.86 8.21
CA LEU A 414 30.81 -18.39 7.74
C LEU A 414 30.93 -17.55 6.48
N ASP A 415 31.93 -16.66 6.43
CA ASP A 415 32.11 -15.82 5.24
C ASP A 415 32.43 -16.67 4.01
N ASP A 416 33.28 -17.69 4.20
CA ASP A 416 33.62 -18.55 3.08
C ASP A 416 32.40 -19.31 2.56
N VAL A 417 31.56 -19.81 3.47
CA VAL A 417 30.37 -20.53 3.01
C VAL A 417 29.39 -19.57 2.37
N ILE A 418 29.33 -18.32 2.83
CA ILE A 418 28.46 -17.33 2.18
C ILE A 418 28.92 -17.10 0.74
N LYS A 419 30.23 -16.92 0.55
CA LYS A 419 30.75 -16.72 -0.80
C LYS A 419 30.52 -17.96 -1.66
N ARG A 420 30.67 -19.15 -1.08
CA ARG A 420 30.42 -20.37 -1.84
C ARG A 420 28.96 -20.48 -2.28
N ALA A 421 28.04 -20.19 -1.36
CA ALA A 421 26.62 -20.28 -1.68
C ALA A 421 26.20 -19.23 -2.69
N ASN A 422 26.83 -18.06 -2.67
CA ASN A 422 26.54 -17.04 -3.67
C ASN A 422 27.37 -17.21 -4.95
N ASN A 423 28.28 -18.16 -4.98
CA ASN A 423 29.11 -18.40 -6.17
C ASN A 423 28.37 -19.34 -7.10
N THR A 424 27.44 -18.77 -7.88
CA THR A 424 26.64 -19.50 -8.85
C THR A 424 25.85 -18.47 -9.64
N PHE A 425 25.17 -18.94 -10.68
CA PHE A 425 24.25 -18.11 -11.43
C PHE A 425 22.80 -18.46 -11.15
N TYR A 426 22.54 -19.33 -10.18
CA TYR A 426 21.19 -19.62 -9.73
C TYR A 426 20.91 -18.87 -8.42
N GLY A 427 19.69 -18.36 -8.30
CA GLY A 427 19.32 -17.60 -7.12
C GLY A 427 17.93 -17.91 -6.60
N LEU A 428 17.49 -19.16 -6.72
CA LEU A 428 16.09 -19.50 -6.47
C LEU A 428 15.75 -19.60 -4.98
N SER A 429 16.55 -20.34 -4.21
CA SER A 429 16.21 -20.57 -2.82
C SER A 429 17.46 -20.84 -1.99
N ALA A 430 17.31 -20.72 -0.67
CA ALA A 430 18.37 -21.05 0.26
C ALA A 430 17.76 -21.43 1.61
N GLY A 431 18.53 -22.18 2.38
CA GLY A 431 18.09 -22.61 3.70
C GLY A 431 19.16 -22.52 4.75
N VAL A 432 18.80 -22.01 5.93
CA VAL A 432 19.74 -21.80 7.03
C VAL A 432 19.16 -22.47 8.27
N PHE A 433 19.97 -23.24 8.97
CA PHE A 433 19.56 -23.93 10.18
C PHE A 433 20.47 -23.48 11.33
N THR A 434 19.89 -22.81 12.32
CA THR A 434 20.65 -22.31 13.45
C THR A 434 19.68 -21.95 14.57
N LYS A 435 20.22 -21.85 15.78
CA LYS A 435 19.46 -21.44 16.95
C LYS A 435 19.77 -20.01 17.39
N ASP A 436 20.54 -19.27 16.58
CA ASP A 436 20.98 -17.94 16.94
C ASP A 436 20.27 -16.92 16.06
N ILE A 437 19.81 -15.82 16.67
CA ILE A 437 19.07 -14.82 15.93
C ILE A 437 20.02 -13.97 15.09
N ASP A 438 21.19 -13.62 15.64
CA ASP A 438 22.14 -12.78 14.90
C ASP A 438 22.64 -13.49 13.65
N LYS A 439 23.04 -14.76 13.80
CA LYS A 439 23.47 -15.54 12.64
C LYS A 439 22.36 -15.67 11.61
N ALA A 440 21.14 -15.94 12.08
CA ALA A 440 20.02 -16.11 11.16
C ALA A 440 19.79 -14.85 10.34
N ILE A 441 19.72 -13.69 11.01
CA ILE A 441 19.45 -12.46 10.28
C ILE A 441 20.61 -12.12 9.35
N THR A 442 21.85 -12.27 9.82
CA THR A 442 23.00 -11.93 8.99
C THR A 442 23.03 -12.79 7.74
N ILE A 443 22.88 -14.10 7.88
CA ILE A 443 22.95 -14.98 6.73
C ILE A 443 21.78 -14.74 5.79
N SER A 444 20.57 -14.56 6.34
CA SER A 444 19.41 -14.31 5.49
C SER A 444 19.56 -13.02 4.71
N SER A 445 20.22 -12.01 5.28
CA SER A 445 20.47 -10.79 4.54
C SER A 445 21.55 -11.00 3.48
N ALA A 446 22.59 -11.79 3.80
CA ALA A 446 23.74 -11.90 2.92
C ALA A 446 23.46 -12.78 1.70
N LEU A 447 22.60 -13.78 1.83
CA LEU A 447 22.39 -14.72 0.72
C LEU A 447 21.66 -14.06 -0.44
N GLN A 448 22.06 -14.43 -1.65
CA GLN A 448 21.40 -13.92 -2.86
C GLN A 448 20.45 -14.99 -3.41
N ALA A 449 19.31 -15.11 -2.73
CA ALA A 449 18.28 -16.06 -3.12
C ALA A 449 16.93 -15.40 -3.03
N GLY A 450 16.02 -15.81 -3.90
CA GLY A 450 14.67 -15.25 -3.90
C GLY A 450 13.84 -15.65 -2.71
N THR A 451 14.23 -16.71 -2.01
CA THR A 451 13.51 -17.15 -0.82
C THR A 451 14.51 -17.82 0.12
N VAL A 452 14.59 -17.31 1.35
CA VAL A 452 15.47 -17.85 2.37
C VAL A 452 14.61 -18.43 3.48
N TRP A 453 14.81 -19.70 3.77
CA TRP A 453 14.13 -20.37 4.87
C TRP A 453 15.06 -20.48 6.06
N VAL A 454 14.51 -20.34 7.26
CA VAL A 454 15.28 -20.47 8.49
C VAL A 454 14.65 -21.59 9.32
N ASN A 455 15.45 -22.61 9.63
CA ASN A 455 15.03 -23.76 10.42
C ASN A 455 13.89 -24.54 9.79
N CYS A 456 13.66 -24.34 8.50
CA CYS A 456 12.67 -25.10 7.75
C CYS A 456 13.09 -25.13 6.29
N TYR A 457 12.29 -25.78 5.46
CA TYR A 457 12.60 -25.85 4.04
C TYR A 457 11.34 -26.25 3.28
N GLY A 458 11.28 -25.84 2.02
CA GLY A 458 10.17 -26.22 1.17
C GLY A 458 8.83 -25.72 1.66
N VAL A 459 8.81 -24.54 2.26
CA VAL A 459 7.59 -23.96 2.81
C VAL A 459 7.12 -22.90 1.81
N VAL A 460 6.10 -23.26 1.02
CA VAL A 460 5.53 -22.37 0.02
C VAL A 460 4.05 -22.20 0.31
N SER A 461 3.55 -20.98 0.15
CA SER A 461 2.14 -20.71 0.34
C SER A 461 1.72 -19.61 -0.63
N ALA A 462 0.41 -19.54 -0.89
CA ALA A 462 -0.11 -18.60 -1.87
C ALA A 462 0.15 -17.15 -1.48
N GLN A 463 0.32 -16.87 -0.19
CA GLN A 463 0.45 -15.50 0.27
C GLN A 463 1.83 -14.90 -0.02
N CYS A 464 2.90 -15.71 0.08
CA CYS A 464 4.26 -15.20 -0.02
C CYS A 464 4.76 -15.24 -1.45
N PRO A 465 5.29 -14.13 -1.97
CA PRO A 465 5.78 -14.13 -3.36
C PRO A 465 6.97 -15.06 -3.56
N PHE A 466 7.08 -15.58 -4.77
CA PHE A 466 8.06 -16.61 -5.09
C PHE A 466 8.73 -16.29 -6.42
N GLY A 467 10.06 -16.39 -6.47
CA GLY A 467 10.78 -16.14 -7.70
C GLY A 467 12.27 -16.29 -7.49
N GLY A 468 13.01 -16.21 -8.60
CA GLY A 468 14.44 -16.35 -8.59
C GLY A 468 15.18 -15.03 -8.78
N PHE A 469 16.46 -15.02 -8.43
CA PHE A 469 17.23 -13.79 -8.41
C PHE A 469 18.02 -13.52 -9.69
N LYS A 470 19.00 -14.36 -9.99
CA LYS A 470 19.95 -13.99 -11.04
C LYS A 470 19.55 -14.56 -12.39
N MET A 471 19.52 -15.88 -12.50
CA MET A 471 19.09 -16.56 -13.72
C MET A 471 18.01 -17.59 -13.44
N SER A 472 17.48 -17.62 -12.22
CA SER A 472 16.40 -18.53 -11.89
C SER A 472 15.05 -18.03 -12.36
N GLY A 473 14.97 -16.81 -12.87
CA GLY A 473 13.72 -16.28 -13.39
C GLY A 473 13.73 -14.77 -13.36
N ASN A 474 12.62 -14.20 -13.85
CA ASN A 474 12.39 -12.76 -13.84
C ASN A 474 10.95 -12.54 -13.38
N GLY A 475 10.78 -12.02 -12.17
CA GLY A 475 9.48 -11.73 -11.62
C GLY A 475 9.17 -12.57 -10.40
N ARG A 476 7.94 -12.40 -9.91
CA ARG A 476 7.47 -13.08 -8.72
C ARG A 476 6.05 -13.59 -8.96
N GLU A 477 5.66 -14.60 -8.17
CA GLU A 477 4.35 -15.19 -8.25
C GLU A 477 3.81 -15.41 -6.84
N LEU A 478 2.49 -15.66 -6.76
CA LEU A 478 1.82 -15.98 -5.50
C LEU A 478 1.90 -14.85 -4.48
N GLY A 479 1.34 -13.69 -4.80
CA GLY A 479 1.25 -12.64 -3.81
C GLY A 479 0.80 -11.35 -4.45
N GLU A 480 0.66 -10.32 -3.62
CA GLU A 480 0.31 -9.01 -4.14
C GLU A 480 1.32 -8.54 -5.16
N TYR A 481 2.61 -8.71 -4.86
CA TYR A 481 3.65 -8.44 -5.84
C TYR A 481 3.51 -9.37 -7.04
N GLY A 482 3.10 -10.61 -6.80
CA GLY A 482 2.83 -11.51 -7.91
C GLY A 482 1.67 -11.05 -8.78
N PHE A 483 0.61 -10.53 -8.15
CA PHE A 483 -0.50 -9.98 -8.90
C PHE A 483 -0.13 -8.68 -9.61
N HIS A 484 0.93 -8.01 -9.16
CA HIS A 484 1.40 -6.81 -9.86
C HIS A 484 1.85 -7.12 -11.28
N GLU A 485 2.32 -8.35 -11.53
CA GLU A 485 2.93 -8.69 -12.81
C GLU A 485 1.90 -8.81 -13.94
N TYR A 486 0.64 -9.07 -13.61
CA TYR A 486 -0.38 -9.35 -14.62
C TYR A 486 -1.26 -8.14 -14.91
N THR A 487 -0.82 -6.93 -14.56
CA THR A 487 -1.60 -5.73 -14.77
C THR A 487 -0.74 -4.64 -15.40
N GLU A 488 -1.40 -3.77 -16.16
CA GLU A 488 -0.77 -2.61 -16.78
C GLU A 488 -1.35 -1.35 -16.17
N VAL A 489 -0.49 -0.36 -15.95
CA VAL A 489 -0.86 0.87 -15.28
C VAL A 489 -1.19 1.92 -16.33
N LYS A 490 -2.39 2.48 -16.24
CA LYS A 490 -2.80 3.60 -17.09
C LYS A 490 -3.01 4.83 -16.22
N THR A 491 -2.35 5.93 -16.59
CA THR A 491 -2.44 7.18 -15.86
C THR A 491 -3.37 8.13 -16.59
N VAL A 492 -4.37 8.65 -15.88
CA VAL A 492 -5.32 9.61 -16.42
C VAL A 492 -5.13 10.91 -15.66
N THR A 493 -4.91 12.00 -16.39
CA THR A 493 -4.74 13.33 -15.81
C THR A 493 -5.78 14.26 -16.43
N VAL A 494 -6.54 14.93 -15.58
CA VAL A 494 -7.64 15.80 -16.00
C VAL A 494 -7.34 17.22 -15.55
N LYS A 495 -7.43 18.17 -16.47
CA LYS A 495 -7.28 19.57 -16.11
C LYS A 495 -8.55 20.05 -15.43
N ILE A 496 -8.41 20.59 -14.22
CA ILE A 496 -9.54 21.05 -13.43
C ILE A 496 -9.41 22.55 -13.21
N SER A 497 -10.53 23.17 -12.85
CA SER A 497 -10.55 24.62 -12.67
C SER A 497 -9.65 25.05 -11.52
N GLN A 498 -9.68 24.31 -10.41
CA GLN A 498 -8.86 24.64 -9.24
C GLN A 498 -8.79 23.42 -8.34
N LYS A 499 -7.61 23.19 -7.76
CA LYS A 499 -7.39 22.06 -6.86
C LYS A 499 -7.17 22.57 -5.44
N ASN A 500 -7.61 21.77 -4.47
CA ASN A 500 -7.42 22.07 -3.07
C ASN A 500 -6.93 20.81 -2.36
N SER A 501 -6.09 21.00 -1.35
CA SER A 501 -5.54 19.89 -0.58
C SER A 501 -6.64 19.05 0.05
N LEU B 9 12.25 35.69 -14.02
CA LEU B 9 12.67 35.56 -15.41
C LEU B 9 14.02 34.86 -15.51
N PRO B 10 14.28 34.20 -16.63
CA PRO B 10 15.59 33.56 -16.82
C PRO B 10 16.71 34.58 -16.76
N VAL B 11 17.82 34.18 -16.17
CA VAL B 11 18.99 35.04 -16.03
C VAL B 11 19.81 34.96 -17.30
N LEU B 12 20.50 36.05 -17.63
CA LEU B 12 21.27 36.12 -18.85
C LEU B 12 22.37 35.06 -18.86
N LEU B 13 22.52 34.37 -19.99
CA LEU B 13 23.55 33.37 -20.14
C LEU B 13 24.92 34.03 -20.28
N THR B 14 25.96 33.27 -19.93
CA THR B 14 27.34 33.76 -19.90
C THR B 14 28.19 32.92 -20.86
N ASP B 15 29.50 33.18 -20.82
CA ASP B 15 30.43 32.40 -21.62
C ASP B 15 30.47 30.96 -21.15
N LEU B 16 30.57 30.03 -22.10
CA LEU B 16 30.58 28.60 -21.81
C LEU B 16 31.98 28.04 -22.02
N LYS B 17 32.56 27.48 -20.96
CA LYS B 17 33.82 26.76 -21.04
C LYS B 17 33.55 25.33 -20.59
N ILE B 18 33.96 24.37 -21.42
CA ILE B 18 33.68 22.96 -21.19
C ILE B 18 34.98 22.28 -20.81
N GLN B 19 35.02 21.73 -19.60
CA GLN B 19 36.20 21.02 -19.11
C GLN B 19 36.01 19.51 -19.00
N TYR B 20 34.79 19.04 -18.75
CA TYR B 20 34.54 17.63 -18.51
C TYR B 20 34.19 16.96 -19.83
N THR B 21 35.15 16.21 -20.38
CA THR B 21 34.97 15.52 -21.66
C THR B 21 35.53 14.10 -21.65
N LYS B 22 35.66 13.48 -20.48
CA LYS B 22 36.30 12.18 -20.35
C LYS B 22 35.31 11.16 -19.79
N ILE B 23 35.82 9.95 -19.57
CA ILE B 23 35.03 8.87 -19.01
C ILE B 23 35.10 8.93 -17.50
N PHE B 24 33.95 8.87 -16.84
CA PHE B 24 33.83 9.07 -15.39
C PHE B 24 33.69 7.70 -14.73
N ILE B 25 34.77 7.22 -14.12
CA ILE B 25 34.79 5.92 -13.46
C ILE B 25 35.44 6.08 -12.09
N ASN B 26 34.78 5.53 -11.06
CA ASN B 26 35.28 5.56 -9.69
C ASN B 26 35.60 6.98 -9.23
N ASN B 27 34.68 7.90 -9.53
CA ASN B 27 34.83 9.31 -9.20
C ASN B 27 36.16 9.85 -9.72
N GLU B 28 36.56 9.39 -10.90
CA GLU B 28 37.80 9.82 -11.55
C GLU B 28 37.52 10.02 -13.03
N TRP B 29 38.44 10.72 -13.70
CA TRP B 29 38.34 10.99 -15.13
C TRP B 29 39.42 10.21 -15.86
N HIS B 30 39.00 9.29 -16.72
CA HIS B 30 39.90 8.43 -17.46
C HIS B 30 39.78 8.68 -18.95
N ASP B 31 40.91 8.70 -19.64
CA ASP B 31 40.90 8.64 -21.09
C ASP B 31 40.47 7.24 -21.55
N SER B 32 39.86 7.18 -22.73
CA SER B 32 39.45 5.90 -23.27
C SER B 32 40.67 5.04 -23.58
N VAL B 33 40.49 3.72 -23.50
CA VAL B 33 41.59 2.80 -23.72
C VAL B 33 42.12 2.93 -25.14
N SER B 34 41.22 3.01 -26.12
CA SER B 34 41.63 3.15 -27.51
C SER B 34 42.25 4.51 -27.81
N GLY B 35 42.01 5.52 -26.96
CA GLY B 35 42.56 6.83 -27.20
C GLY B 35 41.81 7.68 -28.21
N LYS B 36 40.67 7.21 -28.70
CA LYS B 36 39.92 7.92 -29.71
C LYS B 36 38.91 8.87 -29.08
N LYS B 37 38.76 10.04 -29.68
CA LYS B 37 37.85 11.07 -29.21
C LYS B 37 36.96 11.51 -30.36
N PHE B 38 35.65 11.55 -30.11
CA PHE B 38 34.79 12.02 -31.18
C PHE B 38 34.29 13.43 -30.88
N PRO B 39 34.13 14.27 -31.90
CA PRO B 39 33.66 15.64 -31.66
C PRO B 39 32.17 15.70 -31.38
N VAL B 40 31.75 16.83 -30.83
CA VAL B 40 30.34 17.12 -30.61
C VAL B 40 30.03 18.47 -31.24
N PHE B 41 28.86 18.56 -31.89
CA PHE B 41 28.53 19.72 -32.70
C PHE B 41 27.40 20.53 -32.09
N ASN B 42 27.29 21.78 -32.55
CA ASN B 42 26.22 22.68 -32.14
C ASN B 42 25.19 22.77 -33.26
N PRO B 43 23.95 22.33 -33.02
CA PRO B 43 22.96 22.35 -34.12
C PRO B 43 22.67 23.74 -34.66
N ALA B 44 22.73 24.76 -33.82
CA ALA B 44 22.34 26.10 -34.24
C ALA B 44 23.27 26.63 -35.33
N THR B 45 24.57 26.42 -35.18
CA THR B 45 25.55 27.01 -36.09
C THR B 45 26.46 25.98 -36.75
N GLU B 46 26.25 24.69 -36.51
CA GLU B 46 27.09 23.63 -37.05
C GLU B 46 28.56 23.89 -36.75
N GLU B 47 28.88 23.89 -35.46
CA GLU B 47 30.23 24.09 -34.98
C GLU B 47 30.57 23.02 -33.94
N GLU B 48 31.84 22.60 -33.96
CA GLU B 48 32.31 21.62 -32.98
C GLU B 48 32.42 22.28 -31.61
N LEU B 49 31.73 21.71 -30.62
CA LEU B 49 31.86 22.20 -29.26
C LEU B 49 33.19 21.77 -28.66
N CYS B 50 33.46 20.46 -28.65
CA CYS B 50 34.71 19.92 -28.13
C CYS B 50 34.75 18.44 -28.48
N GLN B 51 35.90 17.81 -28.20
CA GLN B 51 36.08 16.38 -28.37
C GLN B 51 35.77 15.68 -27.06
N VAL B 52 35.11 14.53 -27.15
CA VAL B 52 34.73 13.74 -25.99
C VAL B 52 35.32 12.34 -26.16
N GLU B 53 35.88 11.80 -25.08
CA GLU B 53 36.47 10.47 -25.11
C GLU B 53 35.42 9.44 -25.55
N GLU B 54 35.83 8.53 -26.43
CA GLU B 54 34.92 7.57 -27.04
C GLU B 54 35.01 6.25 -26.28
N GLY B 55 33.94 5.90 -25.59
CA GLY B 55 33.93 4.65 -24.86
C GLY B 55 33.79 3.45 -25.77
N ASP B 56 34.18 2.29 -25.24
CA ASP B 56 34.11 1.04 -25.98
C ASP B 56 33.85 -0.09 -25.00
N LYS B 57 34.07 -1.33 -25.46
CA LYS B 57 33.78 -2.50 -24.64
C LYS B 57 34.65 -2.54 -23.39
N GLU B 58 35.94 -2.23 -23.53
CA GLU B 58 36.86 -2.29 -22.40
C GLU B 58 36.48 -1.27 -21.33
N ASP B 59 36.11 -0.06 -21.74
CA ASP B 59 35.72 0.96 -20.78
C ASP B 59 34.44 0.56 -20.05
N VAL B 60 33.47 0.00 -20.78
CA VAL B 60 32.25 -0.49 -20.15
C VAL B 60 32.57 -1.58 -19.15
N ASP B 61 33.48 -2.49 -19.51
CA ASP B 61 33.84 -3.57 -18.60
C ASP B 61 34.49 -3.01 -17.33
N LYS B 62 35.37 -2.02 -17.49
CA LYS B 62 36.00 -1.41 -16.33
C LYS B 62 34.98 -0.74 -15.43
N ALA B 63 34.03 -0.01 -16.02
CA ALA B 63 33.00 0.66 -15.22
C ALA B 63 32.12 -0.36 -14.50
N VAL B 64 31.80 -1.47 -15.16
CA VAL B 64 30.99 -2.50 -14.52
C VAL B 64 31.76 -3.13 -13.37
N LYS B 65 33.06 -3.34 -13.52
CA LYS B 65 33.87 -3.85 -12.42
C LYS B 65 33.83 -2.89 -11.24
N ALA B 66 33.99 -1.59 -11.51
CA ALA B 66 33.96 -0.60 -10.44
C ALA B 66 32.62 -0.60 -9.71
N ALA B 67 31.52 -0.63 -10.47
CA ALA B 67 30.20 -0.62 -9.87
C ALA B 67 29.96 -1.88 -9.05
N ARG B 68 30.36 -3.04 -9.59
CA ARG B 68 30.18 -4.30 -8.87
C ARG B 68 30.94 -4.28 -7.56
N GLN B 69 32.17 -3.76 -7.58
CA GLN B 69 32.93 -3.63 -6.34
C GLN B 69 32.25 -2.70 -5.36
N ALA B 70 31.69 -1.59 -5.86
CA ALA B 70 30.99 -0.66 -4.99
C ALA B 70 29.67 -1.20 -4.46
N PHE B 71 29.14 -2.27 -5.05
CA PHE B 71 27.88 -2.87 -4.62
C PHE B 71 28.07 -4.03 -3.66
N GLN B 72 29.32 -4.37 -3.30
CA GLN B 72 29.57 -5.53 -2.47
C GLN B 72 28.98 -5.36 -1.07
N ILE B 73 28.69 -6.49 -0.43
CA ILE B 73 28.15 -6.48 0.92
C ILE B 73 29.21 -5.93 1.87
N GLY B 74 28.79 -5.00 2.74
CA GLY B 74 29.70 -4.35 3.66
C GLY B 74 30.39 -3.13 3.11
N SER B 75 30.16 -2.79 1.85
CA SER B 75 30.73 -1.59 1.26
C SER B 75 30.05 -0.35 1.84
N PRO B 76 30.69 0.82 1.74
CA PRO B 76 30.07 2.03 2.28
C PRO B 76 28.70 2.34 1.72
N TRP B 77 28.45 2.03 0.45
CA TRP B 77 27.14 2.34 -0.14
C TRP B 77 26.07 1.37 0.33
N ARG B 78 26.45 0.14 0.69
CA ARG B 78 25.46 -0.86 1.08
C ARG B 78 25.07 -0.72 2.55
N THR B 79 26.03 -0.38 3.41
CA THR B 79 25.72 -0.20 4.82
C THR B 79 25.15 1.18 5.12
N MET B 80 25.21 2.10 4.15
CA MET B 80 24.70 3.45 4.35
C MET B 80 23.20 3.44 4.59
N ASP B 81 22.74 4.33 5.46
CA ASP B 81 21.33 4.45 5.76
C ASP B 81 20.56 4.98 4.56
N ALA B 82 19.30 4.55 4.43
CA ALA B 82 18.46 5.04 3.34
C ALA B 82 18.24 6.54 3.46
N SER B 83 18.02 7.04 4.68
CA SER B 83 17.90 8.47 4.88
C SER B 83 19.15 9.19 4.41
N GLU B 84 20.32 8.57 4.58
CA GLU B 84 21.55 9.18 4.09
C GLU B 84 21.57 9.21 2.57
N ARG B 85 21.02 8.18 1.92
CA ARG B 85 20.91 8.20 0.46
C ARG B 85 20.02 9.35 0.00
N GLY B 86 18.89 9.53 0.68
CA GLY B 86 18.05 10.68 0.37
C GLY B 86 18.75 12.00 0.60
N ARG B 87 19.54 12.08 1.67
CA ARG B 87 20.30 13.29 1.95
C ARG B 87 21.30 13.58 0.84
N LEU B 88 21.99 12.54 0.36
CA LEU B 88 22.92 12.72 -0.75
C LEU B 88 22.20 13.18 -2.02
N LEU B 89 21.03 12.61 -2.30
CA LEU B 89 20.28 13.05 -3.47
C LEU B 89 19.83 14.51 -3.34
N TYR B 90 19.41 14.91 -2.14
CA TYR B 90 19.04 16.31 -1.93
C TYR B 90 20.24 17.23 -2.11
N LYS B 91 21.40 16.81 -1.62
CA LYS B 91 22.60 17.62 -1.81
C LYS B 91 22.95 17.74 -3.29
N LEU B 92 22.78 16.65 -4.04
CA LEU B 92 23.02 16.71 -5.48
C LEU B 92 22.06 17.68 -6.16
N ALA B 93 20.79 17.64 -5.76
CA ALA B 93 19.81 18.58 -6.31
C ALA B 93 20.13 20.03 -5.97
N ASP B 94 20.58 20.30 -4.74
CA ASP B 94 20.98 21.66 -4.39
C ASP B 94 22.19 22.11 -5.18
N LEU B 95 23.16 21.22 -5.39
CA LEU B 95 24.32 21.55 -6.22
C LEU B 95 23.89 21.85 -7.65
N ILE B 96 22.95 21.07 -8.19
CA ILE B 96 22.43 21.33 -9.53
C ILE B 96 21.75 22.70 -9.58
N GLU B 97 20.95 23.01 -8.56
CA GLU B 97 20.29 24.30 -8.53
C GLU B 97 21.29 25.44 -8.42
N ARG B 98 22.44 25.21 -7.80
CA ARG B 98 23.48 26.23 -7.75
C ARG B 98 24.01 26.55 -9.15
N ASP B 99 24.18 25.52 -9.98
CA ASP B 99 24.71 25.67 -11.32
C ASP B 99 23.61 25.60 -12.38
N ARG B 100 22.46 26.19 -12.09
CA ARG B 100 21.34 26.14 -13.02
C ARG B 100 21.68 26.85 -14.33
N LEU B 101 22.34 28.00 -14.26
CA LEU B 101 22.63 28.76 -15.46
C LEU B 101 23.58 28.02 -16.39
N LEU B 102 24.69 27.49 -15.86
CA LEU B 102 25.66 26.82 -16.71
C LEU B 102 25.06 25.57 -17.35
N LEU B 103 24.31 24.78 -16.57
CA LEU B 103 23.69 23.58 -17.11
C LEU B 103 22.65 23.92 -18.16
N ALA B 104 21.85 24.97 -17.92
CA ALA B 104 20.85 25.37 -18.90
C ALA B 104 21.50 25.82 -20.20
N THR B 105 22.58 26.61 -20.09
CA THR B 105 23.27 27.07 -21.29
C THR B 105 23.92 25.91 -22.04
N MET B 106 24.52 24.97 -21.32
CA MET B 106 25.11 23.81 -21.98
C MET B 106 24.06 22.96 -22.68
N GLU B 107 22.90 22.79 -22.03
CA GLU B 107 21.80 22.07 -22.67
C GLU B 107 21.34 22.79 -23.94
N SER B 108 21.21 24.11 -23.87
CA SER B 108 20.79 24.88 -25.05
C SER B 108 21.78 24.73 -26.20
N MET B 109 23.08 24.87 -25.90
CA MET B 109 24.08 24.78 -26.96
C MET B 109 24.14 23.38 -27.54
N ASN B 110 24.26 22.36 -26.69
CA ASN B 110 24.46 21.00 -27.18
C ASN B 110 23.20 20.47 -27.86
N GLY B 111 22.04 20.60 -27.23
CA GLY B 111 20.82 20.03 -27.76
C GLY B 111 20.06 20.93 -28.72
N GLY B 112 20.49 22.16 -28.91
CA GLY B 112 19.80 23.08 -29.80
C GLY B 112 18.39 23.37 -29.33
N LYS B 113 18.25 23.74 -28.06
CA LYS B 113 16.94 23.96 -27.45
C LYS B 113 16.86 25.36 -26.87
N LEU B 114 15.65 25.91 -26.85
CA LEU B 114 15.43 27.27 -26.37
C LEU B 114 15.93 27.44 -24.95
N TYR B 115 16.62 28.55 -24.71
CA TYR B 115 17.19 28.80 -23.38
C TYR B 115 16.10 28.93 -22.33
N SER B 116 15.00 29.61 -22.66
CA SER B 116 13.91 29.76 -21.71
C SER B 116 13.30 28.41 -21.35
N ASN B 117 13.12 27.53 -22.34
CA ASN B 117 12.62 26.19 -22.06
C ASN B 117 13.66 25.35 -21.34
N ALA B 118 14.94 25.53 -21.68
CA ALA B 118 16.00 24.79 -20.99
C ALA B 118 16.09 25.19 -19.52
N TYR B 119 15.70 26.42 -19.19
CA TYR B 119 15.83 26.92 -17.83
C TYR B 119 14.56 26.68 -17.00
N LEU B 120 13.41 27.05 -17.53
CA LEU B 120 12.15 26.99 -16.80
C LEU B 120 11.44 25.66 -16.90
N ASN B 121 11.91 24.74 -17.74
CA ASN B 121 11.23 23.47 -17.89
C ASN B 121 12.14 22.27 -17.66
N ASP B 122 13.41 22.37 -18.07
CA ASP B 122 14.31 21.23 -17.93
C ASP B 122 14.94 21.18 -16.54
N LEU B 123 15.60 22.26 -16.14
CA LEU B 123 16.28 22.27 -14.84
C LEU B 123 15.28 22.13 -13.70
N ALA B 124 14.13 22.79 -13.80
CA ALA B 124 13.11 22.67 -12.78
C ALA B 124 12.61 21.23 -12.67
N GLY B 125 12.37 20.58 -13.82
CA GLY B 125 11.94 19.19 -13.78
C GLY B 125 13.00 18.27 -13.19
N CYS B 126 14.27 18.50 -13.54
CA CYS B 126 15.36 17.70 -12.98
C CYS B 126 15.41 17.84 -11.46
N ILE B 127 15.33 19.09 -10.97
CA ILE B 127 15.40 19.33 -9.54
C ILE B 127 14.21 18.68 -8.83
N LYS B 128 13.01 18.84 -9.39
CA LYS B 128 11.83 18.25 -8.76
C LYS B 128 11.91 16.73 -8.73
N THR B 129 12.37 16.12 -9.83
CA THR B 129 12.50 14.67 -9.86
C THR B 129 13.52 14.18 -8.86
N LEU B 130 14.66 14.87 -8.78
CA LEU B 130 15.69 14.48 -7.82
C LEU B 130 15.17 14.56 -6.39
N ARG B 131 14.46 15.64 -6.06
CA ARG B 131 13.95 15.79 -4.70
C ARG B 131 12.85 14.78 -4.41
N TYR B 132 12.02 14.47 -5.40
CA TYR B 132 11.00 13.42 -5.21
C TYR B 132 11.63 12.07 -4.95
N CYS B 133 12.64 11.71 -5.73
CA CYS B 133 13.34 10.44 -5.50
C CYS B 133 14.04 10.42 -4.15
N ALA B 134 14.65 11.54 -3.77
CA ALA B 134 15.28 11.63 -2.47
C ALA B 134 14.27 11.44 -1.34
N GLY B 135 13.07 11.99 -1.51
CA GLY B 135 12.02 11.73 -0.53
C GLY B 135 11.62 10.26 -0.49
N TRP B 136 11.51 9.63 -1.66
CA TRP B 136 11.15 8.22 -1.71
C TRP B 136 12.24 7.30 -1.16
N ALA B 137 13.47 7.80 -1.06
CA ALA B 137 14.61 6.96 -0.67
C ALA B 137 14.33 6.05 0.51
N ASP B 138 13.88 6.60 1.63
CA ASP B 138 13.74 5.84 2.87
C ASP B 138 12.28 5.57 3.23
N LYS B 139 11.43 5.36 2.22
CA LYS B 139 10.03 5.12 2.47
C LYS B 139 9.46 3.93 1.71
N ILE B 140 10.27 3.18 0.98
CA ILE B 140 9.82 1.95 0.35
C ILE B 140 10.03 0.81 1.34
N GLN B 141 9.00 -0.01 1.51
CA GLN B 141 8.96 -0.97 2.59
C GLN B 141 8.58 -2.35 2.09
N GLY B 142 9.10 -3.37 2.76
CA GLY B 142 8.68 -4.73 2.53
C GLY B 142 7.34 -4.98 3.20
N ARG B 143 7.09 -6.25 3.54
CA ARG B 143 5.82 -6.62 4.14
C ARG B 143 6.02 -7.75 5.13
N THR B 144 5.05 -7.92 6.01
CA THR B 144 4.96 -9.12 6.84
C THR B 144 3.67 -9.85 6.47
N ILE B 145 3.77 -11.14 6.25
CA ILE B 145 2.75 -11.90 5.53
C ILE B 145 2.14 -12.92 6.48
N PRO B 146 0.81 -13.03 6.54
CA PRO B 146 0.14 -14.06 7.38
C PRO B 146 0.14 -15.42 6.71
N ILE B 147 1.33 -16.01 6.60
CA ILE B 147 1.47 -17.32 5.97
C ILE B 147 0.84 -18.38 6.86
N ASP B 148 0.39 -19.47 6.23
CA ASP B 148 -0.16 -20.58 6.99
C ASP B 148 0.93 -21.30 7.78
N GLY B 149 0.53 -21.95 8.86
CA GLY B 149 1.45 -22.69 9.68
C GLY B 149 2.18 -21.81 10.67
N ASN B 150 2.94 -22.45 11.56
CA ASN B 150 3.67 -21.75 12.62
C ASN B 150 4.93 -21.14 12.01
N PHE B 151 4.72 -20.13 11.17
CA PHE B 151 5.84 -19.47 10.49
C PHE B 151 5.66 -17.97 10.57
N PHE B 152 6.78 -17.27 10.52
CA PHE B 152 6.83 -15.82 10.44
C PHE B 152 7.52 -15.46 9.13
N THR B 153 6.79 -14.80 8.24
CA THR B 153 7.27 -14.53 6.89
C THR B 153 7.28 -13.03 6.63
N TYR B 154 8.36 -12.53 6.06
CA TYR B 154 8.43 -11.15 5.64
C TYR B 154 9.15 -11.06 4.31
N THR B 155 9.02 -9.90 3.66
CA THR B 155 9.62 -9.65 2.37
C THR B 155 10.34 -8.32 2.39
N ARG B 156 11.57 -8.32 1.90
CA ARG B 156 12.41 -7.12 1.79
C ARG B 156 12.58 -6.76 0.32
N HIS B 157 12.64 -5.46 0.07
CA HIS B 157 12.87 -4.93 -1.28
C HIS B 157 14.30 -4.40 -1.32
N GLU B 158 15.17 -5.15 -1.98
CA GLU B 158 16.59 -4.85 -2.04
C GLU B 158 16.96 -4.24 -3.38
N PRO B 159 18.08 -3.52 -3.44
CA PRO B 159 18.57 -3.07 -4.75
C PRO B 159 18.89 -4.26 -5.64
N ILE B 160 18.64 -4.09 -6.94
CA ILE B 160 18.85 -5.17 -7.88
C ILE B 160 20.34 -5.44 -8.05
N GLY B 161 21.13 -4.40 -8.24
CA GLY B 161 22.55 -4.57 -8.47
C GLY B 161 23.12 -3.49 -9.36
N VAL B 162 23.79 -3.90 -10.44
CA VAL B 162 24.35 -2.95 -11.39
C VAL B 162 23.33 -2.68 -12.49
N CYS B 163 23.05 -1.41 -12.74
CA CYS B 163 22.08 -0.99 -13.75
C CYS B 163 22.80 -0.17 -14.81
N GLY B 164 22.75 -0.63 -16.05
CA GLY B 164 23.27 0.11 -17.18
C GLY B 164 22.15 0.85 -17.88
N GLN B 165 22.33 2.16 -18.04
CA GLN B 165 21.27 3.02 -18.54
C GLN B 165 21.73 3.76 -19.79
N ILE B 166 20.85 3.82 -20.78
CA ILE B 166 21.13 4.39 -22.09
C ILE B 166 20.17 5.56 -22.31
N ILE B 167 20.73 6.75 -22.49
CA ILE B 167 20.00 8.01 -22.50
C ILE B 167 19.78 8.47 -23.94
N PRO B 168 18.66 9.11 -24.24
CA PRO B 168 18.50 9.73 -25.57
C PRO B 168 19.04 11.15 -25.58
N TRP B 169 18.91 11.84 -26.72
CA TRP B 169 19.48 13.17 -26.89
C TRP B 169 18.46 14.30 -26.76
N ASN B 170 17.15 13.99 -26.82
CA ASN B 170 16.16 15.06 -26.83
C ASN B 170 16.08 15.76 -25.47
N PHE B 171 16.13 14.99 -24.38
CA PHE B 171 16.12 15.54 -23.03
C PHE B 171 17.27 14.92 -22.27
N PRO B 172 18.50 15.38 -22.49
CA PRO B 172 19.66 14.77 -21.82
C PRO B 172 19.58 14.82 -20.31
N LEU B 173 19.43 16.02 -19.74
CA LEU B 173 19.42 16.17 -18.30
C LEU B 173 18.19 15.50 -17.69
N VAL B 174 17.02 15.71 -18.30
CA VAL B 174 15.77 15.20 -17.70
C VAL B 174 15.77 13.68 -17.69
N MET B 175 16.16 13.06 -18.81
CA MET B 175 16.21 11.61 -18.85
C MET B 175 17.30 11.07 -17.95
N LEU B 176 18.46 11.73 -17.90
CA LEU B 176 19.52 11.31 -17.00
C LEU B 176 19.03 11.30 -15.54
N ILE B 177 18.29 12.33 -15.15
CA ILE B 177 17.75 12.40 -13.80
C ILE B 177 16.72 11.31 -13.59
N TRP B 178 15.82 11.11 -14.55
CA TRP B 178 14.81 10.07 -14.43
C TRP B 178 15.44 8.69 -14.32
N LYS B 179 16.65 8.51 -14.85
CA LYS B 179 17.34 7.24 -14.75
C LYS B 179 18.07 7.08 -13.42
N ILE B 180 18.84 8.09 -13.01
CA ILE B 180 19.67 7.94 -11.82
C ILE B 180 18.97 8.35 -10.54
N GLY B 181 17.72 8.76 -10.60
CA GLY B 181 16.98 9.05 -9.38
C GLY B 181 16.45 7.80 -8.72
N PRO B 182 15.55 7.09 -9.39
CA PRO B 182 15.04 5.82 -8.83
C PRO B 182 16.12 4.78 -8.63
N ALA B 183 17.18 4.80 -9.42
CA ALA B 183 18.23 3.79 -9.28
C ALA B 183 19.04 4.02 -8.01
N LEU B 184 19.47 5.25 -7.77
CA LEU B 184 20.25 5.55 -6.58
C LEU B 184 19.39 5.58 -5.32
N SER B 185 18.10 5.92 -5.47
CA SER B 185 17.21 5.93 -4.31
C SER B 185 17.03 4.53 -3.74
N CYS B 186 16.90 3.53 -4.60
CA CYS B 186 16.74 2.15 -4.16
C CYS B 186 18.06 1.51 -3.75
N GLY B 187 19.19 2.19 -3.94
CA GLY B 187 20.47 1.69 -3.52
C GLY B 187 21.34 1.09 -4.59
N ASN B 188 20.89 1.07 -5.84
CA ASN B 188 21.66 0.46 -6.92
C ASN B 188 22.85 1.34 -7.29
N THR B 189 23.74 0.78 -8.11
CA THR B 189 24.85 1.50 -8.70
C THR B 189 24.68 1.48 -10.22
N VAL B 190 25.10 2.56 -10.88
CA VAL B 190 24.75 2.79 -12.27
C VAL B 190 26.00 2.98 -13.12
N VAL B 191 25.96 2.43 -14.33
CA VAL B 191 26.88 2.74 -15.40
C VAL B 191 26.04 3.26 -16.55
N VAL B 192 26.16 4.54 -16.85
CA VAL B 192 25.28 5.18 -17.83
C VAL B 192 26.05 5.46 -19.10
N LYS B 193 25.32 5.42 -20.21
CA LYS B 193 25.86 5.71 -21.54
C LYS B 193 25.02 6.84 -22.14
N PRO B 194 25.56 8.05 -22.19
CA PRO B 194 24.81 9.18 -22.78
C PRO B 194 24.84 9.10 -24.30
N ALA B 195 23.90 9.82 -24.90
CA ALA B 195 23.82 9.87 -26.36
C ALA B 195 25.06 10.54 -26.93
N GLU B 196 25.51 10.05 -28.09
CA GLU B 196 26.70 10.60 -28.72
C GLU B 196 26.47 12.03 -29.22
N GLN B 197 25.21 12.46 -29.33
CA GLN B 197 24.94 13.83 -29.77
C GLN B 197 25.12 14.83 -28.63
N THR B 198 24.73 14.46 -27.42
CA THR B 198 24.70 15.37 -26.28
C THR B 198 25.31 14.73 -25.05
N PRO B 199 26.64 14.70 -24.95
CA PRO B 199 27.28 14.05 -23.80
C PRO B 199 27.70 14.98 -22.68
N LEU B 200 27.70 16.29 -22.91
CA LEU B 200 28.40 17.21 -22.00
C LEU B 200 27.67 17.42 -20.68
N THR B 201 26.34 17.59 -20.72
CA THR B 201 25.59 17.86 -19.51
C THR B 201 25.71 16.72 -18.52
N ALA B 202 25.68 15.47 -19.01
CA ALA B 202 25.86 14.32 -18.14
C ALA B 202 27.23 14.32 -17.48
N LEU B 203 28.27 14.75 -18.20
CA LEU B 203 29.60 14.81 -17.60
C LEU B 203 29.69 15.88 -16.52
N HIS B 204 29.08 17.04 -16.76
CA HIS B 204 29.06 18.05 -15.71
C HIS B 204 28.30 17.56 -14.48
N VAL B 205 27.18 16.87 -14.71
CA VAL B 205 26.43 16.29 -13.60
C VAL B 205 27.26 15.23 -12.89
N ALA B 206 28.10 14.50 -13.61
CA ALA B 206 28.98 13.53 -12.97
C ALA B 206 29.98 14.23 -12.06
N SER B 207 30.53 15.36 -12.51
CA SER B 207 31.42 16.13 -11.64
C SER B 207 30.69 16.61 -10.40
N LEU B 208 29.44 17.06 -10.56
CA LEU B 208 28.63 17.46 -9.42
C LEU B 208 28.38 16.28 -8.47
N ILE B 209 28.17 15.09 -9.04
CA ILE B 209 27.96 13.89 -8.23
C ILE B 209 29.19 13.58 -7.40
N LYS B 210 30.37 13.69 -8.01
CA LYS B 210 31.59 13.51 -7.24
C LYS B 210 31.69 14.54 -6.12
N GLU B 211 31.34 15.80 -6.41
CA GLU B 211 31.41 16.83 -5.38
C GLU B 211 30.42 16.58 -4.25
N ALA B 212 29.25 16.04 -4.56
CA ALA B 212 28.19 15.88 -3.56
C ALA B 212 28.61 14.95 -2.44
N GLY B 213 29.38 13.91 -2.74
CA GLY B 213 29.86 13.00 -1.74
C GLY B 213 29.42 11.56 -1.88
N PHE B 214 29.03 11.12 -3.07
CA PHE B 214 28.69 9.72 -3.26
C PHE B 214 29.95 8.87 -3.15
N PRO B 215 29.82 7.65 -2.63
CA PRO B 215 30.99 6.77 -2.56
C PRO B 215 31.52 6.48 -3.95
N PRO B 216 32.84 6.28 -4.10
CA PRO B 216 33.39 6.01 -5.43
C PRO B 216 32.80 4.74 -6.03
N GLY B 217 32.55 4.79 -7.33
CA GLY B 217 32.03 3.65 -8.06
C GLY B 217 30.52 3.57 -8.11
N VAL B 218 29.82 4.36 -7.29
CA VAL B 218 28.36 4.28 -7.27
C VAL B 218 27.79 4.73 -8.62
N VAL B 219 28.31 5.80 -9.18
CA VAL B 219 27.86 6.32 -10.47
C VAL B 219 29.05 6.39 -11.42
N ASN B 220 28.92 5.78 -12.59
CA ASN B 220 29.94 5.82 -13.61
C ASN B 220 29.30 6.21 -14.94
N ILE B 221 30.01 7.03 -15.71
CA ILE B 221 29.51 7.55 -16.98
C ILE B 221 30.51 7.23 -18.07
N VAL B 222 30.05 6.55 -19.11
CA VAL B 222 30.88 6.19 -20.25
C VAL B 222 30.27 6.82 -21.49
N PRO B 223 30.84 7.92 -21.99
CA PRO B 223 30.37 8.51 -23.25
C PRO B 223 31.01 7.82 -24.45
N GLY B 224 30.19 7.44 -25.42
CA GLY B 224 30.69 6.77 -26.61
C GLY B 224 29.67 6.67 -27.72
N TYR B 225 29.77 5.62 -28.53
CA TYR B 225 28.86 5.37 -29.63
C TYR B 225 27.95 4.20 -29.27
N GLY B 226 26.67 4.34 -29.61
CA GLY B 226 25.65 3.38 -29.26
C GLY B 226 25.91 1.95 -29.70
N PRO B 227 26.26 1.75 -30.98
CA PRO B 227 26.53 0.38 -31.45
C PRO B 227 27.67 -0.31 -30.72
N THR B 228 28.65 0.42 -30.21
CA THR B 228 29.76 -0.21 -29.51
C THR B 228 29.53 -0.22 -28.00
N ALA B 229 29.39 0.96 -27.40
CA ALA B 229 29.27 1.05 -25.95
C ALA B 229 27.91 0.51 -25.49
N GLY B 230 26.83 0.92 -26.16
CA GLY B 230 25.51 0.47 -25.76
C GLY B 230 25.35 -1.03 -25.85
N ALA B 231 25.83 -1.62 -26.95
CA ALA B 231 25.78 -3.07 -27.08
C ALA B 231 26.60 -3.76 -26.00
N ALA B 232 27.77 -3.22 -25.69
CA ALA B 232 28.60 -3.80 -24.64
C ALA B 232 27.87 -3.76 -23.30
N ILE B 233 27.19 -2.66 -23.01
CA ILE B 233 26.41 -2.57 -21.78
C ILE B 233 25.28 -3.59 -21.77
N SER B 234 24.59 -3.74 -22.91
CA SER B 234 23.45 -4.63 -22.96
C SER B 234 23.87 -6.09 -22.96
N SER B 235 25.05 -6.39 -23.51
CA SER B 235 25.48 -7.78 -23.61
C SER B 235 26.31 -8.21 -22.40
N HIS B 236 26.70 -7.27 -21.55
CA HIS B 236 27.53 -7.60 -20.40
C HIS B 236 26.81 -8.56 -19.47
N MET B 237 27.55 -9.53 -18.93
CA MET B 237 26.97 -10.54 -18.06
C MET B 237 26.91 -10.12 -16.60
N ASP B 238 27.85 -9.27 -16.16
CA ASP B 238 27.84 -8.82 -14.78
C ASP B 238 26.70 -7.85 -14.52
N ILE B 239 26.32 -7.07 -15.53
CA ILE B 239 25.25 -6.09 -15.36
C ILE B 239 23.94 -6.80 -15.07
N ASP B 240 23.24 -6.34 -14.03
CA ASP B 240 22.02 -7.00 -13.59
C ASP B 240 20.76 -6.46 -14.26
N LYS B 241 20.70 -5.15 -14.50
CA LYS B 241 19.54 -4.56 -15.14
C LYS B 241 19.99 -3.56 -16.19
N VAL B 242 19.21 -3.42 -17.26
CA VAL B 242 19.48 -2.43 -18.30
C VAL B 242 18.21 -1.63 -18.53
N ALA B 243 18.33 -0.31 -18.46
CA ALA B 243 17.26 0.61 -18.82
C ALA B 243 17.69 1.39 -20.06
N PHE B 244 16.78 1.51 -21.02
CA PHE B 244 17.11 2.10 -22.31
C PHE B 244 15.97 3.00 -22.76
N THR B 245 16.31 4.23 -23.17
CA THR B 245 15.34 5.12 -23.80
C THR B 245 15.83 5.46 -25.20
N GLY B 246 14.98 5.25 -26.19
CA GLY B 246 15.38 5.49 -27.57
C GLY B 246 14.37 4.91 -28.54
N SER B 247 14.86 4.62 -29.75
CA SER B 247 14.00 4.16 -30.83
C SER B 247 13.58 2.70 -30.62
N THR B 248 12.51 2.31 -31.30
CA THR B 248 11.95 0.96 -31.12
C THR B 248 12.88 -0.10 -31.70
N GLU B 249 13.58 0.21 -32.78
CA GLU B 249 14.50 -0.77 -33.38
C GLU B 249 15.65 -1.09 -32.45
N VAL B 250 16.28 -0.05 -31.90
CA VAL B 250 17.36 -0.25 -30.95
C VAL B 250 16.84 -0.94 -29.70
N GLY B 251 15.60 -0.65 -29.31
CA GLY B 251 15.02 -1.32 -28.17
C GLY B 251 14.82 -2.80 -28.39
N LYS B 252 14.36 -3.17 -29.60
CA LYS B 252 14.25 -4.58 -29.97
C LYS B 252 15.61 -5.25 -29.91
N LEU B 253 16.63 -4.57 -30.44
CA LEU B 253 17.99 -5.12 -30.39
C LEU B 253 18.46 -5.29 -28.96
N ILE B 254 18.17 -4.32 -28.09
CA ILE B 254 18.58 -4.40 -26.69
C ILE B 254 17.90 -5.59 -26.02
N LYS B 255 16.60 -5.76 -26.25
CA LYS B 255 15.88 -6.87 -25.64
C LYS B 255 16.42 -8.20 -26.10
N GLU B 256 16.70 -8.34 -27.40
CA GLU B 256 17.25 -9.59 -27.90
C GLU B 256 18.65 -9.86 -27.33
N ALA B 257 19.49 -8.83 -27.26
CA ALA B 257 20.83 -9.00 -26.70
C ALA B 257 20.77 -9.40 -25.24
N ALA B 258 19.86 -8.79 -24.48
CA ALA B 258 19.69 -9.17 -23.08
C ALA B 258 19.18 -10.59 -22.95
N GLY B 259 18.29 -11.00 -23.86
CA GLY B 259 17.85 -12.38 -23.88
C GLY B 259 18.98 -13.35 -24.14
N LYS B 260 19.94 -12.95 -24.97
CA LYS B 260 21.05 -13.85 -25.30
C LYS B 260 21.97 -14.09 -24.11
N SER B 261 22.23 -13.06 -23.30
CA SER B 261 23.24 -13.16 -22.26
C SER B 261 22.65 -12.74 -20.92
N ASN B 262 22.80 -13.60 -19.92
CA ASN B 262 22.63 -13.27 -18.50
C ASN B 262 21.17 -13.08 -18.08
N LEU B 263 20.26 -13.03 -19.04
CA LEU B 263 18.83 -12.88 -18.76
C LEU B 263 18.56 -11.72 -17.81
N LYS B 264 19.22 -10.59 -18.05
CA LYS B 264 19.09 -9.44 -17.18
C LYS B 264 17.69 -8.82 -17.30
N ARG B 265 17.35 -7.98 -16.33
CA ARG B 265 16.11 -7.24 -16.36
C ARG B 265 16.21 -6.13 -17.38
N VAL B 266 15.11 -5.87 -18.09
CA VAL B 266 15.11 -4.92 -19.19
C VAL B 266 13.97 -3.93 -18.98
N THR B 267 14.27 -2.64 -19.10
CA THR B 267 13.28 -1.57 -19.13
C THR B 267 13.46 -0.80 -20.43
N LEU B 268 12.39 -0.67 -21.19
CA LEU B 268 12.42 -0.02 -22.49
C LEU B 268 11.46 1.16 -22.51
N GLU B 269 11.93 2.31 -22.98
CA GLU B 269 11.08 3.47 -23.23
C GLU B 269 11.22 3.84 -24.70
N LEU B 270 10.16 3.65 -25.47
CA LEU B 270 10.19 3.82 -26.91
C LEU B 270 9.13 4.84 -27.31
N GLY B 271 9.22 5.28 -28.56
CA GLY B 271 8.35 6.33 -29.06
C GLY B 271 6.93 5.84 -29.33
N GLY B 272 6.16 6.71 -29.95
CA GLY B 272 4.78 6.39 -30.26
C GLY B 272 4.16 7.45 -31.13
N LYS B 273 3.08 7.04 -31.80
CA LYS B 273 2.29 7.94 -32.65
C LYS B 273 1.05 8.33 -31.84
N SER B 274 1.20 9.34 -31.00
CA SER B 274 0.18 9.67 -30.02
C SER B 274 -0.99 10.39 -30.69
N PRO B 275 -2.22 9.90 -30.55
CA PRO B 275 -3.37 10.65 -31.05
C PRO B 275 -3.78 11.75 -30.09
N CYS B 276 -4.60 12.67 -30.61
CA CYS B 276 -5.12 13.78 -29.81
C CYS B 276 -6.53 14.07 -30.34
N ILE B 277 -7.54 13.62 -29.60
CA ILE B 277 -8.93 13.68 -30.06
C ILE B 277 -9.56 14.97 -29.55
N VAL B 278 -10.21 15.70 -30.45
CA VAL B 278 -10.93 16.93 -30.11
C VAL B 278 -12.38 16.75 -30.54
N LEU B 279 -13.29 16.87 -29.59
CA LEU B 279 -14.71 16.67 -29.83
C LEU B 279 -15.42 18.00 -30.02
N ALA B 280 -16.65 17.92 -30.54
CA ALA B 280 -17.39 19.13 -30.89
C ALA B 280 -17.67 20.01 -29.68
N ASP B 281 -17.81 19.41 -28.49
CA ASP B 281 -18.13 20.18 -27.30
C ASP B 281 -16.91 20.72 -26.58
N ALA B 282 -15.70 20.52 -27.13
CA ALA B 282 -14.49 20.99 -26.48
C ALA B 282 -14.33 22.50 -26.62
N ASP B 283 -13.62 23.10 -25.66
CA ASP B 283 -13.28 24.51 -25.74
C ASP B 283 -12.26 24.72 -26.85
N LEU B 284 -12.63 25.48 -27.88
CA LEU B 284 -11.82 25.52 -29.09
C LEU B 284 -10.46 26.16 -28.86
N ASP B 285 -10.41 27.26 -28.10
CA ASP B 285 -9.15 27.96 -27.90
C ASP B 285 -8.16 27.10 -27.12
N ASN B 286 -8.61 26.50 -26.01
CA ASN B 286 -7.73 25.65 -25.23
C ASN B 286 -7.29 24.44 -26.04
N ALA B 287 -8.21 23.85 -26.81
CA ALA B 287 -7.86 22.70 -27.64
C ALA B 287 -6.81 23.06 -28.67
N VAL B 288 -6.97 24.21 -29.33
CA VAL B 288 -6.00 24.64 -30.33
C VAL B 288 -4.64 24.87 -29.70
N GLU B 289 -4.61 25.62 -28.58
CA GLU B 289 -3.35 25.93 -27.94
C GLU B 289 -2.63 24.67 -27.49
N PHE B 290 -3.35 23.74 -26.87
CA PHE B 290 -2.69 22.57 -26.34
C PHE B 290 -2.36 21.54 -27.40
N ALA B 291 -3.12 21.47 -28.51
CA ALA B 291 -2.71 20.62 -29.62
C ALA B 291 -1.45 21.15 -30.27
N HIS B 292 -1.37 22.47 -30.48
CA HIS B 292 -0.17 23.09 -31.02
C HIS B 292 1.02 22.83 -30.10
N HIS B 293 0.82 23.00 -28.80
CA HIS B 293 1.89 22.73 -27.84
C HIS B 293 2.30 21.27 -27.87
N GLY B 294 1.34 20.35 -27.98
CA GLY B 294 1.65 18.95 -27.96
C GLY B 294 2.43 18.46 -29.16
N VAL B 295 2.11 18.98 -30.35
CA VAL B 295 2.82 18.51 -31.53
C VAL B 295 4.14 19.27 -31.71
N PHE B 296 4.16 20.57 -31.42
CA PHE B 296 5.30 21.41 -31.74
C PHE B 296 6.29 21.60 -30.59
N TYR B 297 6.07 20.97 -29.44
CA TYR B 297 6.98 21.18 -28.31
C TYR B 297 8.35 20.57 -28.59
N HIS B 298 9.39 21.35 -28.33
CA HIS B 298 10.78 20.92 -28.54
C HIS B 298 10.99 20.47 -29.99
N GLN B 299 10.51 21.28 -30.92
CA GLN B 299 10.64 21.02 -32.36
C GLN B 299 10.04 19.66 -32.73
N GLY B 300 9.07 19.21 -31.93
CA GLY B 300 8.43 17.94 -32.18
C GLY B 300 9.31 16.75 -31.86
N GLN B 301 10.44 17.01 -31.20
CA GLN B 301 11.36 15.94 -30.83
C GLN B 301 10.99 15.35 -29.47
N CYS B 302 9.74 14.91 -29.33
CA CYS B 302 9.27 14.32 -28.08
C CYS B 302 8.65 12.96 -28.39
N CYS B 303 8.82 12.02 -27.46
CA CYS B 303 8.27 10.68 -27.65
C CYS B 303 6.75 10.70 -27.63
N ILE B 304 6.16 11.64 -26.90
CA ILE B 304 4.72 11.66 -26.66
C ILE B 304 4.03 12.69 -27.56
N ALA B 305 4.77 13.22 -28.54
CA ALA B 305 4.23 14.27 -29.39
C ALA B 305 2.95 13.83 -30.09
N ALA B 306 1.92 14.67 -29.99
CA ALA B 306 0.62 14.36 -30.59
C ALA B 306 0.75 14.47 -32.10
N SER B 307 0.89 13.34 -32.78
CA SER B 307 1.14 13.32 -34.20
C SER B 307 -0.11 13.14 -35.04
N ARG B 308 -1.21 12.67 -34.46
CA ARG B 308 -2.46 12.45 -35.18
C ARG B 308 -3.57 13.21 -34.45
N ILE B 309 -3.89 14.40 -34.96
CA ILE B 309 -4.89 15.27 -34.35
C ILE B 309 -6.24 14.92 -34.94
N PHE B 310 -6.99 14.04 -34.28
CA PHE B 310 -8.35 13.75 -34.71
C PHE B 310 -9.27 14.86 -34.24
N VAL B 311 -9.99 15.45 -35.18
CA VAL B 311 -10.91 16.55 -34.89
C VAL B 311 -12.26 16.20 -35.49
N GLU B 312 -13.31 16.38 -34.69
CA GLU B 312 -14.65 16.03 -35.15
C GLU B 312 -15.04 16.88 -36.35
N GLU B 313 -15.85 16.29 -37.22
CA GLU B 313 -16.12 16.89 -38.53
C GLU B 313 -16.78 18.26 -38.39
N SER B 314 -17.77 18.37 -37.51
CA SER B 314 -18.58 19.59 -37.43
C SER B 314 -17.75 20.81 -37.05
N ILE B 315 -16.60 20.61 -36.42
CA ILE B 315 -15.70 21.70 -36.06
C ILE B 315 -14.35 21.59 -36.75
N TYR B 316 -14.26 20.78 -37.80
CA TYR B 316 -12.96 20.55 -38.46
C TYR B 316 -12.42 21.85 -39.04
N ASP B 317 -13.10 22.39 -40.05
CA ASP B 317 -12.61 23.54 -40.81
C ASP B 317 -12.09 24.63 -39.89
N GLU B 318 -12.95 25.14 -39.00
CA GLU B 318 -12.57 26.22 -38.10
C GLU B 318 -11.27 25.88 -37.39
N PHE B 319 -11.22 24.70 -36.76
CA PHE B 319 -10.02 24.30 -36.04
C PHE B 319 -8.80 24.42 -36.93
N VAL B 320 -8.88 23.83 -38.13
CA VAL B 320 -7.74 23.84 -39.04
C VAL B 320 -7.31 25.28 -39.28
N ARG B 321 -8.26 26.15 -39.60
CA ARG B 321 -7.93 27.53 -39.87
C ARG B 321 -7.14 28.11 -38.71
N ARG B 322 -7.68 27.98 -37.49
CA ARG B 322 -6.99 28.56 -36.34
C ARG B 322 -5.62 27.93 -36.18
N SER B 323 -5.54 26.60 -36.34
CA SER B 323 -4.25 25.92 -36.24
C SER B 323 -3.25 26.56 -37.19
N VAL B 324 -3.69 26.77 -38.44
CA VAL B 324 -2.79 27.35 -39.45
C VAL B 324 -2.24 28.68 -38.93
N GLU B 325 -3.13 29.53 -38.42
CA GLU B 325 -2.71 30.84 -37.95
C GLU B 325 -1.69 30.69 -36.83
N ARG B 326 -1.92 29.74 -35.93
CA ARG B 326 -0.97 29.53 -34.84
C ARG B 326 0.40 29.16 -35.39
N ALA B 327 0.42 28.27 -36.40
CA ALA B 327 1.70 27.84 -36.95
C ALA B 327 2.41 28.99 -37.65
N LYS B 328 1.66 30.02 -38.05
CA LYS B 328 2.31 31.17 -38.67
C LYS B 328 2.92 32.09 -37.63
N LYS B 329 2.40 32.05 -36.40
CA LYS B 329 2.97 32.91 -35.36
C LYS B 329 4.26 32.34 -34.79
N TYR B 330 4.61 31.09 -35.12
CA TYR B 330 5.86 30.52 -34.66
C TYR B 330 7.05 31.25 -35.26
N ILE B 331 8.03 31.54 -34.41
CA ILE B 331 9.26 32.22 -34.82
C ILE B 331 10.42 31.25 -34.73
N LEU B 332 11.26 31.24 -35.75
CA LEU B 332 12.33 30.27 -35.90
C LEU B 332 13.66 30.99 -35.91
N GLY B 333 14.57 30.58 -35.03
CA GLY B 333 15.86 31.24 -34.95
C GLY B 333 16.79 30.57 -33.96
N ASN B 334 17.85 31.30 -33.61
CA ASN B 334 18.86 30.78 -32.71
C ASN B 334 18.28 30.59 -31.31
N PRO B 335 18.57 29.47 -30.64
CA PRO B 335 17.94 29.20 -29.34
C PRO B 335 18.24 30.24 -28.27
N LEU B 336 19.50 30.66 -28.15
CA LEU B 336 19.86 31.59 -27.09
C LEU B 336 19.24 32.96 -27.31
N THR B 337 18.83 33.26 -28.54
CA THR B 337 18.18 34.53 -28.85
C THR B 337 16.84 34.63 -28.13
N PRO B 338 16.61 35.72 -27.40
CA PRO B 338 15.30 35.89 -26.76
C PRO B 338 14.19 36.11 -27.78
N GLY B 339 13.00 35.66 -27.44
CA GLY B 339 11.83 35.83 -28.28
C GLY B 339 11.60 34.73 -29.29
N VAL B 340 12.56 33.84 -29.49
CA VAL B 340 12.38 32.70 -30.38
C VAL B 340 11.66 31.60 -29.61
N THR B 341 10.91 30.78 -30.34
CA THR B 341 10.16 29.70 -29.73
C THR B 341 10.41 28.35 -30.39
N GLN B 342 11.33 28.28 -31.35
CA GLN B 342 11.69 27.00 -31.97
C GLN B 342 13.15 27.07 -32.40
N GLY B 343 13.92 26.05 -32.05
CA GLY B 343 15.32 26.00 -32.40
C GLY B 343 15.58 25.04 -33.54
N PRO B 344 16.84 24.63 -33.69
CA PRO B 344 17.19 23.72 -34.78
C PRO B 344 17.00 22.27 -34.41
N GLN B 345 16.96 21.40 -35.41
CA GLN B 345 16.92 19.97 -35.16
C GLN B 345 18.27 19.50 -34.62
N ILE B 346 18.26 18.31 -34.01
CA ILE B 346 19.40 17.88 -33.21
C ILE B 346 20.64 17.68 -34.08
N ASP B 347 20.48 17.08 -35.26
CA ASP B 347 21.62 16.84 -36.13
C ASP B 347 21.11 16.69 -37.56
N LYS B 348 22.05 16.53 -38.49
CA LYS B 348 21.71 16.55 -39.91
C LYS B 348 20.96 15.29 -40.36
N GLU B 349 21.20 14.15 -39.72
CA GLU B 349 20.50 12.93 -40.13
C GLU B 349 19.00 13.06 -39.88
N GLN B 350 18.62 13.50 -38.68
CA GLN B 350 17.21 13.74 -38.38
C GLN B 350 16.65 14.86 -39.24
N TYR B 351 17.46 15.87 -39.53
CA TYR B 351 17.04 16.97 -40.39
C TYR B 351 16.64 16.46 -41.77
N ASP B 352 17.50 15.65 -42.39
CA ASP B 352 17.19 15.08 -43.69
C ASP B 352 16.05 14.09 -43.62
N LYS B 353 15.94 13.33 -42.52
CA LYS B 353 14.82 12.42 -42.36
C LYS B 353 13.49 13.18 -42.31
N ILE B 354 13.46 14.30 -41.60
CA ILE B 354 12.26 15.12 -41.52
C ILE B 354 11.92 15.69 -42.89
N LEU B 355 12.94 16.17 -43.62
CA LEU B 355 12.69 16.70 -44.96
C LEU B 355 12.14 15.61 -45.87
N ASP B 356 12.69 14.40 -45.78
CA ASP B 356 12.21 13.29 -46.60
C ASP B 356 10.76 12.94 -46.26
N LEU B 357 10.43 12.90 -44.96
CA LEU B 357 9.06 12.60 -44.58
C LEU B 357 8.09 13.67 -45.04
N ILE B 358 8.48 14.95 -44.96
CA ILE B 358 7.63 16.01 -45.46
C ILE B 358 7.41 15.87 -46.96
N GLU B 359 8.48 15.57 -47.72
CA GLU B 359 8.33 15.38 -49.14
C GLU B 359 7.44 14.19 -49.46
N SER B 360 7.56 13.10 -48.71
CA SER B 360 6.71 11.95 -48.91
C SER B 360 5.26 12.25 -48.60
N GLY B 361 5.01 13.06 -47.57
CA GLY B 361 3.67 13.51 -47.26
C GLY B 361 3.08 14.32 -48.40
N LYS B 362 3.89 15.19 -48.98
CA LYS B 362 3.46 15.94 -50.16
C LYS B 362 3.14 15.01 -51.32
N LYS B 363 4.01 14.01 -51.53
CA LYS B 363 3.82 13.08 -52.65
C LYS B 363 2.56 12.25 -52.51
N GLU B 364 2.26 11.77 -51.31
CA GLU B 364 1.09 10.93 -51.10
C GLU B 364 -0.22 11.70 -51.20
N GLY B 365 -0.18 13.02 -51.26
CA GLY B 365 -1.37 13.80 -51.49
C GLY B 365 -2.07 14.28 -50.24
N ALA B 366 -1.32 14.90 -49.33
CA ALA B 366 -1.88 15.53 -48.14
C ALA B 366 -1.77 17.04 -48.29
N LYS B 367 -2.88 17.73 -48.00
CA LYS B 367 -2.92 19.17 -48.17
C LYS B 367 -1.93 19.85 -47.23
N LEU B 368 -1.14 20.77 -47.78
CA LEU B 368 -0.10 21.48 -47.03
C LEU B 368 -0.61 22.88 -46.71
N GLU B 369 -0.71 23.19 -45.43
CA GLU B 369 -1.24 24.48 -44.99
C GLU B 369 -0.15 25.50 -44.69
N CYS B 370 0.84 25.13 -43.90
CA CYS B 370 1.99 25.99 -43.61
C CYS B 370 3.25 25.15 -43.60
N GLY B 371 4.36 25.75 -44.05
CA GLY B 371 5.65 25.11 -43.98
C GLY B 371 5.93 24.15 -45.12
N GLY B 372 6.62 23.06 -44.81
CA GLY B 372 6.96 22.07 -45.81
C GLY B 372 8.32 22.20 -46.43
N GLY B 373 9.23 22.96 -45.81
CA GLY B 373 10.56 23.13 -46.36
C GLY B 373 11.56 23.58 -45.31
N PRO B 374 12.83 23.65 -45.69
CA PRO B 374 13.87 24.09 -44.75
C PRO B 374 13.86 25.59 -44.54
N TRP B 375 14.55 26.00 -43.49
CA TRP B 375 14.74 27.40 -43.16
C TRP B 375 16.20 27.65 -42.81
N GLY B 376 16.75 28.73 -43.36
CA GLY B 376 18.10 29.15 -42.99
C GLY B 376 19.21 28.37 -43.66
N ASN B 377 20.25 29.09 -44.08
CA ASN B 377 21.40 28.43 -44.69
C ASN B 377 22.25 27.71 -43.64
N LYS B 378 22.49 28.36 -42.51
CA LYS B 378 23.27 27.77 -41.43
C LYS B 378 22.34 27.29 -40.33
N GLY B 379 22.53 26.06 -39.90
CA GLY B 379 21.70 25.43 -38.90
C GLY B 379 20.93 24.26 -39.48
N TYR B 380 20.06 23.69 -38.64
CA TYR B 380 19.24 22.53 -38.99
C TYR B 380 17.77 22.86 -38.74
N PHE B 381 17.34 24.03 -39.22
CA PHE B 381 16.00 24.54 -38.94
C PHE B 381 15.03 24.07 -40.00
N VAL B 382 13.85 23.63 -39.57
CA VAL B 382 12.76 23.23 -40.45
C VAL B 382 11.55 24.07 -40.08
N GLN B 383 10.89 24.64 -41.10
CA GLN B 383 9.73 25.48 -40.85
C GLN B 383 8.63 24.66 -40.17
N PRO B 384 7.87 25.28 -39.26
CA PRO B 384 6.71 24.59 -38.70
C PRO B 384 5.72 24.25 -39.80
N THR B 385 5.23 23.01 -39.78
CA THR B 385 4.51 22.45 -40.90
C THR B 385 3.17 21.89 -40.46
N VAL B 386 2.16 22.02 -41.32
CA VAL B 386 0.82 21.54 -41.06
C VAL B 386 0.36 20.74 -42.26
N PHE B 387 -0.09 19.51 -42.02
CA PHE B 387 -0.65 18.65 -43.06
C PHE B 387 -2.10 18.34 -42.71
N SER B 388 -3.01 18.71 -43.60
CA SER B 388 -4.43 18.47 -43.42
C SER B 388 -4.90 17.34 -44.33
N ASN B 389 -6.11 16.87 -44.08
CA ASN B 389 -6.71 15.77 -44.85
C ASN B 389 -5.81 14.54 -44.85
N VAL B 390 -5.24 14.23 -43.68
CA VAL B 390 -4.38 13.07 -43.55
C VAL B 390 -5.23 11.82 -43.36
N THR B 391 -5.03 10.83 -44.22
CA THR B 391 -5.75 9.57 -44.15
C THR B 391 -4.91 8.53 -43.43
N ASP B 392 -5.55 7.43 -43.03
CA ASP B 392 -4.88 6.42 -42.23
C ASP B 392 -3.77 5.72 -42.98
N GLU B 393 -3.84 5.69 -44.31
CA GLU B 393 -2.86 4.96 -45.10
C GLU B 393 -1.58 5.75 -45.36
N MET B 394 -1.58 7.05 -45.10
CA MET B 394 -0.40 7.87 -45.37
C MET B 394 0.73 7.53 -44.41
N ARG B 395 1.97 7.62 -44.92
CA ARG B 395 3.13 7.33 -44.08
C ARG B 395 3.27 8.33 -42.94
N ILE B 396 2.87 9.58 -43.15
CA ILE B 396 2.95 10.58 -42.09
C ILE B 396 2.00 10.24 -40.95
N ALA B 397 1.05 9.34 -41.17
CA ALA B 397 0.13 8.90 -40.13
C ALA B 397 0.56 7.59 -39.47
N LYS B 398 1.68 6.99 -39.88
CA LYS B 398 2.13 5.73 -39.32
C LYS B 398 3.54 5.77 -38.75
N GLU B 399 4.38 6.70 -39.20
CA GLU B 399 5.79 6.72 -38.81
C GLU B 399 6.08 7.93 -37.95
N GLU B 400 6.81 7.71 -36.86
CA GLU B 400 7.13 8.77 -35.91
C GLU B 400 8.08 9.74 -36.61
N ILE B 401 7.55 10.90 -37.00
CA ILE B 401 8.35 11.88 -37.73
C ILE B 401 9.42 12.49 -36.85
N PHE B 402 9.09 12.75 -35.58
CA PHE B 402 9.99 13.35 -34.61
C PHE B 402 10.42 14.76 -35.01
N GLY B 403 9.59 15.45 -35.80
CA GLY B 403 9.88 16.79 -36.22
C GLY B 403 8.65 17.67 -36.11
N PRO B 404 8.81 18.97 -36.40
CA PRO B 404 7.69 19.92 -36.28
C PRO B 404 6.71 19.79 -37.44
N VAL B 405 6.07 18.63 -37.55
CA VAL B 405 5.09 18.34 -38.58
C VAL B 405 3.80 17.90 -37.89
N GLN B 406 2.68 18.54 -38.25
CA GLN B 406 1.39 18.31 -37.62
C GLN B 406 0.41 17.74 -38.64
N GLN B 407 -0.30 16.69 -38.25
CA GLN B 407 -1.31 16.05 -39.07
C GLN B 407 -2.68 16.26 -38.43
N ILE B 408 -3.66 16.65 -39.24
CA ILE B 408 -5.02 16.89 -38.79
C ILE B 408 -5.93 15.95 -39.53
N MET B 409 -6.63 15.08 -38.79
CA MET B 409 -7.51 14.08 -39.36
C MET B 409 -8.93 14.28 -38.89
N LYS B 410 -9.88 13.86 -39.72
CA LYS B 410 -11.30 14.10 -39.50
C LYS B 410 -12.01 12.79 -39.16
N PHE B 411 -13.00 12.89 -38.28
CA PHE B 411 -13.83 11.75 -37.91
C PHE B 411 -15.23 12.24 -37.57
N LYS B 412 -16.18 11.32 -37.59
CA LYS B 412 -17.56 11.65 -37.26
C LYS B 412 -18.08 10.89 -36.04
N SER B 413 -17.90 9.57 -36.02
CA SER B 413 -18.47 8.74 -34.97
C SER B 413 -17.40 8.36 -33.94
N LEU B 414 -17.80 8.35 -32.66
CA LEU B 414 -16.83 8.15 -31.59
C LEU B 414 -16.22 6.75 -31.64
N ASP B 415 -17.02 5.73 -31.92
CA ASP B 415 -16.49 4.37 -31.96
C ASP B 415 -15.44 4.21 -33.04
N ASP B 416 -15.69 4.82 -34.21
CA ASP B 416 -14.73 4.75 -35.31
C ASP B 416 -13.41 5.40 -34.93
N VAL B 417 -13.46 6.57 -34.27
CA VAL B 417 -12.22 7.22 -33.90
C VAL B 417 -11.50 6.45 -32.80
N ILE B 418 -12.26 5.77 -31.94
CA ILE B 418 -11.62 4.93 -30.92
C ILE B 418 -10.86 3.79 -31.58
N LYS B 419 -11.50 3.11 -32.53
CA LYS B 419 -10.83 2.02 -33.23
C LYS B 419 -9.63 2.53 -34.04
N ARG B 420 -9.74 3.74 -34.61
CA ARG B 420 -8.62 4.31 -35.35
C ARG B 420 -7.44 4.60 -34.43
N ALA B 421 -7.71 5.26 -33.30
CA ALA B 421 -6.64 5.61 -32.37
C ALA B 421 -6.00 4.38 -31.77
N ASN B 422 -6.76 3.31 -31.59
CA ASN B 422 -6.19 2.06 -31.10
C ASN B 422 -5.59 1.20 -32.20
N ASN B 423 -5.77 1.58 -33.47
CA ASN B 423 -5.23 0.82 -34.59
C ASN B 423 -3.79 1.27 -34.83
N THR B 424 -2.88 0.71 -34.04
CA THR B 424 -1.45 0.98 -34.15
C THR B 424 -0.74 0.00 -33.22
N PHE B 425 0.58 0.00 -33.29
CA PHE B 425 1.40 -0.76 -32.36
C PHE B 425 2.11 0.14 -31.35
N TYR B 426 1.68 1.39 -31.23
CA TYR B 426 2.18 2.32 -30.22
C TYR B 426 1.09 2.60 -29.20
N GLY B 427 1.50 2.73 -27.94
CA GLY B 427 0.55 3.00 -26.87
C GLY B 427 1.07 3.99 -25.84
N LEU B 428 1.90 4.94 -26.28
CA LEU B 428 2.61 5.79 -25.31
C LEU B 428 1.68 6.81 -24.66
N SER B 429 0.83 7.47 -25.44
CA SER B 429 0.03 8.57 -24.91
C SER B 429 -1.20 8.78 -25.78
N ALA B 430 -2.11 9.62 -25.27
CA ALA B 430 -3.31 10.03 -25.98
C ALA B 430 -3.78 11.35 -25.39
N GLY B 431 -4.86 11.89 -25.95
CA GLY B 431 -5.39 13.15 -25.48
C GLY B 431 -6.82 13.38 -25.90
N VAL B 432 -7.68 13.76 -24.96
CA VAL B 432 -9.11 13.94 -25.20
C VAL B 432 -9.49 15.35 -24.78
N PHE B 433 -10.21 16.05 -25.64
CA PHE B 433 -10.68 17.41 -25.35
C PHE B 433 -12.20 17.41 -25.43
N THR B 434 -12.86 17.65 -24.30
CA THR B 434 -14.31 17.68 -24.25
C THR B 434 -14.75 18.33 -22.95
N LYS B 435 -16.00 18.78 -22.92
CA LYS B 435 -16.61 19.35 -21.73
C LYS B 435 -17.55 18.38 -21.03
N ASP B 436 -17.66 17.14 -21.50
CA ASP B 436 -18.60 16.18 -20.97
C ASP B 436 -17.89 15.16 -20.08
N ILE B 437 -18.50 14.86 -18.94
CA ILE B 437 -17.91 13.91 -18.01
C ILE B 437 -18.00 12.49 -18.55
N ASP B 438 -19.15 12.12 -19.10
CA ASP B 438 -19.36 10.75 -19.57
C ASP B 438 -18.45 10.43 -20.75
N LYS B 439 -18.37 11.34 -21.72
CA LYS B 439 -17.48 11.13 -22.86
C LYS B 439 -16.03 11.01 -22.40
N ALA B 440 -15.63 11.90 -21.49
CA ALA B 440 -14.25 11.88 -21.00
C ALA B 440 -13.92 10.53 -20.36
N ILE B 441 -14.77 10.07 -19.45
CA ILE B 441 -14.49 8.82 -18.75
C ILE B 441 -14.51 7.65 -19.74
N THR B 442 -15.50 7.60 -20.63
CA THR B 442 -15.60 6.49 -21.57
C THR B 442 -14.37 6.43 -22.47
N ILE B 443 -13.98 7.55 -23.06
CA ILE B 443 -12.83 7.55 -23.96
C ILE B 443 -11.56 7.22 -23.21
N SER B 444 -11.37 7.81 -22.02
CA SER B 444 -10.16 7.52 -21.26
C SER B 444 -10.07 6.05 -20.87
N SER B 445 -11.21 5.40 -20.64
CA SER B 445 -11.19 3.97 -20.36
C SER B 445 -10.90 3.16 -21.62
N ALA B 446 -11.45 3.58 -22.76
CA ALA B 446 -11.42 2.78 -23.98
C ALA B 446 -10.13 2.93 -24.77
N LEU B 447 -9.23 3.82 -24.39
CA LEU B 447 -8.01 4.06 -25.15
C LEU B 447 -6.89 3.18 -24.62
N GLN B 448 -6.09 2.62 -25.53
CA GLN B 448 -4.94 1.79 -25.15
C GLN B 448 -3.66 2.64 -25.18
N ALA B 449 -3.55 3.51 -24.18
CA ALA B 449 -2.40 4.39 -24.04
C ALA B 449 -1.92 4.37 -22.60
N GLY B 450 -0.61 4.51 -22.44
CA GLY B 450 -0.04 4.50 -21.09
C GLY B 450 -0.48 5.69 -20.26
N THR B 451 -0.63 6.85 -20.90
CA THR B 451 -1.08 8.07 -20.23
C THR B 451 -2.18 8.70 -21.07
N VAL B 452 -3.29 9.05 -20.44
CA VAL B 452 -4.40 9.71 -21.10
C VAL B 452 -4.59 11.08 -20.47
N TRP B 453 -4.62 12.11 -21.30
CA TRP B 453 -4.82 13.48 -20.86
C TRP B 453 -6.18 13.97 -21.30
N VAL B 454 -6.89 14.64 -20.40
CA VAL B 454 -8.21 15.20 -20.67
C VAL B 454 -8.10 16.71 -20.55
N ASN B 455 -8.42 17.41 -21.63
CA ASN B 455 -8.41 18.87 -21.71
C ASN B 455 -7.03 19.47 -21.47
N CYS B 456 -5.96 18.67 -21.55
CA CYS B 456 -4.60 19.15 -21.45
C CYS B 456 -3.71 18.22 -22.25
N TYR B 457 -2.42 18.52 -22.27
CA TYR B 457 -1.47 17.67 -22.98
C TYR B 457 -0.06 17.96 -22.48
N GLY B 458 0.81 16.97 -22.59
CA GLY B 458 2.19 17.13 -22.19
C GLY B 458 2.38 17.48 -20.74
N VAL B 459 1.54 16.94 -19.87
CA VAL B 459 1.60 17.20 -18.44
C VAL B 459 2.29 16.00 -17.80
N VAL B 460 3.58 16.15 -17.50
CA VAL B 460 4.37 15.09 -16.88
C VAL B 460 4.92 15.63 -15.57
N SER B 461 4.81 14.82 -14.52
CA SER B 461 5.35 15.18 -13.21
C SER B 461 5.97 13.95 -12.57
N ALA B 462 6.89 14.18 -11.64
CA ALA B 462 7.62 13.10 -10.99
C ALA B 462 6.72 12.15 -10.23
N GLN B 463 5.54 12.59 -9.82
CA GLN B 463 4.66 11.77 -8.99
C GLN B 463 3.86 10.74 -9.78
N CYS B 464 3.58 10.98 -11.06
CA CYS B 464 2.72 10.05 -11.77
C CYS B 464 3.53 9.12 -12.66
N PRO B 465 3.26 7.82 -12.59
CA PRO B 465 4.04 6.86 -13.38
C PRO B 465 3.88 7.08 -14.87
N PHE B 466 4.96 6.81 -15.60
CA PHE B 466 5.02 7.08 -17.03
C PHE B 466 5.51 5.85 -17.77
N GLY B 467 4.80 5.48 -18.83
CA GLY B 467 5.20 4.32 -19.61
C GLY B 467 4.34 4.21 -20.85
N GLY B 468 4.44 3.05 -21.50
CA GLY B 468 3.72 2.84 -22.75
C GLY B 468 3.15 1.43 -22.83
N PHE B 469 2.08 1.32 -23.59
CA PHE B 469 1.47 0.03 -23.90
C PHE B 469 2.13 -0.56 -25.14
N LYS B 470 1.72 -1.78 -25.47
CA LYS B 470 2.06 -2.48 -26.72
C LYS B 470 3.58 -2.35 -26.96
N MET B 471 4.04 -1.91 -28.12
CA MET B 471 5.45 -1.81 -28.42
C MET B 471 6.06 -0.47 -28.03
N SER B 472 5.32 0.38 -27.32
CA SER B 472 5.87 1.65 -26.88
C SER B 472 6.88 1.49 -25.76
N GLY B 473 6.94 0.33 -25.12
CA GLY B 473 7.92 0.08 -24.09
C GLY B 473 7.42 -0.93 -23.09
N ASN B 474 8.25 -1.18 -22.09
CA ASN B 474 7.92 -2.08 -20.98
C ASN B 474 8.30 -1.39 -19.67
N GLY B 475 7.37 -1.39 -18.72
CA GLY B 475 7.62 -0.83 -17.41
C GLY B 475 7.12 0.60 -17.28
N ARG B 476 7.35 1.16 -16.09
CA ARG B 476 6.91 2.49 -15.74
C ARG B 476 8.03 3.23 -15.01
N GLU B 477 7.96 4.55 -15.03
CA GLU B 477 8.94 5.42 -14.40
C GLU B 477 8.23 6.55 -13.67
N LEU B 478 8.97 7.22 -12.78
CA LEU B 478 8.49 8.41 -12.07
C LEU B 478 7.27 8.11 -11.19
N GLY B 479 7.48 7.24 -10.22
CA GLY B 479 6.43 7.00 -9.24
C GLY B 479 6.75 5.77 -8.40
N GLU B 480 5.87 5.54 -7.43
CA GLU B 480 6.02 4.37 -6.58
C GLU B 480 6.08 3.09 -7.42
N TYR B 481 5.19 2.99 -8.40
CA TYR B 481 5.28 1.88 -9.34
C TYR B 481 6.58 1.94 -10.14
N GLY B 482 7.05 3.15 -10.46
CA GLY B 482 8.34 3.27 -11.11
C GLY B 482 9.49 2.84 -10.23
N PHE B 483 9.40 3.16 -8.94
CA PHE B 483 10.41 2.68 -7.99
C PHE B 483 10.33 1.19 -7.76
N HIS B 484 9.17 0.58 -8.06
CA HIS B 484 9.07 -0.88 -7.95
C HIS B 484 10.00 -1.59 -8.92
N GLU B 485 10.34 -0.94 -10.03
CA GLU B 485 11.10 -1.62 -11.08
C GLU B 485 12.56 -1.83 -10.70
N TYR B 486 13.10 -1.00 -9.81
CA TYR B 486 14.52 -1.01 -9.48
C TYR B 486 14.83 -1.81 -8.22
N THR B 487 13.88 -2.63 -7.75
CA THR B 487 14.09 -3.42 -6.54
C THR B 487 13.73 -4.87 -6.82
N GLU B 488 14.31 -5.75 -6.00
CA GLU B 488 14.08 -7.18 -6.06
C GLU B 488 13.57 -7.65 -4.72
N VAL B 489 12.60 -8.56 -4.74
CA VAL B 489 11.93 -9.00 -3.53
C VAL B 489 12.59 -10.27 -3.02
N LYS B 490 12.97 -10.26 -1.75
CA LYS B 490 13.48 -11.45 -1.07
C LYS B 490 12.52 -11.82 0.04
N THR B 491 12.07 -13.07 0.05
CA THR B 491 11.13 -13.56 1.05
C THR B 491 11.89 -14.39 2.07
N VAL B 492 11.72 -14.05 3.35
CA VAL B 492 12.33 -14.78 4.45
C VAL B 492 11.22 -15.39 5.27
N THR B 493 11.30 -16.70 5.49
CA THR B 493 10.34 -17.44 6.30
C THR B 493 11.07 -18.14 7.42
N VAL B 494 10.59 -17.94 8.65
CA VAL B 494 11.24 -18.47 9.84
C VAL B 494 10.25 -19.39 10.55
N LYS B 495 10.70 -20.58 10.91
CA LYS B 495 9.88 -21.49 11.68
C LYS B 495 9.90 -21.05 13.15
N ILE B 496 8.72 -20.82 13.70
CA ILE B 496 8.59 -20.34 15.08
C ILE B 496 7.86 -21.40 15.89
N SER B 497 8.00 -21.29 17.21
CA SER B 497 7.40 -22.27 18.11
C SER B 497 5.87 -22.26 18.00
N GLN B 498 5.28 -21.07 17.93
CA GLN B 498 3.84 -20.93 17.83
C GLN B 498 3.51 -19.53 17.35
N LYS B 499 2.49 -19.41 16.52
CA LYS B 499 2.04 -18.13 15.99
C LYS B 499 0.67 -17.79 16.55
N ASN B 500 0.43 -16.49 16.74
CA ASN B 500 -0.87 -15.99 17.18
C ASN B 500 -1.25 -14.80 16.31
N SER B 501 -2.56 -14.64 16.11
CA SER B 501 -3.08 -13.55 15.28
C SER B 501 -2.68 -12.20 15.85
N LEU C 9 -36.67 -13.45 -9.85
CA LEU C 9 -37.66 -12.75 -9.04
C LEU C 9 -37.67 -13.30 -7.62
N PRO C 10 -38.08 -12.48 -6.66
CA PRO C 10 -38.18 -12.95 -5.28
C PRO C 10 -39.14 -14.12 -5.16
N VAL C 11 -38.77 -15.08 -4.32
CA VAL C 11 -39.58 -16.27 -4.10
C VAL C 11 -40.64 -15.97 -3.06
N LEU C 12 -41.79 -16.62 -3.20
CA LEU C 12 -42.91 -16.37 -2.31
C LEU C 12 -42.54 -16.67 -0.86
N LEU C 13 -42.92 -15.76 0.04
CA LEU C 13 -42.65 -15.93 1.45
C LEU C 13 -43.55 -17.02 2.04
N THR C 14 -43.09 -17.60 3.14
CA THR C 14 -43.76 -18.72 3.80
C THR C 14 -44.13 -18.32 5.23
N ASP C 15 -44.62 -19.31 5.99
CA ASP C 15 -44.96 -19.09 7.39
C ASP C 15 -43.70 -18.81 8.20
N LEU C 16 -43.77 -17.81 9.07
CA LEU C 16 -42.63 -17.43 9.91
C LEU C 16 -42.85 -17.98 11.31
N LYS C 17 -41.93 -18.83 11.77
CA LYS C 17 -41.92 -19.33 13.13
C LYS C 17 -40.60 -18.95 13.76
N ILE C 18 -40.65 -18.24 14.88
CA ILE C 18 -39.47 -17.71 15.54
C ILE C 18 -39.14 -18.59 16.73
N GLN C 19 -37.90 -19.08 16.78
CA GLN C 19 -37.44 -19.91 17.88
C GLN C 19 -36.29 -19.30 18.67
N TYR C 20 -35.51 -18.39 18.09
CA TYR C 20 -34.34 -17.83 18.75
C TYR C 20 -34.71 -16.48 19.35
N THR C 21 -34.87 -16.46 20.67
CA THR C 21 -35.30 -15.25 21.38
C THR C 21 -34.54 -15.06 22.69
N LYS C 22 -33.30 -15.55 22.76
CA LYS C 22 -32.55 -15.56 24.01
C LYS C 22 -31.22 -14.85 23.82
N ILE C 23 -30.40 -14.87 24.86
CA ILE C 23 -29.08 -14.26 24.83
C ILE C 23 -28.08 -15.32 24.39
N PHE C 24 -27.28 -14.98 23.38
CA PHE C 24 -26.37 -15.92 22.73
C PHE C 24 -24.96 -15.70 23.26
N ILE C 25 -24.52 -16.57 24.16
CA ILE C 25 -23.21 -16.46 24.81
C ILE C 25 -22.53 -17.81 24.75
N ASN C 26 -21.27 -17.82 24.29
CA ASN C 26 -20.45 -19.04 24.23
C ASN C 26 -21.13 -20.13 23.41
N ASN C 27 -21.70 -19.73 22.26
CA ASN C 27 -22.42 -20.64 21.37
C ASN C 27 -23.54 -21.38 22.09
N GLU C 28 -24.13 -20.74 23.10
CA GLU C 28 -25.24 -21.29 23.86
C GLU C 28 -26.35 -20.25 23.96
N TRP C 29 -27.52 -20.69 24.40
CA TRP C 29 -28.67 -19.82 24.57
C TRP C 29 -29.00 -19.73 26.06
N HIS C 30 -28.88 -18.53 26.62
CA HIS C 30 -29.10 -18.29 28.03
C HIS C 30 -30.29 -17.37 28.25
N ASP C 31 -31.05 -17.63 29.30
CA ASP C 31 -32.03 -16.67 29.76
C ASP C 31 -31.33 -15.51 30.46
N SER C 32 -32.02 -14.38 30.52
CA SER C 32 -31.45 -13.22 31.20
C SER C 32 -31.32 -13.50 32.69
N VAL C 33 -30.35 -12.85 33.32
CA VAL C 33 -30.12 -13.02 34.75
C VAL C 33 -31.34 -12.57 35.54
N SER C 34 -31.90 -11.41 35.18
CA SER C 34 -33.08 -10.92 35.88
C SER C 34 -34.30 -11.78 35.60
N GLY C 35 -34.43 -12.30 34.39
CA GLY C 35 -35.57 -13.10 33.99
C GLY C 35 -36.64 -12.36 33.24
N LYS C 36 -36.43 -11.09 32.93
CA LYS C 36 -37.44 -10.28 32.25
C LYS C 36 -37.31 -10.43 30.74
N LYS C 37 -38.45 -10.37 30.06
CA LYS C 37 -38.52 -10.50 28.60
C LYS C 37 -39.34 -9.35 28.05
N PHE C 38 -38.80 -8.66 27.05
CA PHE C 38 -39.59 -7.59 26.47
C PHE C 38 -40.16 -8.01 25.12
N PRO C 39 -41.37 -7.56 24.78
CA PRO C 39 -41.98 -7.96 23.51
C PRO C 39 -41.40 -7.20 22.32
N VAL C 40 -41.66 -7.76 21.14
CA VAL C 40 -41.29 -7.13 19.88
C VAL C 40 -42.54 -7.06 19.00
N PHE C 41 -42.66 -5.97 18.24
CA PHE C 41 -43.90 -5.65 17.55
C PHE C 41 -43.70 -5.63 16.04
N ASN C 42 -44.82 -5.78 15.34
CA ASN C 42 -44.85 -5.72 13.88
C ASN C 42 -45.38 -4.35 13.46
N PRO C 43 -44.59 -3.50 12.81
CA PRO C 43 -45.07 -2.16 12.45
C PRO C 43 -46.28 -2.17 11.53
N ALA C 44 -46.38 -3.15 10.64
CA ALA C 44 -47.45 -3.15 9.65
C ALA C 44 -48.83 -3.36 10.29
N THR C 45 -48.89 -4.18 11.33
CA THR C 45 -50.16 -4.52 11.95
C THR C 45 -50.25 -4.20 13.43
N GLU C 46 -49.17 -3.74 14.06
CA GLU C 46 -49.14 -3.43 15.49
C GLU C 46 -49.55 -4.66 16.31
N GLU C 47 -48.72 -5.70 16.18
CA GLU C 47 -48.93 -6.95 16.88
C GLU C 47 -47.61 -7.45 17.41
N GLU C 48 -47.67 -8.15 18.55
CA GLU C 48 -46.47 -8.71 19.16
C GLU C 48 -46.01 -9.92 18.38
N LEU C 49 -44.80 -9.84 17.79
CA LEU C 49 -44.22 -11.01 17.15
C LEU C 49 -43.87 -12.07 18.17
N CYS C 50 -43.14 -11.68 19.22
CA CYS C 50 -42.73 -12.60 20.28
C CYS C 50 -42.10 -11.84 21.43
N GLN C 51 -41.57 -12.57 22.40
CA GLN C 51 -40.82 -12.00 23.51
C GLN C 51 -39.34 -12.30 23.32
N VAL C 52 -38.49 -11.40 23.81
CA VAL C 52 -37.05 -11.54 23.70
C VAL C 52 -36.44 -11.28 25.07
N GLU C 53 -35.46 -12.11 25.44
CA GLU C 53 -34.80 -11.95 26.73
C GLU C 53 -34.16 -10.58 26.82
N GLU C 54 -34.24 -9.98 28.01
CA GLU C 54 -33.81 -8.60 28.23
C GLU C 54 -32.44 -8.60 28.89
N GLY C 55 -31.43 -8.17 28.15
CA GLY C 55 -30.07 -8.15 28.64
C GLY C 55 -29.79 -6.91 29.48
N ASP C 56 -28.93 -7.07 30.48
CA ASP C 56 -28.54 -5.98 31.36
C ASP C 56 -27.06 -6.16 31.70
N LYS C 57 -26.60 -5.45 32.74
CA LYS C 57 -25.16 -5.36 33.01
C LYS C 57 -24.54 -6.72 33.29
N GLU C 58 -25.26 -7.61 34.00
CA GLU C 58 -24.71 -8.92 34.29
C GLU C 58 -24.51 -9.74 33.03
N ASP C 59 -25.48 -9.72 32.12
CA ASP C 59 -25.35 -10.45 30.87
C ASP C 59 -24.19 -9.92 30.03
N VAL C 60 -24.06 -8.59 29.95
CA VAL C 60 -22.93 -8.01 29.23
C VAL C 60 -21.62 -8.42 29.89
N ASP C 61 -21.57 -8.45 31.23
CA ASP C 61 -20.35 -8.82 31.92
C ASP C 61 -19.94 -10.25 31.59
N LYS C 62 -20.89 -11.19 31.65
CA LYS C 62 -20.53 -12.57 31.35
C LYS C 62 -20.20 -12.78 29.88
N ALA C 63 -20.85 -12.04 28.98
CA ALA C 63 -20.49 -12.11 27.57
C ALA C 63 -19.07 -11.60 27.34
N VAL C 64 -18.70 -10.52 28.01
CA VAL C 64 -17.34 -9.99 27.88
C VAL C 64 -16.34 -10.96 28.46
N LYS C 65 -16.69 -11.64 29.55
CA LYS C 65 -15.82 -12.68 30.10
C LYS C 65 -15.60 -13.79 29.08
N ALA C 66 -16.69 -14.25 28.44
CA ALA C 66 -16.57 -15.31 27.45
C ALA C 66 -15.69 -14.88 26.28
N ALA C 67 -15.90 -13.65 25.79
CA ALA C 67 -15.11 -13.17 24.66
C ALA C 67 -13.64 -13.02 25.04
N ARG C 68 -13.37 -12.50 26.23
CA ARG C 68 -11.98 -12.34 26.67
C ARG C 68 -11.30 -13.69 26.80
N GLN C 69 -12.00 -14.69 27.31
CA GLN C 69 -11.42 -16.03 27.35
C GLN C 69 -11.15 -16.56 25.95
N ALA C 70 -12.08 -16.31 25.02
CA ALA C 70 -11.88 -16.77 23.65
C ALA C 70 -10.74 -16.04 22.95
N PHE C 71 -10.35 -14.86 23.44
CA PHE C 71 -9.29 -14.08 22.81
C PHE C 71 -7.91 -14.36 23.41
N GLN C 72 -7.81 -15.29 24.36
CA GLN C 72 -6.55 -15.54 25.04
C GLN C 72 -5.51 -16.12 24.09
N ILE C 73 -4.24 -15.83 24.39
CA ILE C 73 -3.13 -16.37 23.60
C ILE C 73 -3.13 -17.89 23.70
N GLY C 74 -3.02 -18.56 22.55
CA GLY C 74 -3.06 -19.99 22.50
C GLY C 74 -4.44 -20.60 22.34
N SER C 75 -5.49 -19.78 22.36
CA SER C 75 -6.84 -20.26 22.18
C SER C 75 -7.06 -20.70 20.73
N PRO C 76 -8.07 -21.52 20.48
CA PRO C 76 -8.32 -21.98 19.10
C PRO C 76 -8.51 -20.85 18.10
N TRP C 77 -9.08 -19.72 18.51
CA TRP C 77 -9.31 -18.62 17.58
C TRP C 77 -8.06 -17.78 17.33
N ARG C 78 -7.11 -17.78 18.25
CA ARG C 78 -5.90 -16.98 18.07
C ARG C 78 -4.85 -17.71 17.26
N THR C 79 -4.75 -19.04 17.42
CA THR C 79 -3.79 -19.81 16.64
C THR C 79 -4.33 -20.18 15.28
N MET C 80 -5.63 -19.99 15.04
CA MET C 80 -6.23 -20.32 13.76
C MET C 80 -5.63 -19.48 12.63
N ASP C 81 -5.46 -20.11 11.47
CA ASP C 81 -4.92 -19.42 10.31
C ASP C 81 -5.90 -18.36 9.80
N ALA C 82 -5.34 -17.30 9.22
CA ALA C 82 -6.18 -16.24 8.66
C ALA C 82 -7.03 -16.78 7.50
N SER C 83 -6.44 -17.63 6.66
CA SER C 83 -7.21 -18.26 5.60
C SER C 83 -8.36 -19.07 6.17
N GLU C 84 -8.17 -19.68 7.33
CA GLU C 84 -9.27 -20.40 7.97
C GLU C 84 -10.36 -19.45 8.45
N ARG C 85 -9.99 -18.26 8.91
CA ARG C 85 -11.00 -17.26 9.28
C ARG C 85 -11.81 -16.86 8.06
N GLY C 86 -11.12 -16.62 6.94
CA GLY C 86 -11.84 -16.34 5.71
C GLY C 86 -12.74 -17.47 5.29
N ARG C 87 -12.28 -18.70 5.45
CA ARG C 87 -13.08 -19.87 5.12
C ARG C 87 -14.34 -19.94 5.98
N LEU C 88 -14.19 -19.65 7.28
CA LEU C 88 -15.36 -19.63 8.16
C LEU C 88 -16.34 -18.54 7.75
N LEU C 89 -15.84 -17.36 7.39
CA LEU C 89 -16.73 -16.30 6.95
C LEU C 89 -17.46 -16.68 5.66
N TYR C 90 -16.76 -17.33 4.74
CA TYR C 90 -17.42 -17.80 3.51
C TYR C 90 -18.48 -18.83 3.82
N LYS C 91 -18.21 -19.74 4.75
CA LYS C 91 -19.21 -20.73 5.12
C LYS C 91 -20.43 -20.07 5.74
N LEU C 92 -20.20 -19.04 6.57
CA LEU C 92 -21.31 -18.28 7.14
C LEU C 92 -22.14 -17.61 6.04
N ALA C 93 -21.46 -17.04 5.04
CA ALA C 93 -22.18 -16.40 3.94
C ALA C 93 -22.99 -17.42 3.16
N ASP C 94 -22.44 -18.61 2.92
CA ASP C 94 -23.18 -19.65 2.21
C ASP C 94 -24.39 -20.10 3.02
N LEU C 95 -24.23 -20.23 4.35
CA LEU C 95 -25.36 -20.60 5.20
C LEU C 95 -26.44 -19.52 5.16
N ILE C 96 -26.04 -18.26 5.14
CA ILE C 96 -27.01 -17.17 5.03
C ILE C 96 -27.75 -17.25 3.71
N GLU C 97 -27.01 -17.49 2.62
CA GLU C 97 -27.64 -17.60 1.31
C GLU C 97 -28.60 -18.78 1.26
N ARG C 98 -28.32 -19.85 2.01
CA ARG C 98 -29.24 -20.97 2.06
C ARG C 98 -30.57 -20.57 2.68
N ASP C 99 -30.54 -19.75 3.73
CA ASP C 99 -31.73 -19.29 4.43
C ASP C 99 -32.14 -17.88 4.01
N ARG C 100 -31.99 -17.57 2.72
CA ARG C 100 -32.30 -16.21 2.26
C ARG C 100 -33.77 -15.87 2.46
N LEU C 101 -34.66 -16.83 2.17
CA LEU C 101 -36.10 -16.55 2.26
C LEU C 101 -36.51 -16.25 3.69
N LEU C 102 -36.11 -17.10 4.64
CA LEU C 102 -36.54 -16.91 6.02
C LEU C 102 -35.99 -15.61 6.59
N LEU C 103 -34.72 -15.31 6.32
CA LEU C 103 -34.14 -14.07 6.83
C LEU C 103 -34.79 -12.85 6.19
N ALA C 104 -35.06 -12.89 4.89
CA ALA C 104 -35.71 -11.76 4.24
C ALA C 104 -37.12 -11.55 4.79
N THR C 105 -37.87 -12.64 4.99
CA THR C 105 -39.21 -12.51 5.55
C THR C 105 -39.18 -12.00 6.97
N MET C 106 -38.22 -12.46 7.78
CA MET C 106 -38.11 -11.95 9.14
C MET C 106 -37.76 -10.47 9.15
N GLU C 107 -36.85 -10.06 8.27
CA GLU C 107 -36.50 -8.64 8.18
C GLU C 107 -37.71 -7.81 7.79
N SER C 108 -38.46 -8.26 6.78
CA SER C 108 -39.64 -7.54 6.34
C SER C 108 -40.67 -7.43 7.46
N MET C 109 -40.97 -8.54 8.11
CA MET C 109 -42.01 -8.55 9.14
C MET C 109 -41.60 -7.70 10.33
N ASN C 110 -40.38 -7.90 10.84
CA ASN C 110 -39.97 -7.24 12.08
C ASN C 110 -39.68 -5.76 11.86
N GLY C 111 -38.96 -5.42 10.79
CA GLY C 111 -38.55 -4.05 10.59
C GLY C 111 -39.46 -3.24 9.68
N GLY C 112 -40.57 -3.83 9.26
CA GLY C 112 -41.53 -3.13 8.43
C GLY C 112 -40.94 -2.65 7.12
N LYS C 113 -40.25 -3.54 6.41
CA LYS C 113 -39.57 -3.20 5.16
C LYS C 113 -40.12 -4.03 4.02
N LEU C 114 -40.12 -3.45 2.82
CA LEU C 114 -40.64 -4.12 1.64
C LEU C 114 -39.90 -5.42 1.39
N TYR C 115 -40.67 -6.48 1.11
CA TYR C 115 -40.08 -7.80 0.93
C TYR C 115 -39.14 -7.84 -0.26
N SER C 116 -39.51 -7.19 -1.37
CA SER C 116 -38.63 -7.15 -2.53
C SER C 116 -37.32 -6.45 -2.19
N ASN C 117 -37.38 -5.34 -1.45
CA ASN C 117 -36.16 -4.67 -1.02
C ASN C 117 -35.45 -5.45 0.08
N ALA C 118 -36.20 -6.13 0.93
CA ALA C 118 -35.59 -6.96 1.96
C ALA C 118 -34.95 -8.22 1.39
N TYR C 119 -35.17 -8.52 0.11
CA TYR C 119 -34.61 -9.71 -0.52
C TYR C 119 -33.53 -9.36 -1.54
N LEU C 120 -33.80 -8.42 -2.44
CA LEU C 120 -32.86 -8.11 -3.51
C LEU C 120 -31.83 -7.05 -3.13
N ASN C 121 -32.00 -6.38 -2.00
CA ASN C 121 -31.06 -5.32 -1.62
C ASN C 121 -30.36 -5.63 -0.31
N ASP C 122 -31.12 -6.08 0.69
CA ASP C 122 -30.54 -6.30 2.01
C ASP C 122 -29.64 -7.53 2.03
N LEU C 123 -30.22 -8.70 1.75
CA LEU C 123 -29.44 -9.93 1.90
C LEU C 123 -28.35 -10.03 0.85
N ALA C 124 -28.59 -9.48 -0.34
CA ALA C 124 -27.52 -9.44 -1.34
C ALA C 124 -26.33 -8.64 -0.83
N GLY C 125 -26.61 -7.48 -0.23
CA GLY C 125 -25.54 -6.68 0.35
C GLY C 125 -24.84 -7.39 1.49
N CYS C 126 -25.62 -8.09 2.33
CA CYS C 126 -25.01 -8.83 3.45
C CYS C 126 -24.07 -9.90 2.93
N ILE C 127 -24.50 -10.67 1.95
CA ILE C 127 -23.68 -11.74 1.39
C ILE C 127 -22.43 -11.16 0.75
N LYS C 128 -22.58 -10.09 -0.02
CA LYS C 128 -21.43 -9.48 -0.69
C LYS C 128 -20.42 -8.96 0.33
N THR C 129 -20.91 -8.30 1.38
CA THR C 129 -20.01 -7.76 2.40
C THR C 129 -19.29 -8.88 3.14
N LEU C 130 -20.02 -9.94 3.48
CA LEU C 130 -19.40 -11.06 4.17
C LEU C 130 -18.30 -11.69 3.31
N ARG C 131 -18.58 -11.88 2.02
CA ARG C 131 -17.58 -12.49 1.14
C ARG C 131 -16.39 -11.56 0.94
N TYR C 132 -16.64 -10.25 0.86
CA TYR C 132 -15.56 -9.28 0.74
C TYR C 132 -14.65 -9.33 1.97
N CYS C 133 -15.25 -9.35 3.17
CA CYS C 133 -14.46 -9.42 4.39
C CYS C 133 -13.70 -10.74 4.47
N ALA C 134 -14.33 -11.84 4.06
CA ALA C 134 -13.65 -13.12 4.04
C ALA C 134 -12.46 -13.10 3.09
N GLY C 135 -12.58 -12.41 1.96
CA GLY C 135 -11.44 -12.24 1.08
C GLY C 135 -10.33 -11.43 1.72
N TRP C 136 -10.71 -10.35 2.43
CA TRP C 136 -9.74 -9.51 3.11
C TRP C 136 -9.09 -10.18 4.31
N ALA C 137 -9.65 -11.30 4.78
CA ALA C 137 -9.20 -11.92 6.02
C ALA C 137 -7.69 -12.14 6.03
N ASP C 138 -7.15 -12.77 4.99
CA ASP C 138 -5.75 -13.18 4.97
C ASP C 138 -4.90 -12.35 4.01
N LYS C 139 -5.21 -11.05 3.87
CA LYS C 139 -4.48 -10.20 2.96
C LYS C 139 -4.06 -8.86 3.56
N ILE C 140 -4.32 -8.63 4.84
CA ILE C 140 -3.84 -7.43 5.52
C ILE C 140 -2.46 -7.73 6.10
N GLN C 141 -1.50 -6.86 5.82
CA GLN C 141 -0.10 -7.14 6.09
C GLN C 141 0.56 -6.01 6.86
N GLY C 142 1.54 -6.37 7.68
CA GLY C 142 2.40 -5.40 8.32
C GLY C 142 3.41 -4.85 7.35
N ARG C 143 4.55 -4.40 7.88
CA ARG C 143 5.58 -3.80 7.02
C ARG C 143 6.95 -4.11 7.59
N THR C 144 7.96 -3.98 6.74
CA THR C 144 9.35 -3.99 7.18
C THR C 144 9.93 -2.61 6.85
N ILE C 145 10.62 -2.02 7.82
CA ILE C 145 10.88 -0.59 7.83
C ILE C 145 12.38 -0.37 7.73
N PRO C 146 12.85 0.52 6.85
CA PRO C 146 14.29 0.83 6.80
C PRO C 146 14.73 1.79 7.89
N ILE C 147 14.70 1.32 9.14
CA ILE C 147 15.07 2.17 10.26
C ILE C 147 16.58 2.46 10.21
N ASP C 148 16.96 3.61 10.76
CA ASP C 148 18.38 3.96 10.85
C ASP C 148 19.09 3.04 11.82
N GLY C 149 20.39 2.88 11.60
CA GLY C 149 21.21 2.05 12.47
C GLY C 149 21.11 0.57 12.13
N ASN C 150 21.97 -0.21 12.78
CA ASN C 150 21.99 -1.64 12.55
C ASN C 150 20.81 -2.32 13.23
N PHE C 151 19.62 -2.16 12.65
CA PHE C 151 18.42 -2.71 13.25
C PHE C 151 17.52 -3.26 12.15
N PHE C 152 16.74 -4.28 12.51
CA PHE C 152 15.71 -4.84 11.65
C PHE C 152 14.37 -4.58 12.33
N THR C 153 13.53 -3.78 11.67
CA THR C 153 12.27 -3.33 12.25
C THR C 153 11.10 -3.76 11.38
N TYR C 154 10.05 -4.27 12.01
CA TYR C 154 8.83 -4.60 11.29
C TYR C 154 7.62 -4.27 12.16
N THR C 155 6.46 -4.25 11.53
CA THR C 155 5.21 -3.92 12.20
C THR C 155 4.15 -4.94 11.84
N ARG C 156 3.48 -5.45 12.86
CA ARG C 156 2.39 -6.40 12.72
C ARG C 156 1.06 -5.72 13.05
N HIS C 157 0.01 -6.13 12.35
CA HIS C 157 -1.34 -5.62 12.59
C HIS C 157 -2.13 -6.72 13.28
N GLU C 158 -2.27 -6.61 14.58
CA GLU C 158 -2.93 -7.61 15.41
C GLU C 158 -4.38 -7.23 15.64
N PRO C 159 -5.22 -8.20 16.01
CA PRO C 159 -6.59 -7.87 16.45
C PRO C 159 -6.54 -7.02 17.70
N ILE C 160 -7.48 -6.07 17.81
CA ILE C 160 -7.50 -5.16 18.94
C ILE C 160 -7.85 -5.91 20.22
N GLY C 161 -8.89 -6.73 20.18
CA GLY C 161 -9.33 -7.43 21.36
C GLY C 161 -10.81 -7.69 21.37
N VAL C 162 -11.50 -7.27 22.43
CA VAL C 162 -12.95 -7.42 22.52
C VAL C 162 -13.60 -6.16 21.98
N CYS C 163 -14.55 -6.33 21.07
CA CYS C 163 -15.26 -5.23 20.43
C CYS C 163 -16.74 -5.36 20.76
N GLY C 164 -17.31 -4.30 21.31
CA GLY C 164 -18.73 -4.22 21.57
C GLY C 164 -19.41 -3.34 20.54
N GLN C 165 -20.40 -3.90 19.86
CA GLN C 165 -21.04 -3.24 18.73
C GLN C 165 -22.52 -3.03 19.00
N ILE C 166 -22.99 -1.83 18.66
CA ILE C 166 -24.37 -1.41 18.91
C ILE C 166 -25.01 -1.11 17.56
N ILE C 167 -26.09 -1.83 17.26
CA ILE C 167 -26.71 -1.87 15.94
C ILE C 167 -27.96 -1.01 15.92
N PRO C 168 -28.27 -0.33 14.81
CA PRO C 168 -29.54 0.38 14.70
C PRO C 168 -30.65 -0.53 14.15
N TRP C 169 -31.89 -0.02 14.15
CA TRP C 169 -33.03 -0.83 13.74
C TRP C 169 -33.38 -0.70 12.26
N ASN C 170 -32.82 0.27 11.55
CA ASN C 170 -33.25 0.51 10.17
C ASN C 170 -32.72 -0.55 9.22
N PHE C 171 -31.47 -0.98 9.38
CA PHE C 171 -30.88 -2.05 8.58
C PHE C 171 -30.26 -3.06 9.54
N PRO C 172 -31.08 -3.91 10.16
CA PRO C 172 -30.55 -4.85 11.15
C PRO C 172 -29.49 -5.79 10.59
N LEU C 173 -29.84 -6.54 9.55
CA LEU C 173 -28.91 -7.52 8.99
C LEU C 173 -27.71 -6.83 8.37
N VAL C 174 -27.94 -5.77 7.60
CA VAL C 174 -26.85 -5.12 6.87
C VAL C 174 -25.85 -4.51 7.84
N MET C 175 -26.34 -3.78 8.85
CA MET C 175 -25.45 -3.18 9.83
C MET C 175 -24.75 -4.25 10.66
N LEU C 176 -25.48 -5.31 11.04
CA LEU C 176 -24.88 -6.41 11.79
C LEU C 176 -23.70 -7.01 11.02
N ILE C 177 -23.91 -7.24 9.72
CA ILE C 177 -22.84 -7.81 8.88
C ILE C 177 -21.69 -6.84 8.76
N TRP C 178 -22.00 -5.55 8.54
CA TRP C 178 -20.94 -4.55 8.45
C TRP C 178 -20.14 -4.44 9.73
N LYS C 179 -20.74 -4.79 10.86
CA LYS C 179 -20.04 -4.76 12.14
C LYS C 179 -19.24 -6.01 12.42
N ILE C 180 -19.75 -7.19 12.07
CA ILE C 180 -19.08 -8.44 12.42
C ILE C 180 -18.25 -8.99 11.26
N GLY C 181 -18.19 -8.30 10.13
CA GLY C 181 -17.32 -8.71 9.06
C GLY C 181 -15.88 -8.31 9.28
N PRO C 182 -15.62 -7.00 9.30
CA PRO C 182 -14.26 -6.53 9.58
C PRO C 182 -13.74 -6.94 10.94
N ALA C 183 -14.62 -7.11 11.93
CA ALA C 183 -14.17 -7.49 13.25
C ALA C 183 -13.65 -8.93 13.29
N LEU C 184 -14.41 -9.86 12.72
CA LEU C 184 -13.99 -11.26 12.71
C LEU C 184 -12.89 -11.50 11.70
N SER C 185 -12.85 -10.71 10.62
CA SER C 185 -11.80 -10.86 9.63
C SER C 185 -10.43 -10.53 10.21
N CYS C 186 -10.35 -9.48 11.02
CA CYS C 186 -9.07 -9.12 11.65
C CYS C 186 -8.75 -10.00 12.85
N GLY C 187 -9.67 -10.86 13.27
CA GLY C 187 -9.40 -11.79 14.34
C GLY C 187 -9.99 -11.44 15.69
N ASN C 188 -10.75 -10.35 15.79
CA ASN C 188 -11.31 -9.92 17.05
C ASN C 188 -12.48 -10.81 17.45
N THR C 189 -12.94 -10.63 18.69
CA THR C 189 -14.16 -11.25 19.18
C THR C 189 -15.15 -10.16 19.54
N VAL C 190 -16.44 -10.45 19.35
CA VAL C 190 -17.48 -9.43 19.38
C VAL C 190 -18.53 -9.78 20.42
N VAL C 191 -18.99 -8.76 21.14
CA VAL C 191 -20.22 -8.80 21.92
C VAL C 191 -21.13 -7.72 21.36
N VAL C 192 -22.22 -8.13 20.74
CA VAL C 192 -23.07 -7.21 19.99
C VAL C 192 -24.37 -6.99 20.74
N LYS C 193 -24.91 -5.78 20.59
CA LYS C 193 -26.18 -5.40 21.19
C LYS C 193 -27.10 -4.94 20.06
N PRO C 194 -28.08 -5.74 19.67
CA PRO C 194 -29.02 -5.32 18.63
C PRO C 194 -30.05 -4.35 19.18
N ALA C 195 -30.68 -3.62 18.26
CA ALA C 195 -31.71 -2.66 18.62
C ALA C 195 -32.91 -3.39 19.23
N GLU C 196 -33.54 -2.72 20.21
CA GLU C 196 -34.68 -3.31 20.87
C GLU C 196 -35.91 -3.41 19.98
N GLN C 197 -35.91 -2.70 18.84
CA GLN C 197 -37.05 -2.81 17.93
C GLN C 197 -36.95 -4.05 17.05
N THR C 198 -35.73 -4.41 16.62
CA THR C 198 -35.52 -5.49 15.65
C THR C 198 -34.40 -6.41 16.11
N PRO C 199 -34.67 -7.30 17.07
CA PRO C 199 -33.60 -8.18 17.58
C PRO C 199 -33.58 -9.59 17.01
N LEU C 200 -34.50 -9.93 16.10
CA LEU C 200 -34.72 -11.33 15.75
C LEU C 200 -33.73 -11.83 14.70
N THR C 201 -33.51 -11.03 13.64
CA THR C 201 -32.62 -11.46 12.57
C THR C 201 -31.20 -11.70 13.09
N ALA C 202 -30.76 -10.85 14.03
CA ALA C 202 -29.45 -11.05 14.63
C ALA C 202 -29.37 -12.37 15.39
N LEU C 203 -30.44 -12.77 16.08
CA LEU C 203 -30.43 -14.04 16.79
C LEU C 203 -30.40 -15.22 15.81
N HIS C 204 -31.15 -15.13 14.72
CA HIS C 204 -31.08 -16.21 13.73
C HIS C 204 -29.68 -16.30 13.13
N VAL C 205 -29.06 -15.16 12.85
CA VAL C 205 -27.69 -15.14 12.35
C VAL C 205 -26.74 -15.72 13.39
N ALA C 206 -27.02 -15.50 14.68
CA ALA C 206 -26.20 -16.10 15.72
C ALA C 206 -26.28 -17.62 15.69
N SER C 207 -27.49 -18.15 15.49
CA SER C 207 -27.64 -19.60 15.35
C SER C 207 -26.86 -20.10 14.14
N LEU C 208 -26.93 -19.35 13.04
CA LEU C 208 -26.15 -19.73 11.85
C LEU C 208 -24.65 -19.69 12.13
N ILE C 209 -24.20 -18.71 12.92
CA ILE C 209 -22.79 -18.61 13.29
C ILE C 209 -22.37 -19.83 14.09
N LYS C 210 -23.20 -20.25 15.04
CA LYS C 210 -22.90 -21.47 15.77
C LYS C 210 -22.80 -22.66 14.82
N GLU C 211 -23.73 -22.76 13.87
CA GLU C 211 -23.70 -23.87 12.93
C GLU C 211 -22.44 -23.86 12.07
N ALA C 212 -22.00 -22.66 11.67
CA ALA C 212 -20.88 -22.55 10.73
C ALA C 212 -19.61 -23.16 11.28
N GLY C 213 -19.37 -23.06 12.59
CA GLY C 213 -18.22 -23.68 13.19
C GLY C 213 -17.23 -22.72 13.81
N PHE C 214 -17.69 -21.53 14.18
CA PHE C 214 -16.83 -20.61 14.90
C PHE C 214 -16.55 -21.15 16.30
N PRO C 215 -15.37 -20.89 16.83
CA PRO C 215 -15.04 -21.33 18.19
C PRO C 215 -15.97 -20.68 19.20
N PRO C 216 -16.31 -21.37 20.28
CA PRO C 216 -17.22 -20.78 21.28
C PRO C 216 -16.66 -19.50 21.86
N GLY C 217 -17.55 -18.53 22.06
CA GLY C 217 -17.19 -17.25 22.63
C GLY C 217 -16.68 -16.22 21.64
N VAL C 218 -16.47 -16.59 20.38
CA VAL C 218 -15.98 -15.61 19.41
C VAL C 218 -17.04 -14.56 19.14
N VAL C 219 -18.30 -14.96 19.00
CA VAL C 219 -19.41 -14.06 18.75
C VAL C 219 -20.44 -14.25 19.85
N ASN C 220 -20.82 -13.16 20.51
CA ASN C 220 -21.85 -13.18 21.54
C ASN C 220 -22.85 -12.07 21.24
N ILE C 221 -24.13 -12.36 21.46
CA ILE C 221 -25.20 -11.43 21.14
C ILE C 221 -26.08 -11.28 22.39
N VAL C 222 -26.21 -10.04 22.88
CA VAL C 222 -27.02 -9.71 24.04
C VAL C 222 -28.14 -8.78 23.58
N PRO C 223 -29.37 -9.27 23.46
CA PRO C 223 -30.48 -8.37 23.15
C PRO C 223 -31.08 -7.73 24.39
N GLY C 224 -31.27 -6.42 24.36
CA GLY C 224 -31.83 -5.71 25.50
C GLY C 224 -32.23 -4.29 25.20
N TYR C 225 -32.13 -3.42 26.21
CA TYR C 225 -32.45 -2.00 26.06
C TYR C 225 -31.18 -1.18 26.07
N GLY C 226 -31.12 -0.20 25.17
CA GLY C 226 -29.93 0.62 24.99
C GLY C 226 -29.44 1.34 26.23
N PRO C 227 -30.32 2.00 26.97
CA PRO C 227 -29.87 2.70 28.18
C PRO C 227 -29.22 1.81 29.22
N THR C 228 -29.57 0.53 29.26
CA THR C 228 -28.99 -0.40 30.23
C THR C 228 -27.89 -1.27 29.61
N ALA C 229 -28.21 -2.02 28.56
CA ALA C 229 -27.22 -2.92 27.97
C ALA C 229 -26.17 -2.15 27.20
N GLY C 230 -26.58 -1.16 26.40
CA GLY C 230 -25.63 -0.39 25.63
C GLY C 230 -24.67 0.40 26.51
N ALA C 231 -25.20 1.00 27.59
CA ALA C 231 -24.34 1.71 28.53
C ALA C 231 -23.34 0.76 29.17
N ALA C 232 -23.81 -0.43 29.55
CA ALA C 232 -22.90 -1.41 30.16
C ALA C 232 -21.81 -1.81 29.19
N ILE C 233 -22.14 -1.99 27.91
CA ILE C 233 -21.12 -2.31 26.92
C ILE C 233 -20.14 -1.16 26.76
N SER C 234 -20.63 0.08 26.78
CA SER C 234 -19.76 1.23 26.57
C SER C 234 -18.95 1.60 27.80
N SER C 235 -19.44 1.31 29.00
CA SER C 235 -18.72 1.62 30.23
C SER C 235 -17.89 0.45 30.75
N HIS C 236 -17.95 -0.71 30.10
CA HIS C 236 -17.18 -1.85 30.56
C HIS C 236 -15.69 -1.56 30.45
N MET C 237 -14.92 -2.08 31.39
CA MET C 237 -13.48 -1.84 31.42
C MET C 237 -12.69 -2.91 30.70
N ASP C 238 -13.24 -4.11 30.54
CA ASP C 238 -12.55 -5.19 29.84
C ASP C 238 -12.75 -5.14 28.33
N ILE C 239 -13.61 -4.25 27.84
CA ILE C 239 -13.88 -4.14 26.41
C ILE C 239 -12.86 -3.19 25.79
N ASP C 240 -12.22 -3.64 24.72
CA ASP C 240 -11.14 -2.86 24.12
C ASP C 240 -11.64 -1.82 23.12
N LYS C 241 -12.63 -2.17 22.31
CA LYS C 241 -13.16 -1.25 21.32
C LYS C 241 -14.68 -1.26 21.36
N VAL C 242 -15.29 -0.14 21.01
CA VAL C 242 -16.74 -0.03 20.91
C VAL C 242 -17.08 0.62 19.57
N ALA C 243 -17.96 -0.01 18.81
CA ALA C 243 -18.49 0.53 17.57
C ALA C 243 -20.00 0.73 17.76
N PHE C 244 -20.49 1.90 17.37
CA PHE C 244 -21.87 2.27 17.64
C PHE C 244 -22.46 2.93 16.40
N THR C 245 -23.67 2.52 16.03
CA THR C 245 -24.41 3.17 14.97
C THR C 245 -25.76 3.64 15.51
N GLY C 246 -26.09 4.90 15.29
CA GLY C 246 -27.31 5.46 15.80
C GLY C 246 -27.36 6.99 15.76
N SER C 247 -28.02 7.59 16.75
CA SER C 247 -28.20 9.03 16.79
C SER C 247 -27.00 9.73 17.41
N THR C 248 -26.89 11.03 17.14
CA THR C 248 -25.74 11.81 17.60
C THR C 248 -25.75 12.04 19.10
N GLU C 249 -26.92 12.13 19.73
CA GLU C 249 -26.97 12.30 21.18
C GLU C 249 -26.42 11.07 21.89
N VAL C 250 -26.90 9.88 21.50
CA VAL C 250 -26.36 8.65 22.05
C VAL C 250 -24.90 8.50 21.66
N GLY C 251 -24.49 9.05 20.51
CA GLY C 251 -23.10 9.00 20.14
C GLY C 251 -22.22 9.80 21.09
N LYS C 252 -22.64 11.02 21.43
CA LYS C 252 -21.94 11.80 22.43
C LYS C 252 -21.90 11.07 23.76
N LEU C 253 -23.02 10.46 24.16
CA LEU C 253 -23.06 9.72 25.40
C LEU C 253 -22.06 8.56 25.40
N ILE C 254 -21.98 7.84 24.29
CA ILE C 254 -21.03 6.74 24.17
C ILE C 254 -19.61 7.26 24.26
N LYS C 255 -19.31 8.35 23.56
CA LYS C 255 -17.96 8.91 23.59
C LYS C 255 -17.56 9.32 25.00
N GLU C 256 -18.47 9.99 25.73
CA GLU C 256 -18.16 10.41 27.09
C GLU C 256 -18.01 9.21 28.01
N ALA C 257 -18.88 8.21 27.88
CA ALA C 257 -18.78 7.02 28.72
C ALA C 257 -17.46 6.29 28.48
N ALA C 258 -17.02 6.21 27.23
CA ALA C 258 -15.73 5.62 26.93
C ALA C 258 -14.60 6.46 27.50
N GLY C 259 -14.73 7.78 27.43
CA GLY C 259 -13.75 8.65 28.06
C GLY C 259 -13.69 8.49 29.56
N LYS C 260 -14.77 8.02 30.18
CA LYS C 260 -14.82 7.84 31.63
C LYS C 260 -14.33 6.46 32.09
N SER C 261 -13.99 5.57 31.16
CA SER C 261 -13.63 4.20 31.55
C SER C 261 -12.77 3.57 30.48
N ASN C 262 -11.53 3.20 30.85
CA ASN C 262 -10.68 2.30 30.08
C ASN C 262 -10.09 2.94 28.83
N LEU C 263 -10.55 4.14 28.48
CA LEU C 263 -10.07 4.86 27.30
C LEU C 263 -10.10 3.97 26.06
N LYS C 264 -11.20 3.24 25.90
CA LYS C 264 -11.33 2.31 24.79
C LYS C 264 -11.42 3.06 23.46
N ARG C 265 -11.15 2.33 22.37
CA ARG C 265 -11.30 2.89 21.04
C ARG C 265 -12.78 3.03 20.71
N VAL C 266 -13.13 4.09 19.99
CA VAL C 266 -14.53 4.41 19.72
C VAL C 266 -14.70 4.63 18.22
N THR C 267 -15.69 3.96 17.64
CA THR C 267 -16.13 4.21 16.27
C THR C 267 -17.60 4.59 16.31
N LEU C 268 -17.94 5.72 15.68
CA LEU C 268 -19.29 6.24 15.69
C LEU C 268 -19.79 6.39 14.26
N GLU C 269 -21.03 5.96 14.02
CA GLU C 269 -21.71 6.19 12.74
C GLU C 269 -23.02 6.90 13.07
N LEU C 270 -23.00 8.22 13.05
CA LEU C 270 -24.16 9.03 13.39
C LEU C 270 -24.90 9.41 12.11
N GLY C 271 -25.90 10.29 12.24
CA GLY C 271 -26.73 10.67 11.13
C GLY C 271 -26.22 11.90 10.40
N GLY C 272 -27.06 12.43 9.51
CA GLY C 272 -26.68 13.59 8.74
C GLY C 272 -27.87 14.17 8.00
N LYS C 273 -27.69 15.41 7.54
CA LYS C 273 -28.67 16.12 6.73
C LYS C 273 -28.02 16.29 5.36
N SER C 274 -28.19 15.28 4.51
CA SER C 274 -27.44 15.21 3.26
C SER C 274 -28.05 16.13 2.22
N PRO C 275 -27.26 17.01 1.60
CA PRO C 275 -27.77 17.80 0.48
C PRO C 275 -27.66 17.07 -0.85
N CYS C 276 -28.52 17.42 -1.80
CA CYS C 276 -28.50 16.83 -3.14
C CYS C 276 -28.65 17.97 -4.13
N ILE C 277 -27.54 18.36 -4.77
CA ILE C 277 -27.51 19.53 -5.64
C ILE C 277 -27.81 19.11 -7.07
N VAL C 278 -28.71 19.83 -7.71
CA VAL C 278 -29.07 19.60 -9.11
C VAL C 278 -28.84 20.90 -9.86
N LEU C 279 -27.99 20.84 -10.89
CA LEU C 279 -27.61 22.02 -11.66
C LEU C 279 -28.44 22.11 -12.94
N ALA C 280 -28.36 23.27 -13.60
CA ALA C 280 -29.21 23.53 -14.76
C ALA C 280 -28.89 22.63 -15.94
N ASP C 281 -27.67 22.10 -15.99
CA ASP C 281 -27.23 21.27 -17.11
C ASP C 281 -27.37 19.77 -16.82
N ALA C 282 -28.03 19.41 -15.73
CA ALA C 282 -28.18 18.01 -15.37
C ALA C 282 -29.31 17.36 -16.16
N ASP C 283 -29.21 16.04 -16.33
CA ASP C 283 -30.29 15.28 -16.96
C ASP C 283 -31.49 15.25 -16.02
N LEU C 284 -32.61 15.81 -16.47
CA LEU C 284 -33.72 16.06 -15.57
C LEU C 284 -34.38 14.77 -15.09
N ASP C 285 -34.61 13.83 -16.00
CA ASP C 285 -35.29 12.59 -15.62
C ASP C 285 -34.46 11.79 -14.63
N ASN C 286 -33.17 11.61 -14.91
CA ASN C 286 -32.30 10.88 -14.00
C ASN C 286 -32.20 11.58 -12.66
N ALA C 287 -32.10 12.92 -12.68
CA ALA C 287 -32.01 13.67 -11.43
C ALA C 287 -33.28 13.50 -10.60
N VAL C 288 -34.45 13.57 -11.24
CA VAL C 288 -35.70 13.41 -10.52
C VAL C 288 -35.80 12.01 -9.92
N GLU C 289 -35.52 10.99 -10.73
CA GLU C 289 -35.63 9.62 -10.25
C GLU C 289 -34.70 9.37 -9.08
N PHE C 290 -33.44 9.82 -9.20
CA PHE C 290 -32.49 9.52 -8.14
C PHE C 290 -32.67 10.40 -6.92
N ALA C 291 -33.22 11.61 -7.07
CA ALA C 291 -33.56 12.41 -5.89
C ALA C 291 -34.72 11.78 -5.13
N HIS C 292 -35.75 11.32 -5.85
CA HIS C 292 -36.84 10.62 -5.20
C HIS C 292 -36.34 9.36 -4.50
N HIS C 293 -35.47 8.61 -5.17
CA HIS C 293 -34.88 7.42 -4.53
C HIS C 293 -34.07 7.81 -3.30
N GLY C 294 -33.31 8.90 -3.37
CA GLY C 294 -32.46 9.27 -2.26
C GLY C 294 -33.24 9.67 -1.03
N VAL C 295 -34.33 10.41 -1.21
CA VAL C 295 -35.07 10.87 -0.03
C VAL C 295 -36.08 9.83 0.45
N PHE C 296 -36.75 9.12 -0.46
CA PHE C 296 -37.84 8.22 -0.09
C PHE C 296 -37.41 6.77 0.10
N TYR C 297 -36.13 6.45 -0.01
CA TYR C 297 -35.71 5.06 0.15
C TYR C 297 -35.88 4.59 1.57
N HIS C 298 -36.43 3.39 1.73
CA HIS C 298 -36.68 2.78 3.03
C HIS C 298 -37.48 3.71 3.93
N GLN C 299 -38.57 4.26 3.36
CA GLN C 299 -39.46 5.17 4.07
C GLN C 299 -38.70 6.36 4.65
N GLY C 300 -37.59 6.72 4.00
CA GLY C 300 -36.77 7.81 4.50
C GLY C 300 -35.99 7.50 5.76
N GLN C 301 -35.94 6.24 6.17
CA GLN C 301 -35.24 5.84 7.39
C GLN C 301 -33.81 5.42 7.07
N CYS C 302 -33.06 6.36 6.50
CA CYS C 302 -31.67 6.12 6.11
C CYS C 302 -30.80 7.26 6.64
N CYS C 303 -29.59 6.91 7.08
CA CYS C 303 -28.67 7.92 7.57
C CYS C 303 -28.25 8.88 6.48
N ILE C 304 -28.22 8.42 5.24
CA ILE C 304 -27.70 9.21 4.13
C ILE C 304 -28.82 9.77 3.25
N ALA C 305 -30.04 9.84 3.78
CA ALA C 305 -31.17 10.32 2.99
C ALA C 305 -30.95 11.76 2.56
N ALA C 306 -31.18 12.03 1.28
CA ALA C 306 -31.03 13.38 0.76
C ALA C 306 -32.18 14.26 1.24
N SER C 307 -31.96 15.01 2.31
CA SER C 307 -33.03 15.77 2.94
C SER C 307 -33.17 17.18 2.37
N ARG C 308 -32.10 17.78 1.88
CA ARG C 308 -32.12 19.14 1.35
C ARG C 308 -31.79 19.06 -0.15
N ILE C 309 -32.83 19.14 -0.98
CA ILE C 309 -32.67 19.04 -2.43
C ILE C 309 -32.49 20.45 -2.97
N PHE C 310 -31.25 20.86 -3.18
CA PHE C 310 -30.96 22.14 -3.81
C PHE C 310 -31.11 22.00 -5.31
N VAL C 311 -31.94 22.85 -5.91
CA VAL C 311 -32.18 22.82 -7.35
C VAL C 311 -31.99 24.22 -7.88
N GLU C 312 -31.26 24.33 -8.98
CA GLU C 312 -30.99 25.65 -9.55
C GLU C 312 -32.28 26.31 -10.00
N GLU C 313 -32.29 27.64 -9.94
CA GLU C 313 -33.52 28.39 -10.13
C GLU C 313 -34.12 28.16 -11.51
N SER C 314 -33.28 28.15 -12.54
CA SER C 314 -33.77 28.11 -13.92
C SER C 314 -34.60 26.86 -14.19
N ILE C 315 -34.31 25.77 -13.48
CA ILE C 315 -35.04 24.52 -13.65
C ILE C 315 -35.84 24.16 -12.40
N TYR C 316 -36.05 25.12 -11.49
CA TYR C 316 -36.73 24.81 -10.24
C TYR C 316 -38.15 24.31 -10.49
N ASP C 317 -39.01 25.20 -11.02
CA ASP C 317 -40.43 24.89 -11.17
C ASP C 317 -40.64 23.52 -11.78
N GLU C 318 -40.10 23.31 -12.99
CA GLU C 318 -40.29 22.04 -13.70
C GLU C 318 -39.93 20.88 -12.80
N PHE C 319 -38.74 20.93 -12.18
CA PHE C 319 -38.31 19.84 -11.32
C PHE C 319 -39.36 19.56 -10.27
N VAL C 320 -39.79 20.61 -9.56
CA VAL C 320 -40.77 20.44 -8.49
C VAL C 320 -42.00 19.73 -9.04
N ARG C 321 -42.51 20.22 -10.18
CA ARG C 321 -43.71 19.61 -10.75
C ARG C 321 -43.50 18.11 -10.92
N ARG C 322 -42.41 17.73 -11.59
CA ARG C 322 -42.20 16.32 -11.83
C ARG C 322 -42.03 15.57 -10.51
N SER C 323 -41.30 16.17 -9.56
CA SER C 323 -41.15 15.55 -8.25
C SER C 323 -42.52 15.27 -7.65
N VAL C 324 -43.41 16.26 -7.68
CA VAL C 324 -44.75 16.06 -7.13
C VAL C 324 -45.40 14.85 -7.78
N GLU C 325 -45.32 14.77 -9.11
CA GLU C 325 -45.94 13.65 -9.81
C GLU C 325 -45.37 12.33 -9.31
N ARG C 326 -44.05 12.26 -9.15
CA ARG C 326 -43.44 11.02 -8.68
C ARG C 326 -43.98 10.65 -7.31
N ALA C 327 -44.12 11.65 -6.43
CA ALA C 327 -44.58 11.36 -5.08
C ALA C 327 -46.02 10.84 -5.09
N LYS C 328 -46.77 11.16 -6.15
CA LYS C 328 -48.13 10.64 -6.23
C LYS C 328 -48.16 9.19 -6.69
N LYS C 329 -47.12 8.76 -7.41
CA LYS C 329 -47.11 7.38 -7.89
C LYS C 329 -46.70 6.40 -6.80
N TYR C 330 -46.11 6.89 -5.72
CA TYR C 330 -45.74 6.02 -4.60
C TYR C 330 -46.98 5.39 -3.98
N ILE C 331 -46.93 4.07 -3.78
CA ILE C 331 -48.03 3.30 -3.22
C ILE C 331 -47.66 2.88 -1.80
N LEU C 332 -48.64 2.93 -0.90
CA LEU C 332 -48.42 2.74 0.53
C LEU C 332 -49.30 1.60 1.02
N GLY C 333 -48.69 0.55 1.54
CA GLY C 333 -49.42 -0.61 2.01
C GLY C 333 -48.57 -1.57 2.82
N ASN C 334 -49.06 -2.80 2.97
CA ASN C 334 -48.38 -3.83 3.74
C ASN C 334 -47.12 -4.28 3.01
N PRO C 335 -45.98 -4.41 3.71
CA PRO C 335 -44.73 -4.73 3.00
C PRO C 335 -44.76 -6.05 2.24
N LEU C 336 -45.38 -7.08 2.81
CA LEU C 336 -45.39 -8.39 2.14
C LEU C 336 -46.30 -8.40 0.92
N THR C 337 -47.18 -7.41 0.78
CA THR C 337 -48.03 -7.33 -0.39
C THR C 337 -47.20 -6.96 -1.62
N PRO C 338 -47.30 -7.71 -2.71
CA PRO C 338 -46.58 -7.34 -3.93
C PRO C 338 -47.11 -6.03 -4.50
N GLY C 339 -46.22 -5.28 -5.14
CA GLY C 339 -46.59 -4.02 -5.76
C GLY C 339 -46.44 -2.80 -4.89
N VAL C 340 -46.34 -2.95 -3.56
CA VAL C 340 -46.17 -1.80 -2.70
C VAL C 340 -44.74 -1.29 -2.80
N THR C 341 -44.58 0.02 -2.65
CA THR C 341 -43.27 0.64 -2.69
C THR C 341 -42.90 1.35 -1.40
N GLN C 342 -43.76 1.30 -0.38
CA GLN C 342 -43.47 1.93 0.89
C GLN C 342 -44.20 1.18 2.00
N GLY C 343 -43.46 0.82 3.05
CA GLY C 343 -44.04 0.15 4.18
C GLY C 343 -44.30 1.08 5.34
N PRO C 344 -44.52 0.52 6.52
CA PRO C 344 -44.80 1.35 7.69
C PRO C 344 -43.54 1.88 8.35
N GLN C 345 -43.74 2.84 9.24
CA GLN C 345 -42.66 3.34 10.07
C GLN C 345 -42.37 2.35 11.20
N ILE C 346 -41.15 2.41 11.71
CA ILE C 346 -40.62 1.36 12.58
C ILE C 346 -41.44 1.19 13.85
N ASP C 347 -41.79 2.30 14.51
CA ASP C 347 -42.56 2.22 15.75
C ASP C 347 -43.33 3.52 15.96
N LYS C 348 -44.12 3.54 17.03
CA LYS C 348 -45.02 4.65 17.28
C LYS C 348 -44.25 5.94 17.55
N GLU C 349 -43.09 5.85 18.21
CA GLU C 349 -42.36 7.05 18.58
C GLU C 349 -41.89 7.81 17.34
N GLN C 350 -41.27 7.11 16.40
CA GLN C 350 -40.84 7.76 15.16
C GLN C 350 -42.04 8.25 14.35
N TYR C 351 -43.13 7.49 14.39
CA TYR C 351 -44.36 7.90 13.70
C TYR C 351 -44.85 9.25 14.21
N ASP C 352 -44.95 9.40 15.54
CA ASP C 352 -45.40 10.66 16.12
C ASP C 352 -44.37 11.76 15.90
N LYS C 353 -43.07 11.43 15.94
CA LYS C 353 -42.04 12.42 15.67
C LYS C 353 -42.16 12.97 14.25
N ILE C 354 -42.38 12.08 13.28
CA ILE C 354 -42.52 12.51 11.89
C ILE C 354 -43.76 13.37 11.72
N LEU C 355 -44.87 12.97 12.35
CA LEU C 355 -46.08 13.78 12.26
C LEU C 355 -45.85 15.17 12.85
N ASP C 356 -45.15 15.23 13.98
CA ASP C 356 -44.85 16.52 14.62
C ASP C 356 -43.97 17.38 13.72
N LEU C 357 -42.96 16.79 13.10
CA LEU C 357 -42.08 17.56 12.22
C LEU C 357 -42.83 18.05 10.99
N ILE C 358 -43.73 17.24 10.43
CA ILE C 358 -44.54 17.71 9.30
C ILE C 358 -45.42 18.87 9.72
N GLU C 359 -46.04 18.77 10.90
CA GLU C 359 -46.87 19.87 11.37
C GLU C 359 -46.05 21.12 11.61
N SER C 360 -44.84 20.98 12.15
CA SER C 360 -43.98 22.14 12.35
C SER C 360 -43.58 22.75 11.02
N GLY C 361 -43.30 21.93 10.01
CA GLY C 361 -43.03 22.45 8.69
C GLY C 361 -44.19 23.24 8.12
N LYS C 362 -45.41 22.73 8.33
CA LYS C 362 -46.59 23.49 7.92
C LYS C 362 -46.71 24.80 8.68
N LYS C 363 -46.42 24.78 9.99
CA LYS C 363 -46.55 25.99 10.81
C LYS C 363 -45.56 27.06 10.40
N GLU C 364 -44.32 26.66 10.08
CA GLU C 364 -43.30 27.63 9.71
C GLU C 364 -43.49 28.21 8.32
N GLY C 365 -44.49 27.73 7.57
CA GLY C 365 -44.81 28.32 6.29
C GLY C 365 -44.00 27.79 5.12
N ALA C 366 -44.02 26.47 4.94
CA ALA C 366 -43.44 25.83 3.78
C ALA C 366 -44.53 25.24 2.92
N LYS C 367 -44.45 25.47 1.61
CA LYS C 367 -45.50 25.01 0.70
C LYS C 367 -45.56 23.49 0.67
N LEU C 368 -46.77 22.96 0.81
CA LEU C 368 -47.02 21.52 0.87
C LEU C 368 -47.55 21.07 -0.48
N GLU C 369 -46.80 20.21 -1.15
CA GLU C 369 -47.18 19.77 -2.48
C GLU C 369 -47.98 18.47 -2.45
N CYS C 370 -47.45 17.45 -1.80
CA CYS C 370 -48.15 16.19 -1.63
C CYS C 370 -47.96 15.68 -0.21
N GLY C 371 -48.96 14.97 0.28
CA GLY C 371 -48.88 14.34 1.58
C GLY C 371 -49.08 15.28 2.74
N GLY C 372 -48.37 15.04 3.84
CA GLY C 372 -48.48 15.86 5.02
C GLY C 372 -49.39 15.34 6.10
N GLY C 373 -49.75 14.06 6.08
CA GLY C 373 -50.62 13.50 7.07
C GLY C 373 -50.48 11.99 7.20
N PRO C 374 -51.17 11.41 8.17
CA PRO C 374 -51.10 9.96 8.37
C PRO C 374 -51.90 9.19 7.33
N TRP C 375 -51.68 7.88 7.31
CA TRP C 375 -52.41 6.96 6.45
C TRP C 375 -52.75 5.70 7.23
N GLY C 376 -53.98 5.22 7.05
CA GLY C 376 -54.39 3.95 7.60
C GLY C 376 -54.69 3.97 9.09
N ASN C 377 -55.63 3.13 9.52
CA ASN C 377 -55.98 3.04 10.93
C ASN C 377 -54.93 2.21 11.68
N LYS C 378 -54.72 0.97 11.26
CA LYS C 378 -53.76 0.09 11.90
C LYS C 378 -52.43 0.13 11.14
N GLY C 379 -51.34 0.21 11.90
CA GLY C 379 -50.01 0.40 11.33
C GLY C 379 -49.50 1.80 11.59
N TYR C 380 -48.28 2.02 11.12
CA TYR C 380 -47.63 3.33 11.22
C TYR C 380 -47.23 3.77 9.81
N PHE C 381 -48.17 4.36 9.09
CA PHE C 381 -47.97 4.75 7.71
C PHE C 381 -48.11 6.26 7.58
N VAL C 382 -47.16 6.88 6.89
CA VAL C 382 -47.17 8.31 6.63
C VAL C 382 -47.13 8.51 5.13
N GLN C 383 -48.03 9.36 4.63
CA GLN C 383 -48.11 9.59 3.19
C GLN C 383 -46.80 10.21 2.69
N PRO C 384 -46.37 9.90 1.46
CA PRO C 384 -45.21 10.57 0.90
C PRO C 384 -45.44 12.07 0.85
N THR C 385 -44.49 12.84 1.38
CA THR C 385 -44.67 14.26 1.61
C THR C 385 -43.59 15.06 0.89
N VAL C 386 -44.00 16.19 0.34
CA VAL C 386 -43.12 17.09 -0.39
C VAL C 386 -43.30 18.49 0.18
N PHE C 387 -42.19 19.13 0.57
CA PHE C 387 -42.19 20.50 1.05
C PHE C 387 -41.34 21.36 0.13
N SER C 388 -41.95 22.36 -0.49
CA SER C 388 -41.27 23.27 -1.38
C SER C 388 -41.05 24.61 -0.70
N ASN C 389 -40.20 25.43 -1.32
CA ASN C 389 -39.85 26.75 -0.80
C ASN C 389 -39.33 26.66 0.63
N VAL C 390 -38.44 25.71 0.87
CA VAL C 390 -37.84 25.51 2.19
C VAL C 390 -36.64 26.44 2.33
N THR C 391 -36.66 27.28 3.35
CA THR C 391 -35.57 28.20 3.63
C THR C 391 -34.61 27.60 4.64
N ASP C 392 -33.47 28.26 4.81
CA ASP C 392 -32.41 27.72 5.66
C ASP C 392 -32.74 27.79 7.15
N GLU C 393 -33.76 28.56 7.54
CA GLU C 393 -34.10 28.72 8.95
C GLU C 393 -35.20 27.77 9.41
N MET C 394 -35.81 27.01 8.51
CA MET C 394 -36.87 26.09 8.89
C MET C 394 -36.29 24.87 9.60
N ARG C 395 -37.06 24.36 10.56
CA ARG C 395 -36.60 23.17 11.30
C ARG C 395 -36.48 21.96 10.40
N ILE C 396 -37.34 21.85 9.38
CA ILE C 396 -37.25 20.74 8.45
C ILE C 396 -35.96 20.77 7.63
N ALA C 397 -35.29 21.92 7.59
CA ALA C 397 -34.01 22.04 6.91
C ALA C 397 -32.81 21.79 7.81
N LYS C 398 -33.03 21.65 9.12
CA LYS C 398 -31.93 21.46 10.07
C LYS C 398 -31.95 20.11 10.76
N GLU C 399 -33.13 19.65 11.22
CA GLU C 399 -33.23 18.45 12.04
C GLU C 399 -33.52 17.25 11.16
N GLU C 400 -32.80 16.16 11.40
CA GLU C 400 -32.95 14.94 10.61
C GLU C 400 -34.34 14.35 10.87
N ILE C 401 -35.20 14.44 9.85
CA ILE C 401 -36.58 13.98 10.02
C ILE C 401 -36.64 12.47 10.12
N PHE C 402 -35.83 11.78 9.32
CA PHE C 402 -35.81 10.31 9.30
C PHE C 402 -37.16 9.75 8.90
N GLY C 403 -37.83 10.44 7.99
CA GLY C 403 -39.12 10.01 7.49
C GLY C 403 -39.32 10.40 6.04
N PRO C 404 -40.38 9.89 5.43
CA PRO C 404 -40.64 10.17 4.00
C PRO C 404 -41.09 11.60 3.74
N VAL C 405 -40.21 12.55 4.07
CA VAL C 405 -40.48 13.96 3.87
C VAL C 405 -39.34 14.54 3.04
N GLN C 406 -39.70 15.27 1.98
CA GLN C 406 -38.74 15.81 1.03
C GLN C 406 -38.81 17.33 1.01
N GLN C 407 -37.65 17.97 1.06
CA GLN C 407 -37.54 19.42 1.00
C GLN C 407 -36.84 19.81 -0.30
N ILE C 408 -37.38 20.81 -0.98
CA ILE C 408 -36.83 21.29 -2.24
C ILE C 408 -36.48 22.76 -2.06
N MET C 409 -35.20 23.07 -2.17
CA MET C 409 -34.70 24.42 -1.97
C MET C 409 -34.11 24.96 -3.26
N LYS C 410 -34.17 26.28 -3.40
CA LYS C 410 -33.76 26.98 -4.62
C LYS C 410 -32.47 27.75 -4.38
N PHE C 411 -31.66 27.85 -5.43
CA PHE C 411 -30.43 28.61 -5.39
C PHE C 411 -30.11 29.11 -6.80
N LYS C 412 -29.23 30.11 -6.87
CA LYS C 412 -28.82 30.66 -8.15
C LYS C 412 -27.32 30.54 -8.36
N SER C 413 -26.53 30.88 -7.35
CA SER C 413 -25.08 30.93 -7.47
C SER C 413 -24.45 29.68 -6.90
N LEU C 414 -23.34 29.25 -7.51
CA LEU C 414 -22.70 28.00 -7.11
C LEU C 414 -21.96 28.14 -5.78
N ASP C 415 -21.24 29.25 -5.60
CA ASP C 415 -20.52 29.45 -4.34
C ASP C 415 -21.49 29.55 -3.16
N ASP C 416 -22.62 30.23 -3.36
CA ASP C 416 -23.61 30.35 -2.30
C ASP C 416 -24.17 28.98 -1.92
N VAL C 417 -24.48 28.14 -2.92
CA VAL C 417 -25.02 26.83 -2.60
C VAL C 417 -23.96 25.96 -1.94
N ILE C 418 -22.68 26.14 -2.30
CA ILE C 418 -21.62 25.40 -1.64
C ILE C 418 -21.56 25.78 -0.16
N LYS C 419 -21.59 27.08 0.12
CA LYS C 419 -21.58 27.51 1.52
C LYS C 419 -22.81 27.07 2.27
N ARG C 420 -23.97 27.02 1.60
CA ARG C 420 -25.19 26.53 2.24
C ARG C 420 -25.07 25.05 2.58
N ALA C 421 -24.62 24.24 1.62
CA ALA C 421 -24.50 22.80 1.85
C ALA C 421 -23.46 22.50 2.91
N ASN C 422 -22.42 23.31 3.02
CA ASN C 422 -21.43 23.11 4.07
C ASN C 422 -21.80 23.79 5.38
N ASN C 423 -22.91 24.52 5.43
CA ASN C 423 -23.33 25.22 6.65
C ASN C 423 -24.18 24.29 7.52
N THR C 424 -23.50 23.30 8.10
CA THR C 424 -24.13 22.36 9.00
C THR C 424 -23.03 21.65 9.78
N PHE C 425 -23.44 20.94 10.83
CA PHE C 425 -22.54 20.08 11.57
C PHE C 425 -22.64 18.63 11.14
N TYR C 426 -23.42 18.33 10.11
CA TYR C 426 -23.53 17.00 9.56
C TYR C 426 -22.75 16.92 8.26
N GLY C 427 -21.91 15.89 8.13
CA GLY C 427 -21.07 15.73 6.96
C GLY C 427 -21.09 14.35 6.37
N LEU C 428 -22.24 13.69 6.36
CA LEU C 428 -22.28 12.27 6.02
C LEU C 428 -22.26 12.00 4.52
N SER C 429 -23.01 12.75 3.72
CA SER C 429 -23.07 12.47 2.29
C SER C 429 -23.50 13.71 1.53
N ALA C 430 -23.28 13.67 0.22
CA ALA C 430 -23.73 14.74 -0.68
C ALA C 430 -23.91 14.17 -2.07
N GLY C 431 -24.69 14.88 -2.89
CA GLY C 431 -24.97 14.45 -4.24
C GLY C 431 -25.02 15.60 -5.22
N VAL C 432 -24.36 15.44 -6.37
CA VAL C 432 -24.25 16.47 -7.40
C VAL C 432 -24.73 15.88 -8.71
N PHE C 433 -25.58 16.62 -9.41
CA PHE C 433 -26.12 16.20 -10.69
C PHE C 433 -25.76 17.25 -11.73
N THR C 434 -24.95 16.85 -12.71
CA THR C 434 -24.50 17.76 -13.75
C THR C 434 -23.88 16.94 -14.87
N LYS C 435 -23.86 17.53 -16.07
CA LYS C 435 -23.20 16.93 -17.22
C LYS C 435 -21.78 17.45 -17.43
N ASP C 436 -21.41 18.55 -16.77
CA ASP C 436 -20.09 19.12 -16.93
C ASP C 436 -19.07 18.34 -16.12
N ILE C 437 -17.80 18.44 -16.52
CA ILE C 437 -16.74 17.77 -15.80
C ILE C 437 -16.08 18.70 -14.80
N ASP C 438 -15.82 19.95 -15.21
CA ASP C 438 -15.20 20.92 -14.31
C ASP C 438 -16.09 21.20 -13.11
N LYS C 439 -17.39 21.40 -13.35
CA LYS C 439 -18.33 21.61 -12.25
C LYS C 439 -18.33 20.41 -11.31
N ALA C 440 -18.39 19.21 -11.87
CA ALA C 440 -18.43 18.01 -11.04
C ALA C 440 -17.21 17.91 -10.15
N ILE C 441 -16.02 18.07 -10.73
CA ILE C 441 -14.80 17.94 -9.94
C ILE C 441 -14.72 19.05 -8.89
N THR C 442 -15.02 20.29 -9.28
CA THR C 442 -14.93 21.40 -8.35
C THR C 442 -15.88 21.20 -7.16
N ILE C 443 -17.14 20.88 -7.44
CA ILE C 443 -18.10 20.71 -6.35
C ILE C 443 -17.73 19.52 -5.48
N SER C 444 -17.32 18.40 -6.10
CA SER C 444 -16.95 17.23 -5.30
C SER C 444 -15.74 17.52 -4.41
N SER C 445 -14.82 18.37 -4.85
CA SER C 445 -13.71 18.76 -4.00
C SER C 445 -14.17 19.70 -2.89
N ALA C 446 -15.08 20.62 -3.21
CA ALA C 446 -15.45 21.67 -2.25
C ALA C 446 -16.32 21.14 -1.12
N LEU C 447 -17.18 20.17 -1.38
CA LEU C 447 -18.14 19.72 -0.39
C LEU C 447 -17.45 19.02 0.77
N GLN C 448 -17.95 19.25 1.99
CA GLN C 448 -17.43 18.59 3.17
C GLN C 448 -18.35 17.43 3.56
N ALA C 449 -18.22 16.34 2.82
CA ALA C 449 -19.03 15.15 3.06
C ALA C 449 -18.16 13.92 2.94
N GLY C 450 -18.51 12.89 3.72
CA GLY C 450 -17.73 11.66 3.68
C GLY C 450 -17.82 10.95 2.34
N THR C 451 -18.98 11.04 1.69
CA THR C 451 -19.20 10.43 0.38
C THR C 451 -19.90 11.43 -0.51
N VAL C 452 -19.37 11.65 -1.70
CA VAL C 452 -19.97 12.53 -2.69
C VAL C 452 -20.33 11.69 -3.91
N TRP C 453 -21.61 11.69 -4.28
CA TRP C 453 -22.06 10.99 -5.47
C TRP C 453 -22.25 12.00 -6.59
N VAL C 454 -21.93 11.57 -7.82
CA VAL C 454 -22.11 12.40 -9.01
C VAL C 454 -23.05 11.67 -9.95
N ASN C 455 -24.17 12.32 -10.28
CA ASN C 455 -25.18 11.79 -11.20
C ASN C 455 -25.80 10.49 -10.71
N CYS C 456 -25.65 10.19 -9.42
CA CYS C 456 -26.28 9.02 -8.80
C CYS C 456 -26.48 9.33 -7.33
N TYR C 457 -27.04 8.37 -6.60
CA TYR C 457 -27.25 8.55 -5.17
C TYR C 457 -27.49 7.19 -4.53
N GLY C 458 -27.17 7.10 -3.24
CA GLY C 458 -27.40 5.88 -2.49
C GLY C 458 -26.65 4.68 -3.04
N VAL C 459 -25.44 4.89 -3.55
CA VAL C 459 -24.63 3.83 -4.12
C VAL C 459 -23.57 3.46 -3.08
N VAL C 460 -23.80 2.36 -2.37
CA VAL C 460 -22.90 1.87 -1.35
C VAL C 460 -22.45 0.46 -1.74
N SER C 461 -21.17 0.18 -1.53
CA SER C 461 -20.61 -1.13 -1.80
C SER C 461 -19.56 -1.46 -0.75
N ALA C 462 -19.29 -2.77 -0.60
CA ALA C 462 -18.36 -3.20 0.43
C ALA C 462 -16.96 -2.67 0.21
N GLN C 463 -16.60 -2.35 -1.03
CA GLN C 463 -15.24 -1.94 -1.32
C GLN C 463 -14.96 -0.52 -0.86
N CYS C 464 -15.89 0.41 -1.09
CA CYS C 464 -15.63 1.82 -0.86
C CYS C 464 -15.81 2.19 0.61
N PRO C 465 -14.82 2.80 1.26
CA PRO C 465 -14.97 3.18 2.66
C PRO C 465 -16.08 4.20 2.86
N PHE C 466 -16.75 4.12 4.01
CA PHE C 466 -17.94 4.91 4.27
C PHE C 466 -17.87 5.50 5.68
N GLY C 467 -18.17 6.78 5.80
CA GLY C 467 -18.16 7.42 7.11
C GLY C 467 -18.58 8.87 7.01
N GLY C 468 -18.59 9.53 8.17
CA GLY C 468 -19.01 10.92 8.27
C GLY C 468 -17.85 11.84 8.58
N PHE C 469 -18.04 13.14 8.30
CA PHE C 469 -16.94 14.09 8.40
C PHE C 469 -16.90 14.84 9.74
N LYS C 470 -17.91 15.66 10.00
CA LYS C 470 -17.82 16.61 11.11
C LYS C 470 -18.40 16.05 12.39
N MET C 471 -19.70 15.77 12.40
CA MET C 471 -20.34 15.11 13.53
C MET C 471 -21.16 13.90 13.10
N SER C 472 -21.09 13.52 11.82
CA SER C 472 -21.80 12.34 11.36
C SER C 472 -21.12 11.06 11.83
N GLY C 473 -19.94 11.14 12.39
CA GLY C 473 -19.27 9.98 12.94
C GLY C 473 -17.77 10.13 12.90
N ASN C 474 -17.08 9.14 13.46
CA ASN C 474 -15.63 9.05 13.45
C ASN C 474 -15.24 7.72 12.83
N GLY C 475 -14.26 7.75 11.92
CA GLY C 475 -13.78 6.56 11.27
C GLY C 475 -14.56 6.19 10.03
N ARG C 476 -14.12 5.11 9.39
CA ARG C 476 -14.69 4.62 8.14
C ARG C 476 -14.97 3.13 8.27
N GLU C 477 -15.82 2.64 7.37
CA GLU C 477 -16.20 1.23 7.33
C GLU C 477 -16.24 0.77 5.88
N LEU C 478 -16.26 -0.56 5.70
CA LEU C 478 -16.38 -1.19 4.38
C LEU C 478 -15.23 -0.81 3.45
N GLY C 479 -14.03 -1.21 3.82
CA GLY C 479 -12.90 -1.04 2.94
C GLY C 479 -11.60 -1.34 3.65
N GLU C 480 -10.53 -1.28 2.88
CA GLU C 480 -9.20 -1.46 3.46
C GLU C 480 -8.96 -0.46 4.58
N TYR C 481 -9.31 0.81 4.36
CA TYR C 481 -9.26 1.79 5.42
C TYR C 481 -10.23 1.42 6.54
N GLY C 482 -11.37 0.83 6.19
CA GLY C 482 -12.29 0.35 7.22
C GLY C 482 -11.69 -0.79 8.03
N PHE C 483 -10.98 -1.70 7.35
CA PHE C 483 -10.32 -2.78 8.07
C PHE C 483 -9.17 -2.27 8.91
N HIS C 484 -8.63 -1.09 8.57
CA HIS C 484 -7.57 -0.50 9.39
C HIS C 484 -8.06 -0.21 10.81
N GLU C 485 -9.35 0.06 10.98
CA GLU C 485 -9.87 0.51 12.26
C GLU C 485 -9.90 -0.61 13.31
N TYR C 486 -9.91 -1.87 12.89
CA TYR C 486 -10.08 -2.99 13.79
C TYR C 486 -8.77 -3.69 14.12
N THR C 487 -7.63 -3.05 13.87
CA THR C 487 -6.33 -3.63 14.13
C THR C 487 -5.45 -2.66 14.91
N GLU C 488 -4.52 -3.22 15.67
CA GLU C 488 -3.54 -2.46 16.42
C GLU C 488 -2.15 -2.77 15.89
N VAL C 489 -1.31 -1.76 15.81
CA VAL C 489 0.01 -1.88 15.21
C VAL C 489 1.03 -2.12 16.32
N LYS C 490 1.77 -3.21 16.20
CA LYS C 490 2.88 -3.50 17.10
C LYS C 490 4.19 -3.44 16.32
N THR C 491 5.13 -2.64 16.81
CA THR C 491 6.43 -2.47 16.18
C THR C 491 7.47 -3.30 16.92
N VAL C 492 8.20 -4.13 16.19
CA VAL C 492 9.27 -4.95 16.73
C VAL C 492 10.57 -4.49 16.09
N THR C 493 11.56 -4.16 16.92
CA THR C 493 12.87 -3.75 16.46
C THR C 493 13.91 -4.67 17.07
N VAL C 494 14.78 -5.23 16.22
CA VAL C 494 15.77 -6.20 16.64
C VAL C 494 17.15 -5.65 16.32
N LYS C 495 18.05 -5.69 17.29
CA LYS C 495 19.42 -5.28 17.05
C LYS C 495 20.16 -6.39 16.32
N ILE C 496 20.72 -6.08 15.16
CA ILE C 496 21.42 -7.05 14.34
C ILE C 496 22.88 -6.66 14.25
N SER C 497 23.71 -7.64 13.86
CA SER C 497 25.15 -7.41 13.80
C SER C 497 25.50 -6.37 12.74
N GLN C 498 24.84 -6.43 11.58
CA GLN C 498 25.11 -5.50 10.50
C GLN C 498 23.96 -5.54 9.51
N LYS C 499 23.57 -4.38 9.00
CA LYS C 499 22.48 -4.27 8.03
C LYS C 499 23.04 -3.85 6.69
N ASN C 500 22.39 -4.34 5.62
CA ASN C 500 22.74 -3.99 4.26
C ASN C 500 21.47 -3.66 3.49
N SER C 501 21.58 -2.73 2.55
CA SER C 501 20.44 -2.32 1.74
C SER C 501 19.83 -3.49 0.97
N LEU D 9 32.17 16.87 17.49
CA LEU D 9 31.83 17.05 18.89
C LEU D 9 30.93 18.27 19.06
N PRO D 10 30.13 18.29 20.13
CA PRO D 10 29.28 19.47 20.38
C PRO D 10 30.06 20.76 20.50
N VAL D 11 29.66 21.77 19.74
CA VAL D 11 30.32 23.07 19.81
C VAL D 11 30.00 23.73 21.14
N LEU D 12 30.94 24.54 21.63
CA LEU D 12 30.81 25.16 22.95
C LEU D 12 29.58 26.05 23.00
N LEU D 13 28.82 25.92 24.10
CA LEU D 13 27.67 26.77 24.31
C LEU D 13 28.09 28.20 24.60
N THR D 14 27.21 29.15 24.28
CA THR D 14 27.51 30.56 24.37
C THR D 14 26.44 31.24 25.23
N ASP D 15 26.46 32.57 25.24
CA ASP D 15 25.46 33.34 25.98
C ASP D 15 24.08 33.12 25.38
N LEU D 16 23.06 33.26 26.24
CA LEU D 16 21.67 33.05 25.85
C LEU D 16 20.87 34.31 26.11
N LYS D 17 20.26 34.84 25.06
CA LYS D 17 19.34 35.97 25.16
C LYS D 17 18.00 35.52 24.59
N ILE D 18 16.94 35.67 25.38
CA ILE D 18 15.61 35.18 25.02
C ILE D 18 14.77 36.39 24.65
N GLN D 19 14.37 36.47 23.39
CA GLN D 19 13.52 37.56 22.92
C GLN D 19 12.08 37.15 22.68
N TYR D 20 11.81 35.87 22.45
CA TYR D 20 10.49 35.40 22.08
C TYR D 20 9.79 34.85 23.31
N THR D 21 8.85 35.64 23.85
CA THR D 21 8.11 35.25 25.05
C THR D 21 6.62 35.56 24.96
N LYS D 22 6.08 35.75 23.76
CA LYS D 22 4.70 36.17 23.56
C LYS D 22 3.90 35.05 22.90
N ILE D 23 2.66 35.37 22.55
CA ILE D 23 1.76 34.44 21.89
C ILE D 23 1.89 34.64 20.38
N PHE D 24 2.10 33.54 19.66
CA PHE D 24 2.39 33.57 18.23
C PHE D 24 1.11 33.23 17.46
N ILE D 25 0.49 34.25 16.87
CA ILE D 25 -0.77 34.10 16.15
C ILE D 25 -0.67 34.87 14.83
N ASN D 26 -0.99 34.20 13.72
CA ASN D 26 -0.99 34.81 12.40
C ASN D 26 0.37 35.42 12.05
N ASN D 27 1.42 34.66 12.38
CA ASN D 27 2.81 35.09 12.14
C ASN D 27 3.08 36.44 12.80
N GLU D 28 2.47 36.67 13.96
CA GLU D 28 2.64 37.89 14.72
C GLU D 28 2.81 37.54 16.18
N TRP D 29 3.30 38.50 16.95
CA TRP D 29 3.52 38.33 18.39
C TRP D 29 2.52 39.21 19.14
N HIS D 30 1.62 38.58 19.88
CA HIS D 30 0.57 39.28 20.61
C HIS D 30 0.76 39.08 22.10
N ASP D 31 0.48 40.15 22.86
CA ASP D 31 0.34 40.00 24.31
C ASP D 31 -0.97 39.29 24.62
N SER D 32 -1.02 38.69 25.80
CA SER D 32 -2.24 38.01 26.24
C SER D 32 -3.36 39.02 26.45
N VAL D 33 -4.59 38.56 26.27
CA VAL D 33 -5.76 39.42 26.44
C VAL D 33 -5.84 39.92 27.87
N SER D 34 -5.66 39.01 28.84
CA SER D 34 -5.69 39.41 30.24
C SER D 34 -4.53 40.33 30.58
N GLY D 35 -3.34 40.04 30.04
CA GLY D 35 -2.16 40.82 30.34
C GLY D 35 -1.23 40.21 31.36
N LYS D 36 -1.51 39.00 31.83
CA LYS D 36 -0.68 38.35 32.84
C LYS D 36 0.44 37.57 32.20
N LYS D 37 1.58 37.53 32.87
CA LYS D 37 2.77 36.82 32.40
C LYS D 37 3.27 35.91 33.51
N PHE D 38 3.50 34.64 33.17
CA PHE D 38 4.04 33.78 34.22
C PHE D 38 5.54 33.53 34.00
N PRO D 39 6.32 33.43 35.06
CA PRO D 39 7.77 33.22 34.90
C PRO D 39 8.09 31.78 34.53
N VAL D 40 9.31 31.59 34.05
CA VAL D 40 9.84 30.25 33.77
C VAL D 40 11.19 30.12 34.47
N PHE D 41 11.43 28.94 35.04
CA PHE D 41 12.57 28.72 35.92
C PHE D 41 13.60 27.80 35.29
N ASN D 42 14.81 27.84 35.86
CA ASN D 42 15.90 26.98 35.45
C ASN D 42 16.10 25.88 36.47
N PRO D 43 15.88 24.61 36.12
CA PRO D 43 15.99 23.54 37.13
C PRO D 43 17.36 23.44 37.77
N ALA D 44 18.43 23.71 37.03
CA ALA D 44 19.78 23.51 37.55
C ALA D 44 20.06 24.45 38.71
N THR D 45 19.68 25.72 38.59
CA THR D 45 20.03 26.73 39.58
C THR D 45 18.83 27.33 40.29
N GLU D 46 17.61 26.98 39.89
CA GLU D 46 16.39 27.58 40.43
C GLU D 46 16.41 29.11 40.28
N GLU D 47 16.45 29.54 39.02
CA GLU D 47 16.42 30.95 38.68
C GLU D 47 15.39 31.17 37.58
N GLU D 48 14.76 32.35 37.61
CA GLU D 48 13.80 32.71 36.58
C GLU D 48 14.53 33.02 35.28
N LEU D 49 14.10 32.37 34.19
CA LEU D 49 14.66 32.70 32.89
C LEU D 49 14.05 33.97 32.35
N CYS D 50 12.73 34.00 32.20
CA CYS D 50 12.01 35.19 31.73
C CYS D 50 10.53 34.96 31.98
N GLN D 51 9.74 35.99 31.70
CA GLN D 51 8.28 35.93 31.80
C GLN D 51 7.69 35.64 30.42
N VAL D 52 6.72 34.74 30.39
CA VAL D 52 6.06 34.33 29.15
C VAL D 52 4.58 34.68 29.26
N GLU D 53 4.02 35.21 28.17
CA GLU D 53 2.62 35.60 28.16
C GLU D 53 1.72 34.40 28.49
N GLU D 54 0.68 34.66 29.27
CA GLU D 54 -0.19 33.62 29.79
C GLU D 54 -1.44 33.52 28.92
N GLY D 55 -1.56 32.44 28.15
CA GLY D 55 -2.70 32.26 27.26
C GLY D 55 -3.89 31.69 28.00
N ASP D 56 -5.07 32.10 27.56
CA ASP D 56 -6.33 31.63 28.15
C ASP D 56 -7.35 31.48 27.02
N LYS D 57 -8.62 31.38 27.39
CA LYS D 57 -9.66 31.00 26.44
C LYS D 57 -9.77 31.97 25.27
N GLU D 58 -9.64 33.27 25.54
CA GLU D 58 -9.75 34.26 24.47
C GLU D 58 -8.61 34.10 23.46
N ASP D 59 -7.39 33.89 23.94
CA ASP D 59 -6.25 33.70 23.05
C ASP D 59 -6.43 32.45 22.20
N VAL D 60 -6.87 31.35 22.82
CA VAL D 60 -7.13 30.12 22.07
C VAL D 60 -8.21 30.36 21.02
N ASP D 61 -9.25 31.11 21.38
CA ASP D 61 -10.34 31.35 20.44
C ASP D 61 -9.86 32.14 19.23
N LYS D 62 -9.07 33.19 19.45
CA LYS D 62 -8.60 33.97 18.32
C LYS D 62 -7.56 33.20 17.49
N ALA D 63 -6.75 32.35 18.12
CA ALA D 63 -5.84 31.51 17.36
C ALA D 63 -6.60 30.52 16.49
N VAL D 64 -7.68 29.94 17.03
CA VAL D 64 -8.50 29.02 16.24
C VAL D 64 -9.19 29.75 15.10
N LYS D 65 -9.62 30.99 15.33
CA LYS D 65 -10.18 31.79 14.25
C LYS D 65 -9.16 31.99 13.14
N ALA D 66 -7.92 32.34 13.52
CA ALA D 66 -6.88 32.55 12.51
C ALA D 66 -6.60 31.28 11.73
N ALA D 67 -6.50 30.14 12.43
CA ALA D 67 -6.23 28.87 11.75
C ALA D 67 -7.37 28.49 10.83
N ARG D 68 -8.61 28.67 11.28
CA ARG D 68 -9.76 28.33 10.45
C ARG D 68 -9.79 29.19 9.19
N GLN D 69 -9.48 30.48 9.33
CA GLN D 69 -9.40 31.33 8.15
C GLN D 69 -8.29 30.86 7.21
N ALA D 70 -7.14 30.47 7.75
CA ALA D 70 -6.06 29.97 6.92
C ALA D 70 -6.40 28.65 6.24
N PHE D 71 -7.36 27.90 6.78
CA PHE D 71 -7.72 26.61 6.20
C PHE D 71 -8.83 26.70 5.16
N GLN D 72 -9.35 27.89 4.88
CA GLN D 72 -10.48 28.03 3.98
C GLN D 72 -10.12 27.60 2.56
N ILE D 73 -11.14 27.15 1.82
CA ILE D 73 -10.95 26.74 0.44
C ILE D 73 -10.53 27.93 -0.40
N GLY D 74 -9.49 27.75 -1.20
CA GLY D 74 -8.94 28.82 -2.01
C GLY D 74 -7.87 29.64 -1.33
N SER D 75 -7.60 29.39 -0.05
CA SER D 75 -6.55 30.09 0.66
C SER D 75 -5.18 29.66 0.12
N PRO D 76 -4.14 30.47 0.35
CA PRO D 76 -2.82 30.10 -0.15
C PRO D 76 -2.32 28.76 0.34
N TRP D 77 -2.65 28.37 1.57
CA TRP D 77 -2.18 27.09 2.09
C TRP D 77 -2.92 25.91 1.49
N ARG D 78 -4.17 26.10 1.06
CA ARG D 78 -4.96 25.01 0.51
C ARG D 78 -4.69 24.76 -0.96
N THR D 79 -4.44 25.81 -1.74
CA THR D 79 -4.12 25.64 -3.16
C THR D 79 -2.65 25.33 -3.37
N MET D 80 -1.82 25.48 -2.34
CA MET D 80 -0.39 25.20 -2.46
C MET D 80 -0.14 23.73 -2.80
N ASP D 81 0.87 23.49 -3.64
CA ASP D 81 1.22 22.13 -4.01
C ASP D 81 1.80 21.38 -2.82
N ALA D 82 1.58 20.06 -2.81
CA ALA D 82 2.14 19.23 -1.75
C ALA D 82 3.66 19.25 -1.76
N SER D 83 4.26 19.23 -2.96
CA SER D 83 5.71 19.36 -3.06
C SER D 83 6.18 20.66 -2.46
N GLU D 84 5.39 21.73 -2.56
CA GLU D 84 5.74 22.99 -1.94
C GLU D 84 5.65 22.91 -0.41
N ARG D 85 4.69 22.15 0.12
CA ARG D 85 4.66 21.93 1.56
C ARG D 85 5.90 21.20 2.03
N GLY D 86 6.31 20.17 1.28
CA GLY D 86 7.55 19.48 1.61
C GLY D 86 8.75 20.42 1.54
N ARG D 87 8.76 21.30 0.54
CA ARG D 87 9.85 22.27 0.40
C ARG D 87 9.89 23.21 1.59
N LEU D 88 8.73 23.67 2.05
CA LEU D 88 8.68 24.54 3.23
C LEU D 88 9.18 23.81 4.46
N LEU D 89 8.79 22.54 4.62
CA LEU D 89 9.27 21.78 5.77
C LEU D 89 10.78 21.59 5.72
N TYR D 90 11.33 21.34 4.53
CA TYR D 90 12.79 21.21 4.40
C TYR D 90 13.48 22.52 4.73
N LYS D 91 12.91 23.64 4.29
CA LYS D 91 13.49 24.93 4.62
C LYS D 91 13.47 25.18 6.12
N LEU D 92 12.38 24.79 6.78
CA LEU D 92 12.32 24.90 8.23
C LEU D 92 13.38 24.05 8.90
N ALA D 93 13.58 22.82 8.40
CA ALA D 93 14.61 21.96 8.97
C ALA D 93 16.00 22.56 8.78
N ASP D 94 16.26 23.15 7.60
CA ASP D 94 17.55 23.79 7.38
C ASP D 94 17.75 24.99 8.30
N LEU D 95 16.70 25.78 8.50
CA LEU D 95 16.79 26.90 9.44
C LEU D 95 17.05 26.43 10.85
N ILE D 96 16.42 25.32 11.26
CA ILE D 96 16.69 24.76 12.57
C ILE D 96 18.14 24.30 12.68
N GLU D 97 18.64 23.63 11.65
CA GLU D 97 20.03 23.19 11.67
C GLU D 97 20.99 24.37 11.73
N ARG D 98 20.61 25.50 11.15
CA ARG D 98 21.43 26.71 11.26
C ARG D 98 21.53 27.21 12.70
N ASP D 99 20.45 27.14 13.47
CA ASP D 99 20.44 27.58 14.86
C ASP D 99 20.47 26.41 15.83
N ARG D 100 21.26 25.38 15.52
CA ARG D 100 21.36 24.19 16.36
C ARG D 100 21.90 24.54 17.74
N LEU D 101 22.92 25.38 17.79
CA LEU D 101 23.57 25.70 19.07
C LEU D 101 22.62 26.43 20.01
N LEU D 102 21.96 27.48 19.50
CA LEU D 102 21.07 28.27 20.36
C LEU D 102 19.90 27.43 20.85
N LEU D 103 19.31 26.62 19.98
CA LEU D 103 18.20 25.78 20.38
C LEU D 103 18.63 24.73 21.40
N ALA D 104 19.80 24.12 21.18
CA ALA D 104 20.29 23.13 22.13
C ALA D 104 20.56 23.74 23.49
N THR D 105 21.15 24.94 23.51
CA THR D 105 21.42 25.60 24.78
C THR D 105 20.13 26.00 25.49
N MET D 106 19.15 26.49 24.72
CA MET D 106 17.86 26.84 25.33
C MET D 106 17.17 25.62 25.89
N GLU D 107 17.22 24.49 25.17
CA GLU D 107 16.65 23.25 25.68
C GLU D 107 17.35 22.83 26.97
N SER D 108 18.68 22.91 27.01
CA SER D 108 19.43 22.53 28.19
C SER D 108 19.05 23.40 29.39
N MET D 109 18.98 24.72 29.18
CA MET D 109 18.66 25.61 30.29
C MET D 109 17.22 25.41 30.76
N ASN D 110 16.26 25.42 29.84
CA ASN D 110 14.86 25.37 30.25
C ASN D 110 14.49 24.01 30.82
N GLY D 111 14.85 22.92 30.14
CA GLY D 111 14.47 21.59 30.53
C GLY D 111 15.43 20.88 31.47
N GLY D 112 16.55 21.50 31.82
CA GLY D 112 17.52 20.87 32.70
C GLY D 112 18.04 19.56 32.14
N LYS D 113 18.53 19.58 30.91
CA LYS D 113 18.99 18.38 30.23
C LYS D 113 20.41 18.57 29.75
N LEU D 114 21.16 17.45 29.71
CA LEU D 114 22.56 17.48 29.34
C LEU D 114 22.75 18.11 27.96
N TYR D 115 23.73 19.01 27.87
CA TYR D 115 23.97 19.73 26.62
C TYR D 115 24.37 18.78 25.50
N SER D 116 25.20 17.79 25.81
CA SER D 116 25.61 16.82 24.80
C SER D 116 24.42 16.04 24.27
N ASN D 117 23.53 15.60 25.16
CA ASN D 117 22.33 14.90 24.73
C ASN D 117 21.40 15.80 23.95
N ALA D 118 21.29 17.07 24.38
CA ALA D 118 20.43 18.01 23.65
C ALA D 118 20.94 18.25 22.24
N TYR D 119 22.26 18.38 22.08
CA TYR D 119 22.82 18.68 20.77
C TYR D 119 22.84 17.45 19.88
N LEU D 120 23.15 16.28 20.43
CA LEU D 120 23.37 15.08 19.63
C LEU D 120 22.18 14.16 19.53
N ASN D 121 21.16 14.35 20.35
CA ASN D 121 20.01 13.46 20.29
C ASN D 121 18.70 14.20 20.04
N ASP D 122 18.54 15.39 20.60
CA ASP D 122 17.29 16.13 20.41
C ASP D 122 17.26 16.83 19.06
N LEU D 123 18.26 17.66 18.79
CA LEU D 123 18.27 18.42 17.54
C LEU D 123 18.36 17.51 16.34
N ALA D 124 19.19 16.46 16.42
CA ALA D 124 19.30 15.52 15.32
C ALA D 124 17.97 14.82 15.07
N GLY D 125 17.29 14.40 16.14
CA GLY D 125 16.00 13.76 15.96
C GLY D 125 14.96 14.70 15.37
N CYS D 126 14.96 15.96 15.81
CA CYS D 126 14.03 16.94 15.25
C CYS D 126 14.28 17.14 13.77
N ILE D 127 15.54 17.30 13.38
CA ILE D 127 15.88 17.51 11.97
C ILE D 127 15.47 16.30 11.13
N LYS D 128 15.79 15.10 11.62
CA LYS D 128 15.46 13.89 10.88
C LYS D 128 13.96 13.74 10.72
N THR D 129 13.20 13.99 11.80
CA THR D 129 11.75 13.86 11.72
C THR D 129 11.15 14.89 10.77
N LEU D 130 11.64 16.12 10.82
CA LEU D 130 11.14 17.15 9.91
C LEU D 130 11.41 16.77 8.46
N ARG D 131 12.61 16.28 8.17
CA ARG D 131 12.94 15.91 6.79
C ARG D 131 12.13 14.69 6.34
N TYR D 132 11.90 13.74 7.25
CA TYR D 132 11.07 12.59 6.92
C TYR D 132 9.64 13.01 6.60
N CYS D 133 9.07 13.90 7.41
CA CYS D 133 7.73 14.39 7.13
C CYS D 133 7.69 15.18 5.82
N ALA D 134 8.71 15.98 5.57
CA ALA D 134 8.78 16.72 4.32
C ALA D 134 8.82 15.78 3.13
N GLY D 135 9.54 14.67 3.25
CA GLY D 135 9.51 13.66 2.21
C GLY D 135 8.14 13.05 2.03
N TRP D 136 7.47 12.74 3.15
CA TRP D 136 6.13 12.17 3.07
C TRP D 136 5.09 13.14 2.55
N ALA D 137 5.40 14.43 2.51
CA ALA D 137 4.40 15.45 2.19
C ALA D 137 3.64 15.14 0.91
N ASP D 138 4.35 14.85 -0.18
CA ASP D 138 3.72 14.71 -1.49
C ASP D 138 3.71 13.26 -1.96
N LYS D 139 3.56 12.30 -1.05
CA LYS D 139 3.54 10.90 -1.42
C LYS D 139 2.41 10.10 -0.82
N ILE D 140 1.53 10.71 -0.02
CA ILE D 140 0.35 10.02 0.46
C ILE D 140 -0.74 10.12 -0.60
N GLN D 141 -1.38 8.99 -0.89
CA GLN D 141 -2.24 8.88 -2.06
C GLN D 141 -3.56 8.24 -1.70
N GLY D 142 -4.62 8.66 -2.40
CA GLY D 142 -5.91 8.00 -2.31
C GLY D 142 -5.88 6.69 -3.08
N ARG D 143 -7.07 6.27 -3.53
CA ARG D 143 -7.18 5.00 -4.24
C ARG D 143 -8.26 5.10 -5.30
N THR D 144 -8.23 4.18 -6.25
CA THR D 144 -9.33 3.97 -7.18
C THR D 144 -9.85 2.57 -6.97
N ILE D 145 -11.17 2.42 -6.88
CA ILE D 145 -11.80 1.26 -6.28
C ILE D 145 -12.64 0.56 -7.34
N PRO D 146 -12.54 -0.76 -7.47
CA PRO D 146 -13.37 -1.53 -8.42
C PRO D 146 -14.77 -1.81 -7.87
N ILE D 147 -15.55 -0.73 -7.72
CA ILE D 147 -16.90 -0.85 -7.19
C ILE D 147 -17.80 -1.58 -8.20
N ASP D 148 -18.79 -2.29 -7.67
CA ASP D 148 -19.76 -2.96 -8.53
C ASP D 148 -20.61 -1.95 -9.28
N GLY D 149 -21.04 -2.31 -10.47
CA GLY D 149 -21.89 -1.46 -11.28
C GLY D 149 -21.09 -0.51 -12.15
N ASN D 150 -21.82 0.17 -13.04
CA ASN D 150 -21.20 1.11 -13.99
C ASN D 150 -20.85 2.40 -13.26
N PHE D 151 -19.88 2.30 -12.37
CA PHE D 151 -19.45 3.44 -11.56
C PHE D 151 -17.94 3.51 -11.54
N PHE D 152 -17.44 4.72 -11.36
CA PHE D 152 -16.02 4.98 -11.15
C PHE D 152 -15.85 5.63 -9.79
N THR D 153 -15.14 4.96 -8.90
CA THR D 153 -15.04 5.38 -7.51
C THR D 153 -13.58 5.60 -7.14
N TYR D 154 -13.31 6.69 -6.44
CA TYR D 154 -11.98 6.94 -5.91
C TYR D 154 -12.10 7.57 -4.52
N THR D 155 -10.98 7.57 -3.81
CA THR D 155 -10.92 8.11 -2.45
C THR D 155 -9.72 9.04 -2.34
N ARG D 156 -9.97 10.22 -1.78
CA ARG D 156 -8.95 11.23 -1.52
C ARG D 156 -8.70 11.35 -0.03
N HIS D 157 -7.44 11.58 0.34
CA HIS D 157 -7.05 11.77 1.72
C HIS D 157 -6.77 13.27 1.92
N GLU D 158 -7.73 13.97 2.50
CA GLU D 158 -7.67 15.41 2.69
C GLU D 158 -7.18 15.75 4.10
N PRO D 159 -6.68 16.96 4.30
CA PRO D 159 -6.40 17.41 5.67
C PRO D 159 -7.67 17.46 6.49
N ILE D 160 -7.53 17.13 7.78
CA ILE D 160 -8.68 17.09 8.66
C ILE D 160 -9.23 18.49 8.92
N GLY D 161 -8.33 19.43 9.23
CA GLY D 161 -8.77 20.78 9.55
C GLY D 161 -7.86 21.46 10.53
N VAL D 162 -8.43 21.97 11.62
CA VAL D 162 -7.66 22.61 12.68
C VAL D 162 -7.31 21.56 13.73
N CYS D 163 -6.02 21.50 14.08
CA CYS D 163 -5.51 20.53 15.05
C CYS D 163 -4.89 21.29 16.21
N GLY D 164 -5.42 21.07 17.42
CA GLY D 164 -4.85 21.61 18.62
C GLY D 164 -3.99 20.57 19.30
N GLN D 165 -2.74 20.94 19.56
CA GLN D 165 -1.75 20.00 20.07
C GLN D 165 -1.17 20.46 21.38
N ILE D 166 -1.02 19.53 22.32
CA ILE D 166 -0.59 19.81 23.68
C ILE D 166 0.70 19.02 23.93
N ILE D 167 1.77 19.76 24.26
CA ILE D 167 3.12 19.24 24.33
C ILE D 167 3.52 19.01 25.79
N PRO D 168 4.30 17.99 26.09
CA PRO D 168 4.87 17.84 27.43
C PRO D 168 6.17 18.62 27.56
N TRP D 169 6.79 18.49 28.73
CA TRP D 169 8.00 19.24 29.06
C TRP D 169 9.28 18.42 28.96
N ASN D 170 9.19 17.09 28.89
CA ASN D 170 10.40 16.28 28.90
C ASN D 170 11.18 16.38 27.59
N PHE D 171 10.49 16.40 26.45
CA PHE D 171 11.12 16.57 25.15
C PHE D 171 10.38 17.68 24.40
N PRO D 172 10.63 18.94 24.76
CA PRO D 172 9.88 20.03 24.12
C PRO D 172 10.05 20.08 22.61
N LEU D 173 11.28 20.20 22.12
CA LEU D 173 11.50 20.31 20.68
C LEU D 173 11.10 19.03 19.96
N VAL D 174 11.47 17.87 20.50
CA VAL D 174 11.22 16.61 19.81
C VAL D 174 9.72 16.37 19.68
N MET D 175 8.97 16.55 20.77
CA MET D 175 7.53 16.36 20.71
C MET D 175 6.86 17.42 19.84
N LEU D 176 7.33 18.67 19.93
CA LEU D 176 6.79 19.73 19.08
C LEU D 176 6.94 19.38 17.61
N ILE D 177 8.11 18.86 17.24
CA ILE D 177 8.35 18.48 15.85
C ILE D 177 7.49 17.28 15.47
N TRP D 178 7.43 16.28 16.36
CA TRP D 178 6.60 15.11 16.06
C TRP D 178 5.14 15.49 15.88
N LYS D 179 4.72 16.61 16.49
CA LYS D 179 3.35 17.08 16.32
C LYS D 179 3.19 17.84 15.00
N ILE D 180 4.02 18.85 14.77
CA ILE D 180 3.79 19.76 13.66
C ILE D 180 4.40 19.24 12.36
N GLY D 181 4.98 18.04 12.39
CA GLY D 181 5.48 17.43 11.19
C GLY D 181 4.38 16.78 10.37
N PRO D 182 3.77 15.72 10.90
CA PRO D 182 2.66 15.07 10.21
C PRO D 182 1.43 15.94 10.04
N ALA D 183 1.28 17.00 10.82
CA ALA D 183 0.13 17.87 10.69
C ALA D 183 0.27 18.80 9.49
N LEU D 184 1.43 19.47 9.38
CA LEU D 184 1.68 20.35 8.25
C LEU D 184 1.96 19.58 6.97
N SER D 185 2.49 18.35 7.07
CA SER D 185 2.72 17.55 5.89
C SER D 185 1.42 17.19 5.18
N CYS D 186 0.39 16.85 5.96
CA CYS D 186 -0.91 16.51 5.39
C CYS D 186 -1.73 17.73 5.02
N GLY D 187 -1.27 18.93 5.34
CA GLY D 187 -1.94 20.15 4.95
C GLY D 187 -2.76 20.83 6.04
N ASN D 188 -2.78 20.28 7.25
CA ASN D 188 -3.57 20.86 8.32
C ASN D 188 -2.94 22.14 8.84
N THR D 189 -3.68 22.83 9.70
CA THR D 189 -3.19 23.99 10.43
C THR D 189 -3.26 23.71 11.92
N VAL D 190 -2.31 24.27 12.68
CA VAL D 190 -2.11 23.87 14.06
C VAL D 190 -2.21 25.06 15.00
N VAL D 191 -2.82 24.83 16.15
CA VAL D 191 -2.76 25.73 17.29
C VAL D 191 -2.18 24.90 18.43
N VAL D 192 -0.94 25.17 18.80
CA VAL D 192 -0.21 24.34 19.74
C VAL D 192 -0.15 25.03 21.10
N LYS D 193 -0.13 24.22 22.14
CA LYS D 193 -0.03 24.70 23.52
C LYS D 193 1.21 24.07 24.14
N PRO D 194 2.29 24.81 24.34
CA PRO D 194 3.48 24.23 24.98
C PRO D 194 3.30 24.10 26.48
N ALA D 195 4.10 23.23 27.06
CA ALA D 195 4.04 23.02 28.51
C ALA D 195 4.45 24.29 29.24
N GLU D 196 3.81 24.53 30.38
CA GLU D 196 4.12 25.72 31.16
C GLU D 196 5.53 25.70 31.73
N GLN D 197 6.17 24.53 31.80
CA GLN D 197 7.53 24.46 32.32
C GLN D 197 8.56 24.89 31.28
N THR D 198 8.36 24.53 30.00
CA THR D 198 9.35 24.74 28.96
C THR D 198 8.69 25.32 27.72
N PRO D 199 8.42 26.63 27.71
CA PRO D 199 7.73 27.23 26.56
C PRO D 199 8.62 27.96 25.56
N LEU D 200 9.94 28.03 25.81
CA LEU D 200 10.78 28.97 25.06
C LEU D 200 11.22 28.41 23.71
N THR D 201 11.64 27.15 23.67
CA THR D 201 12.11 26.56 22.44
C THR D 201 11.01 26.56 21.37
N ALA D 202 9.77 26.30 21.78
CA ALA D 202 8.66 26.36 20.84
C ALA D 202 8.46 27.76 20.27
N LEU D 203 8.66 28.80 21.08
CA LEU D 203 8.54 30.16 20.57
C LEU D 203 9.65 30.49 19.58
N HIS D 204 10.88 30.05 19.87
CA HIS D 204 11.95 30.28 18.91
C HIS D 204 11.67 29.55 17.59
N VAL D 205 11.16 28.32 17.68
CA VAL D 205 10.79 27.58 16.48
C VAL D 205 9.65 28.27 15.75
N ALA D 206 8.74 28.93 16.48
CA ALA D 206 7.69 29.70 15.83
C ALA D 206 8.28 30.86 15.04
N SER D 207 9.26 31.55 15.61
CA SER D 207 9.92 32.61 14.86
C SER D 207 10.61 32.07 13.61
N LEU D 208 11.24 30.89 13.74
CA LEU D 208 11.83 30.25 12.57
C LEU D 208 10.78 29.89 11.53
N ILE D 209 9.61 29.45 11.98
CA ILE D 209 8.52 29.11 11.07
C ILE D 209 8.08 30.35 10.30
N LYS D 210 7.94 31.48 10.99
CA LYS D 210 7.62 32.72 10.29
C LYS D 210 8.69 33.05 9.27
N GLU D 211 9.96 32.89 9.63
CA GLU D 211 11.03 33.18 8.69
C GLU D 211 11.02 32.25 7.48
N ALA D 212 10.63 30.99 7.67
CA ALA D 212 10.72 30.02 6.59
C ALA D 212 9.83 30.39 5.42
N GLY D 213 8.63 30.90 5.70
CA GLY D 213 7.75 31.34 4.63
C GLY D 213 6.40 30.65 4.62
N PHE D 214 5.99 30.11 5.76
CA PHE D 214 4.65 29.55 5.87
C PHE D 214 3.62 30.66 5.78
N PRO D 215 2.46 30.39 5.17
CA PRO D 215 1.40 31.39 5.10
C PRO D 215 0.92 31.75 6.50
N PRO D 216 0.48 32.98 6.72
CA PRO D 216 0.01 33.39 8.04
C PRO D 216 -1.17 32.56 8.52
N GLY D 217 -1.14 32.25 9.82
CA GLY D 217 -2.19 31.48 10.45
C GLY D 217 -2.04 29.98 10.34
N VAL D 218 -1.09 29.48 9.55
CA VAL D 218 -0.93 28.05 9.43
C VAL D 218 -0.48 27.44 10.74
N VAL D 219 0.45 28.09 11.43
CA VAL D 219 0.96 27.64 12.73
C VAL D 219 0.74 28.75 13.74
N ASN D 220 0.09 28.41 14.85
CA ASN D 220 -0.12 29.35 15.94
C ASN D 220 0.30 28.68 17.24
N ILE D 221 0.92 29.44 18.14
CA ILE D 221 1.42 28.90 19.39
C ILE D 221 0.91 29.77 20.53
N VAL D 222 0.21 29.13 21.49
CA VAL D 222 -0.33 29.82 22.65
C VAL D 222 0.30 29.24 23.92
N PRO D 223 1.26 29.92 24.53
CA PRO D 223 1.81 29.45 25.81
C PRO D 223 0.94 29.89 26.97
N GLY D 224 0.68 28.95 27.89
CA GLY D 224 -0.14 29.24 29.05
C GLY D 224 -0.14 28.12 30.06
N TYR D 225 -1.22 27.99 30.82
CA TYR D 225 -1.38 26.93 31.80
C TYR D 225 -2.41 25.92 31.30
N GLY D 226 -2.09 24.64 31.46
CA GLY D 226 -2.89 23.56 30.92
C GLY D 226 -4.35 23.56 31.35
N PRO D 227 -4.64 23.73 32.65
CA PRO D 227 -6.05 23.71 33.08
C PRO D 227 -6.89 24.80 32.45
N THR D 228 -6.31 25.89 31.95
CA THR D 228 -7.06 26.96 31.31
C THR D 228 -6.91 26.98 29.80
N ALA D 229 -5.69 26.93 29.28
CA ALA D 229 -5.48 26.97 27.84
C ALA D 229 -5.73 25.60 27.19
N GLY D 230 -5.19 24.54 27.80
CA GLY D 230 -5.41 23.20 27.28
C GLY D 230 -6.86 22.78 27.29
N ALA D 231 -7.58 23.11 28.37
CA ALA D 231 -9.02 22.84 28.41
C ALA D 231 -9.78 23.60 27.35
N ALA D 232 -9.44 24.87 27.12
CA ALA D 232 -10.08 25.63 26.06
C ALA D 232 -9.78 25.06 24.68
N ILE D 233 -8.57 24.54 24.46
CA ILE D 233 -8.26 23.90 23.19
C ILE D 233 -9.06 22.60 23.04
N SER D 234 -9.18 21.81 24.11
CA SER D 234 -9.86 20.52 24.02
C SER D 234 -11.37 20.65 23.97
N SER D 235 -11.94 21.77 24.44
CA SER D 235 -13.38 21.96 24.44
C SER D 235 -13.87 22.88 23.32
N HIS D 236 -12.97 23.42 22.52
CA HIS D 236 -13.37 24.34 21.46
C HIS D 236 -14.21 23.61 20.42
N MET D 237 -15.28 24.28 19.96
CA MET D 237 -16.17 23.66 18.99
C MET D 237 -15.56 23.67 17.59
N ASP D 238 -14.84 24.73 17.24
CA ASP D 238 -14.31 24.86 15.89
C ASP D 238 -13.18 23.87 15.62
N ILE D 239 -12.40 23.55 16.65
CA ILE D 239 -11.25 22.67 16.47
C ILE D 239 -11.70 21.30 16.00
N ASP D 240 -11.03 20.78 14.97
CA ASP D 240 -11.41 19.50 14.37
C ASP D 240 -10.72 18.31 15.04
N LYS D 241 -9.44 18.43 15.36
CA LYS D 241 -8.70 17.34 15.98
C LYS D 241 -7.87 17.89 17.13
N VAL D 242 -7.66 17.05 18.14
CA VAL D 242 -6.80 17.37 19.27
C VAL D 242 -5.81 16.24 19.47
N ALA D 243 -4.53 16.59 19.55
CA ALA D 243 -3.46 15.66 19.90
C ALA D 243 -2.86 16.11 21.21
N PHE D 244 -2.67 15.15 22.13
CA PHE D 244 -2.22 15.47 23.47
C PHE D 244 -1.16 14.46 23.89
N THR D 245 -0.05 14.96 24.44
CA THR D 245 0.97 14.09 25.02
C THR D 245 1.15 14.46 26.48
N GLY D 246 0.95 13.49 27.38
CA GLY D 246 1.04 13.77 28.80
C GLY D 246 0.58 12.63 29.70
N SER D 247 0.13 12.97 30.90
CA SER D 247 -0.26 11.97 31.89
C SER D 247 -1.62 11.38 31.55
N THR D 248 -1.89 10.19 32.11
CA THR D 248 -3.11 9.46 31.79
C THR D 248 -4.35 10.17 32.33
N GLU D 249 -4.24 10.85 33.48
CA GLU D 249 -5.39 11.54 34.05
C GLU D 249 -5.82 12.69 33.17
N VAL D 250 -4.87 13.52 32.74
CA VAL D 250 -5.21 14.63 31.85
C VAL D 250 -5.71 14.10 30.52
N GLY D 251 -5.18 12.96 30.06
CA GLY D 251 -5.68 12.37 28.83
C GLY D 251 -7.12 11.91 28.95
N LYS D 252 -7.47 11.30 30.09
CA LYS D 252 -8.85 10.95 30.37
C LYS D 252 -9.74 12.18 30.33
N LEU D 253 -9.29 13.26 30.96
CA LEU D 253 -10.05 14.51 30.95
C LEU D 253 -10.21 15.05 29.54
N ILE D 254 -9.15 14.96 28.72
CA ILE D 254 -9.23 15.42 27.34
C ILE D 254 -10.25 14.61 26.56
N LYS D 255 -10.23 13.29 26.74
CA LYS D 255 -11.18 12.43 26.04
C LYS D 255 -12.61 12.77 26.42
N GLU D 256 -12.86 12.97 27.72
CA GLU D 256 -14.21 13.33 28.15
C GLU D 256 -14.64 14.69 27.59
N ALA D 257 -13.75 15.67 27.64
CA ALA D 257 -14.08 17.00 27.14
C ALA D 257 -14.37 16.97 25.65
N ALA D 258 -13.62 16.17 24.90
CA ALA D 258 -13.89 16.02 23.46
C ALA D 258 -15.22 15.33 23.24
N GLY D 259 -15.53 14.33 24.07
CA GLY D 259 -16.85 13.73 24.01
C GLY D 259 -17.97 14.71 24.29
N LYS D 260 -17.66 15.78 25.04
CA LYS D 260 -18.67 16.78 25.35
C LYS D 260 -18.84 17.85 24.27
N SER D 261 -17.87 18.00 23.36
CA SER D 261 -17.87 19.14 22.43
C SER D 261 -17.56 18.66 21.01
N ASN D 262 -18.58 18.64 20.16
CA ASN D 262 -18.47 18.50 18.70
C ASN D 262 -17.73 17.22 18.28
N LEU D 263 -17.47 16.32 19.21
CA LEU D 263 -16.93 14.99 18.91
C LEU D 263 -15.70 15.07 18.00
N LYS D 264 -14.73 15.88 18.42
CA LYS D 264 -13.50 16.01 17.64
C LYS D 264 -12.67 14.74 17.74
N ARG D 265 -11.79 14.56 16.76
CA ARG D 265 -10.87 13.44 16.77
C ARG D 265 -9.83 13.64 17.88
N VAL D 266 -9.42 12.54 18.52
CA VAL D 266 -8.54 12.61 19.68
C VAL D 266 -7.37 11.66 19.47
N THR D 267 -6.16 12.17 19.60
CA THR D 267 -4.96 11.34 19.71
C THR D 267 -4.31 11.56 21.07
N LEU D 268 -3.99 10.46 21.75
CA LEU D 268 -3.46 10.51 23.10
C LEU D 268 -2.13 9.77 23.17
N GLU D 269 -1.16 10.38 23.83
CA GLU D 269 0.10 9.73 24.17
C GLU D 269 0.26 9.78 25.69
N LEU D 270 0.29 8.62 26.32
CA LEU D 270 0.31 8.53 27.77
C LEU D 270 1.44 7.60 28.19
N GLY D 271 1.83 7.71 29.46
CA GLY D 271 2.96 6.97 29.97
C GLY D 271 2.69 5.49 30.13
N GLY D 272 3.67 4.80 30.72
CA GLY D 272 3.55 3.37 30.92
C GLY D 272 4.63 2.86 31.83
N LYS D 273 4.36 1.70 32.42
CA LYS D 273 5.33 1.00 33.28
C LYS D 273 5.97 -0.08 32.43
N SER D 274 6.96 0.31 31.64
CA SER D 274 7.52 -0.57 30.62
C SER D 274 8.39 -1.64 31.27
N PRO D 275 8.15 -2.91 30.99
CA PRO D 275 9.04 -3.97 31.48
C PRO D 275 10.24 -4.16 30.55
N CYS D 276 11.26 -4.82 31.10
CA CYS D 276 12.48 -5.13 30.37
C CYS D 276 12.96 -6.49 30.84
N ILE D 277 12.75 -7.51 30.01
CA ILE D 277 13.00 -8.90 30.37
C ILE D 277 14.40 -9.29 29.94
N VAL D 278 15.17 -9.88 30.84
CA VAL D 278 16.52 -10.36 30.55
C VAL D 278 16.55 -11.84 30.87
N LEU D 279 16.88 -12.66 29.88
CA LEU D 279 16.91 -14.11 30.01
C LEU D 279 18.33 -14.60 30.28
N ALA D 280 18.44 -15.87 30.64
CA ALA D 280 19.73 -16.43 31.03
C ALA D 280 20.72 -16.43 29.87
N ASP D 281 20.23 -16.64 28.64
CA ASP D 281 21.11 -16.73 27.48
C ASP D 281 21.49 -15.38 26.91
N ALA D 282 21.02 -14.29 27.50
CA ALA D 282 21.31 -12.96 27.00
C ALA D 282 22.76 -12.56 27.27
N ASP D 283 23.30 -11.72 26.39
CA ASP D 283 24.63 -11.15 26.60
C ASP D 283 24.57 -10.20 27.80
N LEU D 284 25.38 -10.48 28.82
CA LEU D 284 25.22 -9.80 30.09
C LEU D 284 25.61 -8.32 29.99
N ASP D 285 26.75 -8.03 29.37
CA ASP D 285 27.22 -6.65 29.30
C ASP D 285 26.26 -5.76 28.53
N ASN D 286 25.82 -6.22 27.35
CA ASN D 286 24.89 -5.43 26.57
C ASN D 286 23.56 -5.25 27.30
N ALA D 287 23.08 -6.31 27.97
CA ALA D 287 21.85 -6.21 28.72
C ALA D 287 21.96 -5.19 29.84
N VAL D 288 23.07 -5.22 30.58
CA VAL D 288 23.27 -4.28 31.68
C VAL D 288 23.32 -2.85 31.15
N GLU D 289 24.13 -2.62 30.11
CA GLU D 289 24.27 -1.27 29.57
C GLU D 289 22.93 -0.74 29.08
N PHE D 290 22.19 -1.54 28.32
CA PHE D 290 20.95 -1.04 27.75
C PHE D 290 19.83 -0.96 28.77
N ALA D 291 19.86 -1.78 29.83
CA ALA D 291 18.88 -1.59 30.90
C ALA D 291 19.14 -0.32 31.68
N HIS D 292 20.41 -0.04 31.98
CA HIS D 292 20.75 1.23 32.62
C HIS D 292 20.36 2.40 31.75
N HIS D 293 20.63 2.31 30.45
CA HIS D 293 20.21 3.36 29.52
C HIS D 293 18.69 3.50 29.50
N GLY D 294 17.97 2.38 29.51
CA GLY D 294 16.52 2.45 29.42
C GLY D 294 15.89 3.12 30.62
N VAL D 295 16.37 2.80 31.82
CA VAL D 295 15.73 3.35 33.01
C VAL D 295 16.25 4.74 33.32
N PHE D 296 17.55 4.99 33.13
CA PHE D 296 18.17 6.23 33.58
C PHE D 296 18.28 7.29 32.48
N TYR D 297 17.72 7.07 31.30
CA TYR D 297 17.85 8.05 30.23
C TYR D 297 17.01 9.28 30.54
N HIS D 298 17.61 10.45 30.35
CA HIS D 298 16.96 11.74 30.61
C HIS D 298 16.39 11.79 32.03
N GLN D 299 17.23 11.45 33.00
CA GLN D 299 16.87 11.47 34.41
C GLN D 299 15.62 10.63 34.68
N GLY D 300 15.40 9.63 33.83
CA GLY D 300 14.25 8.76 33.98
C GLY D 300 12.95 9.43 33.61
N GLN D 301 13.03 10.61 32.99
CA GLN D 301 11.85 11.36 32.59
C GLN D 301 11.45 11.02 31.17
N CYS D 302 11.12 9.75 30.96
CA CYS D 302 10.70 9.26 29.65
C CYS D 302 9.45 8.42 29.81
N CYS D 303 8.57 8.49 28.81
CA CYS D 303 7.33 7.72 28.86
C CYS D 303 7.61 6.22 28.75
N ILE D 304 8.70 5.85 28.08
CA ILE D 304 8.98 4.45 27.76
C ILE D 304 10.07 3.89 28.68
N ALA D 305 10.35 4.60 29.78
CA ALA D 305 11.43 4.18 30.66
C ALA D 305 11.18 2.78 31.20
N ALA D 306 12.20 1.93 31.12
CA ALA D 306 12.08 0.55 31.59
C ALA D 306 12.05 0.53 33.12
N SER D 307 10.85 0.51 33.68
CA SER D 307 10.72 0.63 35.13
C SER D 307 10.78 -0.70 35.85
N ARG D 308 10.37 -1.79 35.21
CA ARG D 308 10.35 -3.11 35.82
C ARG D 308 11.33 -4.00 35.07
N ILE D 309 12.51 -4.20 35.65
CA ILE D 309 13.57 -4.98 35.02
C ILE D 309 13.42 -6.42 35.51
N PHE D 310 12.72 -7.24 34.74
CA PHE D 310 12.64 -8.66 35.05
C PHE D 310 13.92 -9.34 34.61
N VAL D 311 14.55 -10.06 35.53
CA VAL D 311 15.80 -10.76 35.27
C VAL D 311 15.64 -12.20 35.73
N GLU D 312 16.08 -13.14 34.89
CA GLU D 312 15.92 -14.55 35.21
C GLU D 312 16.73 -14.91 36.45
N GLU D 313 16.21 -15.87 37.21
CA GLU D 313 16.73 -16.14 38.54
C GLU D 313 18.21 -16.54 38.50
N SER D 314 18.57 -17.44 37.59
CA SER D 314 19.90 -18.02 37.58
C SER D 314 20.99 -16.98 37.33
N ILE D 315 20.65 -15.83 36.76
CA ILE D 315 21.61 -14.75 36.53
C ILE D 315 21.24 -13.49 37.30
N TYR D 316 20.35 -13.60 38.29
CA TYR D 316 19.88 -12.42 39.01
C TYR D 316 21.03 -11.72 39.73
N ASP D 317 21.60 -12.41 40.73
CA ASP D 317 22.59 -11.80 41.62
C ASP D 317 23.64 -11.02 40.83
N GLU D 318 24.38 -11.71 39.96
CA GLU D 318 25.44 -11.06 39.21
C GLU D 318 24.93 -9.80 38.52
N PHE D 319 23.81 -9.93 37.81
CA PHE D 319 23.26 -8.77 37.12
C PHE D 319 23.08 -7.60 38.08
N VAL D 320 22.42 -7.86 39.20
CA VAL D 320 22.17 -6.80 40.19
C VAL D 320 23.48 -6.15 40.58
N ARG D 321 24.49 -6.97 40.91
CA ARG D 321 25.77 -6.41 41.32
C ARG D 321 26.31 -5.49 40.24
N ARG D 322 26.34 -5.98 39.00
CA ARG D 322 26.86 -5.16 37.92
C ARG D 322 26.04 -3.88 37.78
N SER D 323 24.71 -4.01 37.86
CA SER D 323 23.86 -2.84 37.77
C SER D 323 24.24 -1.82 38.84
N VAL D 324 24.42 -2.29 40.08
CA VAL D 324 24.80 -1.39 41.16
C VAL D 324 26.06 -0.63 40.77
N GLU D 325 27.06 -1.37 40.26
CA GLU D 325 28.32 -0.73 39.88
C GLU D 325 28.07 0.36 38.86
N ARG D 326 27.23 0.09 37.86
CA ARG D 326 26.95 1.09 36.84
C ARG D 326 26.32 2.32 37.47
N ALA D 327 25.40 2.12 38.42
CA ALA D 327 24.72 3.25 39.02
C ALA D 327 25.70 4.10 39.84
N LYS D 328 26.81 3.51 40.25
CA LYS D 328 27.79 4.30 40.99
C LYS D 328 28.64 5.16 40.06
N LYS D 329 28.74 4.76 38.79
CA LYS D 329 29.57 5.52 37.87
C LYS D 329 28.84 6.74 37.33
N TYR D 330 27.52 6.80 37.52
CA TYR D 330 26.75 7.96 37.07
C TYR D 330 27.18 9.21 37.85
N ILE D 331 27.39 10.31 37.12
CA ILE D 331 27.83 11.57 37.70
C ILE D 331 26.68 12.57 37.60
N LEU D 332 26.51 13.36 38.66
CA LEU D 332 25.36 14.25 38.81
C LEU D 332 25.86 15.68 38.97
N GLY D 333 25.38 16.57 38.10
CA GLY D 333 25.83 17.95 38.16
C GLY D 333 25.08 18.83 37.19
N ASN D 334 25.66 20.00 36.93
CA ASN D 334 25.03 20.98 36.05
C ASN D 334 25.07 20.50 34.61
N PRO D 335 23.96 20.61 33.87
CA PRO D 335 23.92 20.06 32.50
C PRO D 335 24.97 20.65 31.56
N LEU D 336 25.19 21.96 31.62
CA LEU D 336 26.12 22.59 30.69
C LEU D 336 27.57 22.20 31.00
N THR D 337 27.83 21.71 32.21
CA THR D 337 29.16 21.26 32.56
C THR D 337 29.50 20.00 31.75
N PRO D 338 30.65 19.95 31.10
CA PRO D 338 31.05 18.74 30.38
C PRO D 338 31.34 17.60 31.34
N GLY D 339 31.12 16.38 30.86
CA GLY D 339 31.39 15.19 31.62
C GLY D 339 30.27 14.71 32.53
N VAL D 340 29.22 15.51 32.70
CA VAL D 340 28.08 15.08 33.52
C VAL D 340 27.19 14.17 32.69
N THR D 341 26.55 13.22 33.36
CA THR D 341 25.66 12.28 32.71
C THR D 341 24.22 12.37 33.18
N GLN D 342 23.93 13.23 34.15
CA GLN D 342 22.58 13.38 34.66
C GLN D 342 22.39 14.81 35.16
N GLY D 343 21.31 15.45 34.71
CA GLY D 343 21.00 16.80 35.12
C GLY D 343 19.95 16.83 36.21
N PRO D 344 19.34 17.99 36.42
CA PRO D 344 18.33 18.12 37.46
C PRO D 344 16.95 17.68 36.98
N GLN D 345 16.05 17.54 37.95
CA GLN D 345 14.65 17.25 37.64
C GLN D 345 13.96 18.53 37.19
N ILE D 346 12.85 18.34 36.46
CA ILE D 346 12.26 19.45 35.70
C ILE D 346 11.77 20.55 36.65
N ASP D 347 11.10 20.18 37.73
CA ASP D 347 10.56 21.18 38.65
C ASP D 347 10.38 20.56 40.03
N LYS D 348 10.11 21.42 41.01
CA LYS D 348 10.10 21.00 42.40
C LYS D 348 9.00 19.98 42.68
N GLU D 349 7.86 20.11 42.00
CA GLU D 349 6.74 19.20 42.26
C GLU D 349 7.12 17.76 41.92
N GLN D 350 7.69 17.55 40.74
CA GLN D 350 8.16 16.22 40.36
C GLN D 350 9.30 15.76 41.26
N TYR D 351 10.16 16.68 41.66
CA TYR D 351 11.27 16.35 42.56
C TYR D 351 10.75 15.80 43.88
N ASP D 352 9.78 16.47 44.48
CA ASP D 352 9.19 16.01 45.73
C ASP D 352 8.40 14.72 45.51
N LYS D 353 7.74 14.58 44.36
CA LYS D 353 7.03 13.34 44.07
C LYS D 353 7.99 12.16 44.00
N ILE D 354 9.15 12.36 43.37
CA ILE D 354 10.15 11.31 43.28
C ILE D 354 10.69 10.96 44.66
N LEU D 355 10.96 11.98 45.47
CA LEU D 355 11.43 11.71 46.83
C LEU D 355 10.39 10.92 47.62
N ASP D 356 9.11 11.28 47.47
CA ASP D 356 8.05 10.57 48.18
C ASP D 356 7.95 9.12 47.72
N LEU D 357 8.07 8.88 46.40
CA LEU D 357 8.00 7.52 45.90
C LEU D 357 9.19 6.69 46.37
N ILE D 358 10.38 7.29 46.42
CA ILE D 358 11.54 6.59 46.94
C ILE D 358 11.33 6.22 48.41
N GLU D 359 10.81 7.17 49.19
CA GLU D 359 10.55 6.88 50.60
C GLU D 359 9.50 5.79 50.76
N SER D 360 8.45 5.81 49.94
CA SER D 360 7.44 4.75 50.00
C SER D 360 8.03 3.40 49.62
N GLY D 361 8.92 3.38 48.63
CA GLY D 361 9.61 2.14 48.29
C GLY D 361 10.42 1.61 49.46
N LYS D 362 11.12 2.50 50.15
CA LYS D 362 11.86 2.11 51.35
C LYS D 362 10.92 1.57 52.42
N LYS D 363 9.77 2.21 52.59
CA LYS D 363 8.83 1.81 53.63
C LYS D 363 8.24 0.43 53.35
N GLU D 364 7.89 0.16 52.09
CA GLU D 364 7.25 -1.09 51.74
C GLU D 364 8.20 -2.29 51.81
N GLY D 365 9.50 -2.05 51.97
CA GLY D 365 10.45 -3.12 52.17
C GLY D 365 11.19 -3.60 50.94
N ALA D 366 11.61 -2.69 50.05
CA ALA D 366 12.44 -3.04 48.93
C ALA D 366 13.89 -2.74 49.25
N LYS D 367 14.77 -3.68 48.91
CA LYS D 367 16.19 -3.51 49.21
C LYS D 367 16.77 -2.35 48.39
N LEU D 368 17.49 -1.46 49.07
CA LEU D 368 18.06 -0.27 48.45
C LEU D 368 19.55 -0.51 48.22
N GLU D 369 19.95 -0.56 46.95
CA GLU D 369 21.33 -0.84 46.61
C GLU D 369 22.17 0.41 46.41
N CYS D 370 21.61 1.45 45.82
CA CYS D 370 22.33 2.71 45.61
C CYS D 370 21.36 3.87 45.56
N GLY D 371 21.75 5.01 46.13
CA GLY D 371 20.92 6.19 46.09
C GLY D 371 19.84 6.22 47.16
N GLY D 372 18.69 6.79 46.83
CA GLY D 372 17.59 6.88 47.77
C GLY D 372 17.41 8.22 48.43
N GLY D 373 18.14 9.25 48.00
CA GLY D 373 18.01 10.56 48.59
C GLY D 373 18.39 11.66 47.62
N PRO D 374 18.27 12.91 48.05
CA PRO D 374 18.63 14.04 47.19
C PRO D 374 20.12 14.30 47.15
N TRP D 375 20.52 15.03 46.11
CA TRP D 375 21.88 15.52 45.96
C TRP D 375 21.84 17.02 45.71
N GLY D 376 22.75 17.75 46.35
CA GLY D 376 22.90 19.17 46.06
C GLY D 376 21.89 20.04 46.76
N ASN D 377 22.36 21.12 47.38
CA ASN D 377 21.45 22.06 48.04
C ASN D 377 20.68 22.87 47.02
N LYS D 378 21.34 23.34 45.96
CA LYS D 378 20.71 24.18 44.94
C LYS D 378 20.43 23.34 43.70
N GLY D 379 19.19 23.41 43.22
CA GLY D 379 18.73 22.65 42.09
C GLY D 379 17.76 21.56 42.53
N TYR D 380 17.42 20.69 41.59
CA TYR D 380 16.55 19.55 41.85
C TYR D 380 17.25 18.29 41.35
N PHE D 381 18.14 17.74 42.17
CA PHE D 381 18.95 16.58 41.79
C PHE D 381 18.62 15.42 42.72
N VAL D 382 18.41 14.25 42.13
CA VAL D 382 18.14 13.03 42.87
C VAL D 382 19.21 12.01 42.49
N GLN D 383 19.83 11.42 43.50
CA GLN D 383 20.89 10.44 43.25
C GLN D 383 20.34 9.27 42.45
N PRO D 384 21.14 8.68 41.56
CA PRO D 384 20.68 7.45 40.88
C PRO D 384 20.35 6.38 41.91
N THR D 385 19.20 5.74 41.73
CA THR D 385 18.65 4.87 42.75
C THR D 385 18.35 3.50 42.17
N VAL D 386 18.61 2.47 42.97
CA VAL D 386 18.39 1.08 42.59
C VAL D 386 17.59 0.40 43.68
N PHE D 387 16.47 -0.21 43.31
CA PHE D 387 15.64 -0.98 44.23
C PHE D 387 15.58 -2.42 43.77
N SER D 388 16.07 -3.32 44.62
CA SER D 388 16.08 -4.75 44.32
C SER D 388 14.99 -5.46 45.12
N ASN D 389 14.73 -6.71 44.73
CA ASN D 389 13.70 -7.53 45.37
C ASN D 389 12.33 -6.86 45.33
N VAL D 390 12.04 -6.20 44.21
CA VAL D 390 10.75 -5.53 44.05
C VAL D 390 9.69 -6.57 43.70
N THR D 391 8.62 -6.62 44.49
CA THR D 391 7.51 -7.53 44.26
C THR D 391 6.39 -6.83 43.49
N ASP D 392 5.41 -7.61 43.05
CA ASP D 392 4.34 -7.09 42.21
C ASP D 392 3.36 -6.21 42.96
N GLU D 393 3.40 -6.19 44.29
CA GLU D 393 2.45 -5.41 45.08
C GLU D 393 3.02 -4.06 45.53
N MET D 394 4.31 -3.82 45.32
CA MET D 394 4.89 -2.54 45.73
C MET D 394 4.44 -1.41 44.83
N ARG D 395 4.26 -0.23 45.41
CA ARG D 395 3.84 0.93 44.63
C ARG D 395 4.87 1.30 43.58
N ILE D 396 6.15 1.07 43.85
CA ILE D 396 7.18 1.36 42.86
C ILE D 396 7.09 0.45 41.65
N ALA D 397 6.35 -0.65 41.74
CA ALA D 397 6.14 -1.55 40.62
C ALA D 397 4.87 -1.24 39.83
N LYS D 398 4.05 -0.30 40.30
CA LYS D 398 2.79 0.04 39.64
C LYS D 398 2.73 1.48 39.15
N GLU D 399 3.12 2.44 39.99
CA GLU D 399 2.97 3.85 39.66
C GLU D 399 4.20 4.35 38.93
N GLU D 400 3.98 5.01 37.79
CA GLU D 400 5.08 5.56 37.00
C GLU D 400 5.82 6.61 37.80
N ILE D 401 7.09 6.33 38.12
CA ILE D 401 7.86 7.23 38.97
C ILE D 401 8.36 8.44 38.21
N PHE D 402 8.74 8.27 36.94
CA PHE D 402 9.26 9.36 36.11
C PHE D 402 10.51 9.98 36.72
N GLY D 403 11.32 9.15 37.37
CA GLY D 403 12.55 9.61 37.97
C GLY D 403 13.63 8.55 37.87
N PRO D 404 14.86 8.93 38.23
CA PRO D 404 15.97 7.98 38.13
C PRO D 404 15.92 6.91 39.19
N VAL D 405 14.88 6.07 39.16
CA VAL D 405 14.70 4.98 40.10
C VAL D 405 14.53 3.70 39.30
N GLN D 406 15.30 2.67 39.65
CA GLN D 406 15.33 1.41 38.93
C GLN D 406 14.88 0.28 39.83
N GLN D 407 13.97 -0.55 39.31
CA GLN D 407 13.47 -1.72 40.03
C GLN D 407 13.94 -2.98 39.32
N ILE D 408 14.43 -3.95 40.08
CA ILE D 408 14.93 -5.20 39.54
C ILE D 408 14.12 -6.32 40.15
N MET D 409 13.38 -7.05 39.32
CA MET D 409 12.51 -8.12 39.76
C MET D 409 13.01 -9.45 39.22
N LYS D 410 12.69 -10.52 39.95
CA LYS D 410 13.20 -11.85 39.67
C LYS D 410 12.07 -12.75 39.20
N PHE D 411 12.40 -13.67 38.28
CA PHE D 411 11.45 -14.64 37.79
C PHE D 411 12.20 -15.91 37.40
N LYS D 412 11.44 -16.99 37.21
CA LYS D 412 12.00 -18.28 36.85
C LYS D 412 11.34 -18.90 35.62
N SER D 413 10.04 -18.69 35.44
CA SER D 413 9.29 -19.32 34.36
C SER D 413 8.88 -18.27 33.33
N LEU D 414 8.95 -18.64 32.05
CA LEU D 414 8.70 -17.69 30.98
C LEU D 414 7.23 -17.29 30.91
N ASP D 415 6.32 -18.26 31.06
CA ASP D 415 4.89 -17.97 31.01
C ASP D 415 4.48 -17.04 32.15
N ASP D 416 5.04 -17.30 33.34
CA ASP D 416 4.72 -16.45 34.49
C ASP D 416 5.20 -15.03 34.27
N VAL D 417 6.41 -14.85 33.72
CA VAL D 417 6.90 -13.49 33.50
C VAL D 417 6.10 -12.82 32.40
N ILE D 418 5.62 -13.58 31.41
CA ILE D 418 4.77 -12.99 30.38
C ILE D 418 3.47 -12.47 31.00
N LYS D 419 2.85 -13.27 31.86
CA LYS D 419 1.63 -12.83 32.52
C LYS D 419 1.89 -11.63 33.42
N ARG D 420 3.03 -11.62 34.11
CA ARG D 420 3.38 -10.49 34.96
C ARG D 420 3.56 -9.22 34.15
N ALA D 421 4.27 -9.31 33.02
CA ALA D 421 4.51 -8.14 32.20
C ALA D 421 3.23 -7.64 31.55
N ASN D 422 2.30 -8.53 31.24
CA ASN D 422 1.02 -8.11 30.69
C ASN D 422 0.00 -7.77 31.78
N ASN D 423 0.34 -7.96 33.05
CA ASN D 423 -0.58 -7.67 34.16
C ASN D 423 -0.46 -6.19 34.54
N THR D 424 -0.98 -5.35 33.66
CA THR D 424 -1.01 -3.91 33.89
C THR D 424 -2.01 -3.30 32.92
N PHE D 425 -2.29 -2.01 33.11
CA PHE D 425 -3.09 -1.25 32.17
C PHE D 425 -2.26 -0.34 31.29
N TYR D 426 -0.94 -0.51 31.31
CA TYR D 426 -0.04 0.21 30.42
C TYR D 426 0.49 -0.73 29.35
N GLY D 427 0.60 -0.21 28.12
CA GLY D 427 1.06 -1.01 27.01
C GLY D 427 2.02 -0.28 26.08
N LEU D 428 2.86 0.59 26.63
CA LEU D 428 3.64 1.48 25.78
C LEU D 428 4.87 0.83 25.17
N SER D 429 5.63 0.05 25.95
CA SER D 429 6.86 -0.51 25.43
C SER D 429 7.24 -1.76 26.21
N ALA D 430 8.16 -2.53 25.61
CA ALA D 430 8.72 -3.70 26.27
C ALA D 430 10.09 -4.01 25.68
N GLY D 431 10.90 -4.73 26.45
CA GLY D 431 12.24 -5.09 26.03
C GLY D 431 12.63 -6.51 26.39
N VAL D 432 13.20 -7.23 25.44
CA VAL D 432 13.58 -8.63 25.61
C VAL D 432 15.04 -8.77 25.24
N PHE D 433 15.81 -9.45 26.10
CA PHE D 433 17.23 -9.67 25.87
C PHE D 433 17.49 -11.18 25.87
N THR D 434 17.93 -11.68 24.72
CA THR D 434 18.21 -13.11 24.58
C THR D 434 19.00 -13.33 23.29
N LYS D 435 19.72 -14.44 23.24
CA LYS D 435 20.42 -14.86 22.04
C LYS D 435 19.64 -15.85 21.19
N ASP D 436 18.52 -16.35 21.69
CA ASP D 436 17.75 -17.35 20.98
C ASP D 436 16.90 -16.69 19.89
N ILE D 437 16.43 -17.51 18.96
CA ILE D 437 15.57 -17.05 17.88
C ILE D 437 14.11 -17.38 18.13
N ASP D 438 13.83 -18.53 18.74
CA ASP D 438 12.45 -18.89 19.04
C ASP D 438 11.92 -18.07 20.22
N LYS D 439 12.75 -17.91 21.26
CA LYS D 439 12.33 -17.13 22.42
C LYS D 439 12.00 -15.69 22.04
N ALA D 440 12.84 -15.08 21.20
CA ALA D 440 12.62 -13.69 20.82
C ALA D 440 11.28 -13.52 20.14
N ILE D 441 11.00 -14.34 19.13
CA ILE D 441 9.75 -14.20 18.38
C ILE D 441 8.56 -14.53 19.28
N THR D 442 8.67 -15.59 20.08
CA THR D 442 7.57 -15.97 20.96
C THR D 442 7.22 -14.84 21.92
N ILE D 443 8.23 -14.31 22.62
CA ILE D 443 7.97 -13.26 23.60
C ILE D 443 7.48 -12.00 22.91
N SER D 444 8.09 -11.60 21.79
CA SER D 444 7.65 -10.39 21.10
C SER D 444 6.23 -10.50 20.58
N SER D 445 5.77 -11.72 20.24
CA SER D 445 4.37 -11.89 19.86
C SER D 445 3.45 -11.87 21.08
N ALA D 446 3.91 -12.45 22.19
CA ALA D 446 3.05 -12.61 23.36
C ALA D 446 2.88 -11.35 24.20
N LEU D 447 3.77 -10.37 24.04
CA LEU D 447 3.73 -9.16 24.86
C LEU D 447 2.68 -8.19 24.32
N GLN D 448 1.94 -7.56 25.24
CA GLN D 448 0.94 -6.56 24.87
C GLN D 448 1.51 -5.16 25.05
N ALA D 449 2.44 -4.82 24.15
CA ALA D 449 3.07 -3.51 24.14
C ALA D 449 3.10 -2.98 22.72
N GLY D 450 3.06 -1.65 22.60
CA GLY D 450 3.05 -1.03 21.29
C GLY D 450 4.39 -1.01 20.59
N THR D 451 5.46 -1.33 21.31
CA THR D 451 6.81 -1.41 20.72
C THR D 451 7.62 -2.38 21.55
N VAL D 452 8.11 -3.43 20.90
CA VAL D 452 8.93 -4.44 21.55
C VAL D 452 10.34 -4.37 20.97
N TRP D 453 11.32 -4.14 21.83
CA TRP D 453 12.71 -4.14 21.43
C TRP D 453 13.34 -5.47 21.80
N VAL D 454 14.27 -5.93 20.95
CA VAL D 454 14.99 -7.17 21.17
C VAL D 454 16.47 -6.84 21.20
N ASN D 455 17.13 -7.13 22.32
CA ASN D 455 18.56 -6.91 22.52
C ASN D 455 18.95 -5.43 22.41
N CYS D 456 17.98 -4.53 22.50
CA CYS D 456 18.24 -3.09 22.50
C CYS D 456 17.11 -2.43 23.29
N TYR D 457 17.16 -1.10 23.40
CA TYR D 457 16.13 -0.37 24.10
C TYR D 457 16.24 1.11 23.72
N GLY D 458 15.11 1.81 23.80
CA GLY D 458 15.10 3.23 23.52
C GLY D 458 15.42 3.59 22.10
N VAL D 459 15.18 2.67 21.16
CA VAL D 459 15.50 2.90 19.75
C VAL D 459 14.24 3.42 19.09
N VAL D 460 14.21 4.73 18.84
CA VAL D 460 13.07 5.39 18.19
C VAL D 460 13.59 6.09 16.94
N SER D 461 12.78 6.03 15.88
CA SER D 461 13.13 6.69 14.62
C SER D 461 11.85 7.18 13.96
N ALA D 462 12.02 8.15 13.05
CA ALA D 462 10.85 8.76 12.41
C ALA D 462 10.08 7.75 11.58
N GLN D 463 10.73 6.71 11.08
CA GLN D 463 10.06 5.77 10.19
C GLN D 463 9.08 4.87 10.94
N CYS D 464 9.52 4.33 12.08
CA CYS D 464 8.73 3.32 12.78
C CYS D 464 7.59 3.94 13.57
N PRO D 465 6.34 3.50 13.37
CA PRO D 465 5.23 4.08 14.14
C PRO D 465 5.35 3.79 15.64
N PHE D 466 4.85 4.72 16.44
CA PHE D 466 5.01 4.69 17.88
C PHE D 466 3.68 4.98 18.57
N GLY D 467 3.35 4.18 19.58
CA GLY D 467 2.12 4.39 20.31
C GLY D 467 1.95 3.38 21.43
N GLY D 468 0.82 3.51 22.13
CA GLY D 468 0.52 2.64 23.26
C GLY D 468 -0.68 1.73 23.02
N PHE D 469 -0.80 0.68 23.83
CA PHE D 469 -1.82 -0.34 23.56
C PHE D 469 -3.11 -0.14 24.33
N LYS D 470 -3.06 -0.25 25.66
CA LYS D 470 -4.30 -0.33 26.42
C LYS D 470 -4.76 1.02 26.92
N MET D 471 -3.97 1.64 27.79
CA MET D 471 -4.24 2.97 28.29
C MET D 471 -3.06 3.91 28.13
N SER D 472 -2.04 3.48 27.39
CA SER D 472 -0.90 4.34 27.10
C SER D 472 -1.20 5.34 25.98
N GLY D 473 -2.33 5.23 25.33
CA GLY D 473 -2.74 6.19 24.33
C GLY D 473 -3.60 5.53 23.28
N ASN D 474 -3.96 6.33 22.27
CA ASN D 474 -4.71 5.87 21.12
C ASN D 474 -4.02 6.35 19.85
N GLY D 475 -3.92 5.48 18.86
CA GLY D 475 -3.29 5.84 17.61
C GLY D 475 -1.78 5.67 17.66
N ARG D 476 -1.15 6.09 16.56
CA ARG D 476 0.28 5.95 16.37
C ARG D 476 0.84 7.25 15.81
N GLU D 477 2.16 7.41 15.94
CA GLU D 477 2.86 8.58 15.43
C GLU D 477 4.14 8.13 14.76
N LEU D 478 4.75 9.06 14.00
CA LEU D 478 6.03 8.81 13.34
C LEU D 478 6.00 7.66 12.34
N GLY D 479 5.21 7.79 11.29
CA GLY D 479 5.24 6.79 10.24
C GLY D 479 4.06 6.94 9.32
N GLU D 480 4.05 6.10 8.29
CA GLU D 480 2.94 6.10 7.34
C GLU D 480 1.61 5.91 8.06
N TYR D 481 1.57 4.93 8.97
CA TYR D 481 0.37 4.77 9.80
C TYR D 481 0.15 6.00 10.67
N GLY D 482 1.24 6.64 11.12
CA GLY D 482 1.10 7.88 11.86
C GLY D 482 0.54 9.00 11.01
N PHE D 483 0.98 9.08 9.74
CA PHE D 483 0.43 10.07 8.83
C PHE D 483 -1.02 9.77 8.49
N HIS D 484 -1.44 8.50 8.65
CA HIS D 484 -2.84 8.17 8.41
C HIS D 484 -3.77 8.89 9.37
N GLU D 485 -3.27 9.24 10.57
CA GLU D 485 -4.13 9.80 11.61
C GLU D 485 -4.55 11.24 11.32
N TYR D 486 -3.79 11.97 10.51
CA TYR D 486 -4.02 13.39 10.29
C TYR D 486 -4.79 13.67 8.99
N THR D 487 -5.41 12.66 8.40
CA THR D 487 -6.13 12.82 7.15
C THR D 487 -7.53 12.22 7.27
N GLU D 488 -8.44 12.76 6.46
CA GLU D 488 -9.81 12.30 6.38
C GLU D 488 -10.08 11.79 4.98
N VAL D 489 -10.81 10.68 4.88
CA VAL D 489 -11.05 10.01 3.61
C VAL D 489 -12.37 10.49 3.04
N LYS D 490 -12.35 10.98 1.80
CA LYS D 490 -13.54 11.34 1.07
C LYS D 490 -13.68 10.42 -0.14
N THR D 491 -14.85 9.79 -0.27
CA THR D 491 -15.12 8.86 -1.36
C THR D 491 -15.99 9.55 -2.39
N VAL D 492 -15.54 9.55 -3.64
CA VAL D 492 -16.29 10.12 -4.75
C VAL D 492 -16.66 8.98 -5.69
N THR D 493 -17.95 8.87 -6.00
CA THR D 493 -18.45 7.87 -6.91
C THR D 493 -19.20 8.56 -8.05
N VAL D 494 -18.83 8.22 -9.28
CA VAL D 494 -19.39 8.87 -10.47
C VAL D 494 -20.08 7.81 -11.31
N LYS D 495 -21.32 8.08 -11.71
CA LYS D 495 -22.02 7.18 -12.61
C LYS D 495 -21.49 7.38 -14.03
N ILE D 496 -21.04 6.30 -14.64
CA ILE D 496 -20.47 6.35 -15.98
C ILE D 496 -21.33 5.52 -16.91
N SER D 497 -21.16 5.76 -18.22
CA SER D 497 -21.97 5.08 -19.21
C SER D 497 -21.70 3.58 -19.22
N GLN D 498 -20.43 3.18 -19.10
CA GLN D 498 -20.06 1.78 -19.12
C GLN D 498 -18.66 1.64 -18.56
N LYS D 499 -18.44 0.60 -17.76
CA LYS D 499 -17.14 0.32 -17.18
C LYS D 499 -16.53 -0.94 -17.79
N ASN D 500 -15.22 -0.94 -17.89
CA ASN D 500 -14.47 -2.09 -18.38
C ASN D 500 -13.29 -2.34 -17.44
N SER D 501 -12.93 -3.61 -17.31
CA SER D 501 -11.81 -4.00 -16.44
C SER D 501 -10.51 -3.35 -16.88
PA NAD E . 10.69 -28.29 -18.85
O1A NAD E . 10.45 -28.01 -17.42
O2A NAD E . 11.92 -27.60 -19.44
O5B NAD E . 9.43 -27.93 -19.73
C5B NAD E . 8.70 -26.71 -19.52
C4B NAD E . 7.90 -26.39 -20.76
O4B NAD E . 8.79 -26.00 -21.82
C3B NAD E . 7.06 -27.55 -21.31
O3B NAD E . 5.69 -27.36 -20.99
C2B NAD E . 7.31 -27.51 -22.82
O2B NAD E . 6.08 -27.46 -23.55
C1B NAD E . 8.11 -26.22 -23.03
N9A NAD E . 9.08 -26.26 -24.11
C8A NAD E . 9.93 -27.30 -24.41
N7A NAD E . 10.70 -27.07 -25.44
C5A NAD E . 10.34 -25.79 -25.85
C6A NAD E . 10.79 -24.96 -26.89
N6A NAD E . 11.75 -25.31 -27.75
N1A NAD E . 10.22 -23.74 -27.01
C2A NAD E . 9.26 -23.39 -26.15
N3A NAD E . 8.76 -24.09 -25.13
C4A NAD E . 9.33 -25.29 -25.03
O3 NAD E . 10.86 -29.85 -19.10
PN NAD E . 11.74 -30.78 -20.05
O1N NAD E . 11.79 -30.10 -21.42
O2N NAD E . 11.23 -32.17 -20.07
O5D NAD E . 13.17 -30.69 -19.39
C5D NAD E . 13.46 -31.39 -18.16
C4D NAD E . 14.53 -30.63 -17.41
O4D NAD E . 14.01 -29.35 -17.01
C3D NAD E . 14.98 -31.27 -16.11
O3D NAD E . 16.03 -32.21 -16.33
C2D NAD E . 15.46 -30.08 -15.27
O2D NAD E . 16.87 -29.98 -15.23
C1D NAD E . 14.85 -28.86 -15.98
N1N NAD E . 14.05 -28.01 -15.11
C2N NAD E . 12.72 -28.15 -15.06
C3N NAD E . 11.93 -27.39 -14.26
C7N NAD E . 10.53 -27.76 -14.15
O7N NAD E . 10.07 -28.78 -14.67
N7N NAD E . 9.74 -26.94 -13.47
C4N NAD E . 12.51 -26.31 -13.39
C5N NAD E . 13.99 -26.26 -13.55
C6N NAD E . 14.67 -27.08 -14.33
PA NAD F . 17.74 7.35 -29.91
O1A NAD F . 16.86 8.14 -29.03
O2A NAD F . 17.08 6.16 -30.60
O5B NAD F . 19.00 6.83 -29.12
C5B NAD F . 19.12 5.44 -28.75
C4B NAD F . 20.16 5.30 -27.67
O4B NAD F . 20.75 3.99 -27.74
C3B NAD F . 21.33 6.29 -27.76
O3B NAD F . 21.85 6.58 -26.46
C2B NAD F . 22.33 5.52 -28.62
O2B NAD F . 23.67 5.91 -28.35
C1B NAD F . 22.10 4.07 -28.17
N9A NAD F . 22.31 3.08 -29.21
C8A NAD F . 22.36 3.30 -30.56
N7A NAD F . 22.57 2.22 -31.28
C5A NAD F . 22.67 1.22 -30.32
C6A NAD F . 22.89 -0.17 -30.42
N6A NAD F . 23.07 -0.82 -31.58
N1A NAD F . 22.94 -0.89 -29.28
C2A NAD F . 22.78 -0.25 -28.12
N3A NAD F . 22.56 1.05 -27.89
C4A NAD F . 22.52 1.73 -29.04
O3 NAD F . 18.39 8.26 -31.05
PN NAD F . 19.02 8.02 -32.49
O1N NAD F . 19.73 6.66 -32.44
O2N NAD F . 19.88 9.15 -32.91
O5D NAD F . 17.74 7.89 -33.41
C5D NAD F . 16.91 9.03 -33.69
C4D NAD F . 15.49 8.57 -33.86
O4D NAD F . 15.02 7.97 -32.64
C3D NAD F . 14.47 9.68 -34.13
O3D NAD F . 14.39 9.97 -35.52
C2D NAD F . 13.16 9.09 -33.59
O2D NAD F . 12.34 8.59 -34.64
C1D NAD F . 13.61 7.94 -32.67
N1N NAD F . 13.11 8.05 -31.31
C2N NAD F . 13.86 8.67 -30.36
C3N NAD F . 13.45 8.78 -29.08
C7N NAD F . 14.21 9.66 -28.20
O7N NAD F . 15.12 10.38 -28.62
N7N NAD F . 13.88 9.66 -26.91
C4N NAD F . 12.17 8.14 -28.61
C5N NAD F . 11.47 7.48 -29.74
C6N NAD F . 11.89 7.54 -31.00
PA NAD G . -30.82 4.73 16.99
O1A NAD G . -30.47 4.36 15.60
O2A NAD G . -30.24 6.06 17.49
O5B NAD G . -30.38 3.61 18.01
C5B NAD G . -29.37 3.85 19.00
C4B NAD G . -28.73 2.55 19.39
O4B NAD G . -28.02 2.72 20.64
C3B NAD G . -29.69 1.40 19.64
O3B NAD G . -29.09 0.14 19.34
C2B NAD G . -30.01 1.54 21.13
O2B NAD G . -30.36 0.29 21.72
C1B NAD G . -28.66 2.03 21.69
N9A NAD G . -28.79 2.92 22.84
C8A NAD G . -29.88 3.66 23.19
N7A NAD G . -29.72 4.38 24.27
C5A NAD G . -28.43 4.10 24.65
C6A NAD G . -27.63 4.55 25.73
N6A NAD G . -28.05 5.41 26.66
N1A NAD G . -26.37 4.08 25.82
C2A NAD G . -25.94 3.21 24.90
N3A NAD G . -26.59 2.71 23.84
C4A NAD G . -27.83 3.20 23.77
O3 NAD G . -32.39 4.79 17.21
PN NAD G . -33.39 5.32 18.32
O1N NAD G . -32.59 5.42 19.62
O2N NAD G . -34.61 4.48 18.42
O5D NAD G . -33.74 6.78 17.84
C5D NAD G . -34.39 7.02 16.57
C4D NAD G . -33.78 8.22 15.92
O4D NAD G . -32.40 7.97 15.65
C3D NAD G . -34.37 8.60 14.56
O3D NAD G . -35.49 9.44 14.70
C2D NAD G . -33.19 9.31 13.85
O2D NAD G . -33.37 10.72 13.84
C1D NAD G . -31.97 8.91 14.68
N1N NAD G . -30.90 8.31 13.89
C2N NAD G . -30.92 6.99 13.61
C3N NAD G . -29.98 6.41 12.84
C7N NAD G . -30.14 4.99 12.56
O7N NAD G . -31.18 4.38 12.80
N7N NAD G . -29.09 4.36 12.02
C4N NAD G . -28.87 7.20 12.21
C5N NAD G . -28.90 8.60 12.70
C6N NAD G . -29.87 9.09 13.45
PA NAD H . 2.30 16.27 31.44
O1A NAD H . 3.26 15.60 30.55
O2A NAD H . 1.16 15.39 31.97
O5B NAD H . 1.65 17.53 30.75
C5B NAD H . 0.26 17.54 30.37
C4B NAD H . 0.04 18.62 29.33
O4B NAD H . -1.36 18.97 29.30
C3B NAD H . 0.80 19.91 29.56
O3B NAD H . 1.09 20.56 28.33
C2B NAD H . -0.20 20.73 30.40
O2B NAD H . -0.03 22.13 30.23
C1B NAD H . -1.54 20.28 29.82
N9A NAD H . -2.63 20.25 30.78
C8A NAD H . -2.53 20.27 32.15
N7A NAD H . -3.68 20.23 32.77
C5A NAD H . -4.62 20.19 31.74
C6A NAD H . -6.02 20.13 31.73
N6A NAD H . -6.77 20.11 32.84
N1A NAD H . -6.64 20.08 30.54
C2A NAD H . -5.90 20.10 29.43
N3A NAD H . -4.57 20.15 29.31
C4A NAD H . -3.98 20.19 30.50
O3 NAD H . 3.00 16.91 32.72
PN NAD H . 2.56 17.47 34.14
O1N NAD H . 1.08 17.85 34.02
O2N NAD H . 3.44 18.56 34.61
O5D NAD H . 2.67 16.19 35.06
C5D NAD H . 3.93 15.52 35.27
C4D NAD H . 3.70 14.04 35.31
O4D NAD H . 3.27 13.58 34.02
C3D NAD H . 4.92 13.19 35.62
O3D NAD H . 5.10 13.05 37.03
C2D NAD H . 4.61 11.85 34.96
O2D NAD H . 4.19 10.86 35.90
C1D NAD H . 3.47 12.18 33.98
N1N NAD H . 3.73 11.78 32.60
C2N NAD H . 4.27 12.67 31.73
C3N NAD H . 4.50 12.36 30.44
C7N NAD H . 5.26 13.32 29.64
O7N NAD H . 5.80 14.31 30.17
N7N NAD H . 5.36 13.09 28.34
C4N NAD H . 4.13 11.02 29.88
C5N NAD H . 3.53 10.17 30.93
C6N NAD H . 3.44 10.52 32.20
#